data_1K9I
#
_entry.id   1K9I
#
_cell.length_a   106.805
_cell.length_b   148.161
_cell.length_c   112.991
_cell.angle_alpha   90.00
_cell.angle_beta   91.03
_cell.angle_gamma   90.00
#
_symmetry.space_group_name_H-M   'C 1 2 1'
#
loop_
_entity.id
_entity.type
_entity.pdbx_description
1 polymer 'mDC-SIGN1B type I isoform'
2 branched 2-acetamido-2-deoxy-beta-D-glucopyranose-(1-2)-alpha-D-mannopyranose-(1-3)-[2-acetamido-2-deoxy-beta-D-glucopyranose-(1-2)-alpha-D-mannopyranose-(1-6)]alpha-D-mannopyranose
3 non-polymer 'CALCIUM ION'
4 water water
#
_entity_poly.entity_id   1
_entity_poly.type   'polypeptide(L)'
_entity_poly.pdbx_seq_one_letter_code
;AERLCHPCPWEWTFFQGNCYFMSNSQRNWHDSITACKEVGAQLVVIKSAEEQNFLQLQSSRSNRFTWMGLSDLNQEGTWQ
WVDGSPLLPSFKQYWNRGEPNNVGEEDCAEFSGNGWNDDKCNLAKFWICKKSAASCSRDEEQFLSPAPATPNPPPA
;
_entity_poly.pdbx_strand_id   A,B,C,D,E,F,G,H,I,J
#
loop_
_chem_comp.id
_chem_comp.type
_chem_comp.name
_chem_comp.formula
CA non-polymer 'CALCIUM ION' 'Ca 2'
MAN D-saccharide, alpha linking alpha-D-mannopyranose 'C6 H12 O6'
NAG D-saccharide, beta linking 2-acetamido-2-deoxy-beta-D-glucopyranose 'C8 H15 N O6'
#
# COMPACT_ATOMS: atom_id res chain seq x y z
N PRO A 7 0.12 -45.48 2.73
CA PRO A 7 1.32 -45.03 2.01
C PRO A 7 2.46 -44.85 3.00
N CYS A 8 2.71 -43.61 3.41
CA CYS A 8 3.76 -43.32 4.39
C CYS A 8 3.17 -43.14 5.78
N PRO A 9 4.02 -43.31 6.81
CA PRO A 9 3.58 -43.14 8.20
C PRO A 9 3.11 -41.72 8.48
N TRP A 10 2.52 -41.52 9.65
CA TRP A 10 2.03 -40.20 10.04
C TRP A 10 3.14 -39.15 10.03
N GLU A 11 2.99 -38.15 9.17
CA GLU A 11 3.96 -37.06 9.06
C GLU A 11 5.32 -37.33 8.41
N TRP A 12 5.40 -38.38 7.60
CA TRP A 12 6.63 -38.71 6.88
C TRP A 12 6.39 -38.22 5.46
N THR A 13 7.34 -37.50 4.89
CA THR A 13 7.15 -37.03 3.52
C THR A 13 7.34 -38.20 2.55
N PHE A 14 6.60 -38.16 1.45
CA PHE A 14 6.66 -39.21 0.42
C PHE A 14 7.39 -38.75 -0.82
N PHE A 15 8.16 -39.66 -1.41
CA PHE A 15 8.93 -39.37 -2.62
C PHE A 15 9.38 -40.67 -3.27
N GLN A 16 9.12 -40.78 -4.56
CA GLN A 16 9.48 -41.96 -5.35
C GLN A 16 9.40 -43.30 -4.61
N GLY A 17 8.21 -43.62 -4.10
CA GLY A 17 8.03 -44.88 -3.42
C GLY A 17 8.73 -45.06 -2.09
N ASN A 18 9.23 -43.98 -1.52
CA ASN A 18 9.91 -44.05 -0.24
C ASN A 18 9.49 -42.93 0.70
N CYS A 19 9.54 -43.24 1.99
CA CYS A 19 9.15 -42.29 3.03
C CYS A 19 10.37 -41.73 3.73
N TYR A 20 10.40 -40.42 3.92
CA TYR A 20 11.53 -39.79 4.58
C TYR A 20 11.04 -39.03 5.81
N PHE A 21 11.83 -39.08 6.87
CA PHE A 21 11.46 -38.40 8.09
C PHE A 21 12.50 -37.39 8.54
N MET A 22 12.11 -36.12 8.62
CA MET A 22 13.00 -35.08 9.09
C MET A 22 12.86 -35.02 10.61
N SER A 23 13.93 -35.36 11.32
CA SER A 23 13.89 -35.34 12.77
C SER A 23 13.70 -33.96 13.30
N ASN A 24 13.05 -33.87 14.45
CA ASN A 24 12.86 -32.57 15.08
C ASN A 24 13.99 -32.33 16.06
N SER A 25 14.70 -33.41 16.40
CA SER A 25 15.82 -33.32 17.33
C SER A 25 17.17 -33.52 16.66
N GLN A 26 18.23 -33.19 17.39
CA GLN A 26 19.59 -33.32 16.90
C GLN A 26 20.33 -34.38 17.70
N ARG A 27 21.14 -35.16 17.01
CA ARG A 27 21.93 -36.21 17.64
C ARG A 27 23.22 -36.35 16.85
N ASN A 28 24.21 -37.04 17.43
CA ASN A 28 25.46 -37.23 16.72
C ASN A 28 25.20 -38.27 15.63
N TRP A 29 26.14 -38.42 14.72
CA TRP A 29 25.98 -39.36 13.61
C TRP A 29 25.53 -40.76 14.01
N HIS A 30 26.20 -41.35 14.99
CA HIS A 30 25.87 -42.70 15.41
C HIS A 30 24.50 -42.85 16.07
N ASP A 31 24.17 -41.96 16.99
CA ASP A 31 22.88 -42.03 17.66
C ASP A 31 21.76 -41.85 16.65
N SER A 32 22.09 -41.20 15.54
CA SER A 32 21.12 -40.95 14.49
C SER A 32 20.80 -42.24 13.73
N ILE A 33 21.85 -43.00 13.41
CA ILE A 33 21.68 -44.27 12.71
C ILE A 33 20.83 -45.18 13.60
N THR A 34 21.29 -45.35 14.83
CA THR A 34 20.58 -46.18 15.80
C THR A 34 19.13 -45.73 15.93
N ALA A 35 18.91 -44.43 15.83
CA ALA A 35 17.57 -43.89 15.94
C ALA A 35 16.71 -44.42 14.81
N CYS A 36 17.18 -44.27 13.58
CA CYS A 36 16.44 -44.74 12.42
C CYS A 36 16.15 -46.24 12.53
N LYS A 37 17.09 -46.98 13.10
CA LYS A 37 16.90 -48.42 13.23
C LYS A 37 15.82 -48.74 14.25
N GLU A 38 15.65 -47.87 15.24
CA GLU A 38 14.61 -48.09 16.26
C GLU A 38 13.30 -48.37 15.56
N VAL A 39 13.05 -47.63 14.48
CA VAL A 39 11.82 -47.78 13.72
C VAL A 39 12.15 -48.42 12.38
N GLY A 40 13.09 -49.35 12.40
CA GLY A 40 13.49 -50.05 11.18
C GLY A 40 13.64 -49.17 9.95
N ALA A 41 14.50 -48.16 10.06
CA ALA A 41 14.76 -47.24 8.95
C ALA A 41 16.26 -47.05 8.84
N GLN A 42 16.70 -46.19 7.92
CA GLN A 42 18.12 -45.97 7.73
C GLN A 42 18.47 -44.51 7.44
N LEU A 43 19.64 -44.08 7.91
CA LEU A 43 20.09 -42.72 7.64
C LEU A 43 20.12 -42.56 6.13
N VAL A 44 19.19 -41.75 5.63
CA VAL A 44 19.02 -41.51 4.20
C VAL A 44 20.24 -41.73 3.29
N VAL A 45 20.09 -42.68 2.36
CA VAL A 45 21.13 -43.00 1.38
C VAL A 45 20.57 -42.63 0.01
N ILE A 46 21.17 -41.63 -0.61
CA ILE A 46 20.72 -41.15 -1.92
C ILE A 46 21.01 -42.15 -3.04
N LYS A 47 20.12 -42.16 -4.02
CA LYS A 47 20.23 -43.03 -5.17
C LYS A 47 20.24 -42.23 -6.46
N SER A 48 19.17 -41.46 -6.68
CA SER A 48 19.05 -40.65 -7.89
C SER A 48 19.73 -39.30 -7.78
N ALA A 49 19.27 -38.37 -8.60
CA ALA A 49 19.79 -37.01 -8.62
C ALA A 49 18.65 -36.10 -8.20
N GLU A 50 17.42 -36.62 -8.29
CA GLU A 50 16.26 -35.85 -7.89
C GLU A 50 16.22 -36.00 -6.39
N GLU A 51 16.33 -37.25 -5.95
CA GLU A 51 16.34 -37.57 -4.53
C GLU A 51 17.26 -36.56 -3.87
N GLN A 52 18.39 -36.31 -4.51
CA GLN A 52 19.36 -35.35 -4.02
C GLN A 52 18.74 -33.96 -4.03
N ASN A 53 18.22 -33.53 -5.19
CA ASN A 53 17.58 -32.23 -5.31
C ASN A 53 16.45 -32.11 -4.32
N PHE A 54 15.70 -33.20 -4.15
CA PHE A 54 14.58 -33.23 -3.21
C PHE A 54 15.09 -32.95 -1.81
N LEU A 55 15.98 -33.84 -1.35
CA LEU A 55 16.58 -33.73 -0.02
C LEU A 55 17.29 -32.41 0.21
N GLN A 56 18.21 -32.06 -0.68
CA GLN A 56 18.94 -30.81 -0.56
C GLN A 56 17.97 -29.65 -0.31
N LEU A 57 16.79 -29.73 -0.93
CA LEU A 57 15.78 -28.71 -0.76
C LEU A 57 15.16 -28.83 0.63
N GLN A 58 14.73 -30.05 0.96
CA GLN A 58 14.10 -30.33 2.24
C GLN A 58 14.86 -29.73 3.42
N SER A 59 16.18 -29.69 3.32
CA SER A 59 17.01 -29.15 4.38
C SER A 59 17.30 -27.67 4.18
N SER A 60 17.59 -27.29 2.94
CA SER A 60 17.87 -25.91 2.61
C SER A 60 16.71 -25.03 3.07
N ARG A 61 15.49 -25.57 2.96
CA ARG A 61 14.30 -24.84 3.37
C ARG A 61 14.29 -24.73 4.89
N SER A 62 14.34 -25.88 5.55
CA SER A 62 14.31 -25.92 6.99
C SER A 62 15.50 -25.25 7.70
N ASN A 63 16.40 -24.64 6.93
CA ASN A 63 17.57 -23.96 7.49
C ASN A 63 18.29 -24.82 8.53
N ARG A 64 18.42 -26.11 8.27
CA ARG A 64 19.05 -27.01 9.21
C ARG A 64 20.13 -27.92 8.63
N PHE A 65 21.29 -27.95 9.27
CA PHE A 65 22.37 -28.82 8.83
C PHE A 65 21.90 -30.21 9.23
N THR A 66 21.88 -31.12 8.27
CA THR A 66 21.38 -32.46 8.51
C THR A 66 22.29 -33.59 8.10
N TRP A 67 22.41 -34.58 8.98
CA TRP A 67 23.23 -35.76 8.71
C TRP A 67 22.62 -36.60 7.59
N MET A 68 23.43 -37.50 7.05
CA MET A 68 23.02 -38.45 6.02
C MET A 68 23.89 -39.68 6.24
N GLY A 69 23.48 -40.82 5.68
CA GLY A 69 24.25 -42.05 5.87
C GLY A 69 25.52 -42.18 5.04
N LEU A 70 26.36 -41.16 5.06
CA LEU A 70 27.61 -41.17 4.29
C LEU A 70 28.81 -40.75 5.15
N SER A 71 29.86 -41.58 5.15
CA SER A 71 31.05 -41.28 5.93
C SER A 71 32.32 -41.86 5.32
N ASP A 72 33.45 -41.45 5.86
CA ASP A 72 34.74 -41.92 5.41
C ASP A 72 35.48 -42.39 6.66
N LEU A 73 34.69 -42.89 7.62
CA LEU A 73 35.21 -43.38 8.89
C LEU A 73 36.21 -44.52 8.76
N ASN A 74 35.86 -45.54 7.97
CA ASN A 74 36.74 -46.69 7.78
C ASN A 74 37.86 -46.48 6.76
N GLN A 75 37.84 -45.37 6.05
CA GLN A 75 38.88 -45.10 5.06
C GLN A 75 38.92 -43.64 4.63
N GLU A 76 39.75 -42.85 5.32
CA GLU A 76 39.88 -41.43 5.01
C GLU A 76 40.05 -41.25 3.51
N GLY A 77 39.25 -40.37 2.93
CA GLY A 77 39.31 -40.14 1.50
C GLY A 77 38.30 -41.00 0.75
N THR A 78 37.96 -42.14 1.33
CA THR A 78 37.02 -43.09 0.73
C THR A 78 35.65 -43.02 1.41
N TRP A 79 34.63 -42.58 0.67
CA TRP A 79 33.29 -42.44 1.22
C TRP A 79 32.29 -43.52 0.84
N GLN A 80 31.71 -44.15 1.87
CA GLN A 80 30.73 -45.21 1.69
C GLN A 80 29.42 -44.91 2.44
N TRP A 81 28.30 -45.41 1.91
CA TRP A 81 27.00 -45.21 2.56
C TRP A 81 26.82 -46.25 3.66
N VAL A 82 26.03 -45.90 4.66
CA VAL A 82 25.78 -46.77 5.81
C VAL A 82 25.51 -48.25 5.50
N ASP A 83 24.72 -48.51 4.46
CA ASP A 83 24.39 -49.88 4.06
C ASP A 83 25.62 -50.60 3.49
N GLY A 84 26.21 -50.02 2.45
CA GLY A 84 27.39 -50.62 1.84
C GLY A 84 27.79 -50.03 0.50
N SER A 85 26.81 -49.60 -0.30
CA SER A 85 27.11 -49.02 -1.61
C SER A 85 28.21 -47.98 -1.49
N PRO A 86 28.85 -47.62 -2.61
CA PRO A 86 29.92 -46.63 -2.53
C PRO A 86 29.56 -45.28 -3.14
N LEU A 87 30.37 -44.28 -2.83
CA LEU A 87 30.18 -42.94 -3.35
C LEU A 87 30.48 -42.97 -4.85
N LEU A 88 29.55 -42.48 -5.66
CA LEU A 88 29.72 -42.48 -7.10
C LEU A 88 30.18 -41.13 -7.67
N PRO A 89 31.07 -41.16 -8.69
CA PRO A 89 31.63 -39.98 -9.36
C PRO A 89 30.60 -38.93 -9.72
N SER A 90 29.36 -39.37 -9.99
CA SER A 90 28.30 -38.44 -10.34
C SER A 90 27.88 -37.64 -9.10
N PHE A 91 27.93 -38.30 -7.94
CA PHE A 91 27.57 -37.64 -6.68
C PHE A 91 28.63 -36.62 -6.25
N LYS A 92 29.91 -36.92 -6.50
CA LYS A 92 31.02 -36.05 -6.12
C LYS A 92 30.87 -34.58 -6.50
N GLN A 93 29.89 -34.28 -7.35
CA GLN A 93 29.64 -32.92 -7.78
C GLN A 93 28.80 -32.17 -6.75
N TYR A 94 28.25 -32.94 -5.80
CA TYR A 94 27.39 -32.41 -4.76
C TYR A 94 28.12 -31.74 -3.59
N TRP A 95 29.40 -32.05 -3.42
CA TRP A 95 30.19 -31.43 -2.36
C TRP A 95 30.24 -29.94 -2.64
N ASN A 96 30.16 -29.13 -1.59
CA ASN A 96 30.24 -27.69 -1.80
C ASN A 96 31.64 -27.37 -2.30
N ARG A 97 31.81 -26.17 -2.84
CA ARG A 97 33.10 -25.74 -3.35
C ARG A 97 34.19 -25.98 -2.31
N GLY A 98 35.10 -26.93 -2.57
CA GLY A 98 36.17 -27.19 -1.64
C GLY A 98 35.99 -28.27 -0.58
N GLU A 99 34.98 -29.12 -0.73
CA GLU A 99 34.76 -30.19 0.24
C GLU A 99 34.94 -31.52 -0.48
N PRO A 100 35.26 -32.60 0.25
CA PRO A 100 35.48 -32.64 1.71
C PRO A 100 36.87 -32.12 2.05
N ASN A 101 37.00 -31.41 3.17
CA ASN A 101 38.30 -30.87 3.55
C ASN A 101 38.88 -31.58 4.77
N ASN A 102 38.03 -32.29 5.50
CA ASN A 102 38.44 -33.05 6.67
C ASN A 102 39.10 -32.19 7.75
N VAL A 103 38.80 -30.89 7.78
CA VAL A 103 39.39 -30.01 8.78
C VAL A 103 39.00 -30.43 10.18
N GLY A 104 40.01 -30.68 11.01
CA GLY A 104 39.75 -31.12 12.37
C GLY A 104 39.19 -32.53 12.37
N GLU A 105 39.44 -33.27 11.28
CA GLU A 105 38.98 -34.65 11.14
C GLU A 105 37.46 -34.77 11.02
N GLU A 106 36.94 -34.56 9.81
CA GLU A 106 35.51 -34.64 9.57
C GLU A 106 35.23 -35.90 8.78
N ASP A 107 34.52 -36.86 9.38
CA ASP A 107 34.24 -38.12 8.70
C ASP A 107 32.79 -38.47 8.45
N CYS A 108 31.92 -37.47 8.49
CA CYS A 108 30.50 -37.69 8.25
C CYS A 108 29.94 -36.53 7.41
N ALA A 109 29.00 -36.85 6.52
CA ALA A 109 28.42 -35.85 5.63
C ALA A 109 27.05 -35.31 6.04
N GLU A 110 26.91 -34.00 5.88
CA GLU A 110 25.68 -33.29 6.23
C GLU A 110 25.22 -32.46 5.04
N PHE A 111 23.94 -32.09 5.03
CA PHE A 111 23.46 -31.21 3.98
C PHE A 111 23.78 -29.79 4.45
N SER A 112 24.48 -29.03 3.61
CA SER A 112 24.87 -27.67 3.95
C SER A 112 24.60 -26.68 2.83
N GLY A 113 23.61 -25.82 3.02
CA GLY A 113 23.27 -24.84 2.01
C GLY A 113 22.85 -25.54 0.72
N ASN A 114 23.62 -25.36 -0.33
CA ASN A 114 23.29 -25.99 -1.61
C ASN A 114 23.99 -27.32 -1.87
N GLY A 115 25.06 -27.61 -1.13
CA GLY A 115 25.76 -28.86 -1.35
C GLY A 115 25.98 -29.67 -0.09
N TRP A 116 27.05 -30.47 -0.07
CA TRP A 116 27.37 -31.28 1.09
C TRP A 116 28.67 -30.85 1.72
N ASN A 117 28.81 -31.18 2.99
CA ASN A 117 30.01 -30.84 3.74
C ASN A 117 30.31 -31.97 4.70
N ASP A 118 31.58 -32.18 4.96
CA ASP A 118 31.98 -33.22 5.91
C ASP A 118 32.22 -32.47 7.22
N ASP A 119 31.77 -33.07 8.31
CA ASP A 119 31.90 -32.47 9.64
C ASP A 119 32.19 -33.56 10.67
N LYS A 120 32.46 -33.15 11.91
CA LYS A 120 32.77 -34.09 12.98
C LYS A 120 31.55 -34.92 13.29
N CYS A 121 31.73 -36.23 13.40
CA CYS A 121 30.61 -37.12 13.66
C CYS A 121 30.07 -37.07 15.08
N ASN A 122 30.80 -36.42 15.99
CA ASN A 122 30.33 -36.35 17.37
C ASN A 122 29.31 -35.23 17.56
N LEU A 123 29.21 -34.34 16.57
CA LEU A 123 28.28 -33.23 16.66
C LEU A 123 26.83 -33.66 16.52
N ALA A 124 25.96 -33.00 17.28
CA ALA A 124 24.54 -33.29 17.23
C ALA A 124 23.93 -32.41 16.15
N LYS A 125 23.30 -33.05 15.17
CA LYS A 125 22.66 -32.33 14.08
C LYS A 125 21.33 -33.00 13.81
N PHE A 126 20.56 -32.43 12.90
CA PHE A 126 19.29 -33.05 12.55
C PHE A 126 19.62 -34.18 11.60
N TRP A 127 18.70 -35.13 11.49
CA TRP A 127 18.90 -36.25 10.59
C TRP A 127 17.65 -36.57 9.80
N ILE A 128 17.78 -37.48 8.86
CA ILE A 128 16.66 -37.89 8.01
C ILE A 128 16.69 -39.39 7.81
N CYS A 129 15.58 -40.06 8.13
CA CYS A 129 15.53 -41.50 7.94
C CYS A 129 14.84 -41.79 6.62
N LYS A 130 15.02 -43.02 6.14
CA LYS A 130 14.44 -43.47 4.87
C LYS A 130 13.92 -44.89 5.06
N LYS A 131 12.88 -45.24 4.31
CA LYS A 131 12.32 -46.58 4.37
C LYS A 131 11.40 -46.87 3.19
N SER A 132 10.99 -48.13 3.10
CA SER A 132 10.11 -48.59 2.04
C SER A 132 8.69 -48.07 2.22
N ALA A 133 8.10 -47.55 1.16
CA ALA A 133 6.74 -47.03 1.20
C ALA A 133 5.72 -48.18 1.36
N ALA A 134 4.57 -48.04 0.73
CA ALA A 134 3.52 -49.05 0.80
C ALA A 134 3.39 -49.81 -0.51
N PRO B 7 7.50 -43.74 27.42
CA PRO B 7 6.63 -42.63 27.89
C PRO B 7 6.04 -41.82 26.73
N CYS B 8 6.82 -41.58 25.68
CA CYS B 8 6.32 -40.84 24.53
C CYS B 8 6.64 -41.52 23.21
N PRO B 9 5.74 -41.40 22.22
CA PRO B 9 5.94 -42.00 20.91
C PRO B 9 7.33 -41.67 20.39
N TRP B 10 7.91 -42.57 19.62
CA TRP B 10 9.24 -42.36 19.05
C TRP B 10 9.36 -40.95 18.51
N GLU B 11 10.40 -40.25 18.95
CA GLU B 11 10.69 -38.88 18.54
C GLU B 11 9.77 -37.78 19.05
N TRP B 12 8.86 -38.11 19.95
CA TRP B 12 8.00 -37.08 20.53
C TRP B 12 8.82 -36.54 21.70
N THR B 13 8.44 -35.40 22.25
CA THR B 13 9.19 -34.84 23.37
C THR B 13 8.44 -34.86 24.69
N PHE B 14 9.14 -35.27 25.75
CA PHE B 14 8.56 -35.34 27.07
C PHE B 14 8.78 -34.09 27.91
N PHE B 15 7.75 -33.71 28.65
CA PHE B 15 7.79 -32.55 29.52
C PHE B 15 6.57 -32.54 30.44
N GLN B 16 6.83 -32.77 31.73
CA GLN B 16 5.81 -32.79 32.78
C GLN B 16 4.58 -33.66 32.55
N GLY B 17 4.82 -34.96 32.42
CA GLY B 17 3.73 -35.91 32.22
C GLY B 17 3.07 -35.84 30.85
N ASN B 18 3.57 -34.97 29.98
CA ASN B 18 2.98 -34.84 28.66
C ASN B 18 3.97 -35.00 27.53
N CYS B 19 3.45 -35.35 26.36
CA CYS B 19 4.26 -35.54 25.17
C CYS B 19 3.92 -34.46 24.16
N TYR B 20 4.93 -34.02 23.42
CA TYR B 20 4.73 -32.97 22.43
C TYR B 20 5.35 -33.33 21.08
N PHE B 21 4.64 -33.00 20.00
CA PHE B 21 5.13 -33.25 18.67
C PHE B 21 5.26 -31.92 17.94
N MET B 22 6.48 -31.61 17.50
CA MET B 22 6.73 -30.40 16.74
C MET B 22 6.81 -30.84 15.29
N SER B 23 5.78 -30.50 14.52
CA SER B 23 5.72 -30.88 13.12
C SER B 23 6.86 -30.29 12.30
N ASN B 24 7.15 -30.95 11.18
CA ASN B 24 8.18 -30.49 10.28
C ASN B 24 7.49 -30.02 9.01
N SER B 25 6.17 -30.19 8.97
CA SER B 25 5.40 -29.76 7.82
C SER B 25 4.56 -28.57 8.25
N GLN B 26 4.03 -27.83 7.29
CA GLN B 26 3.21 -26.67 7.58
C GLN B 26 1.80 -26.84 7.03
N ARG B 27 0.81 -26.73 7.93
CA ARG B 27 -0.58 -26.87 7.52
C ARG B 27 -1.36 -25.68 8.06
N ASN B 28 -2.56 -25.45 7.55
CA ASN B 28 -3.34 -24.35 8.05
C ASN B 28 -3.90 -24.76 9.41
N TRP B 29 -4.45 -23.81 10.15
CA TRP B 29 -4.96 -24.10 11.48
C TRP B 29 -5.87 -25.32 11.59
N HIS B 30 -7.00 -25.34 10.89
CA HIS B 30 -7.92 -26.47 10.96
C HIS B 30 -7.29 -27.80 10.58
N ASP B 31 -6.44 -27.76 9.56
CA ASP B 31 -5.78 -28.98 9.11
C ASP B 31 -4.74 -29.45 10.13
N SER B 32 -4.26 -28.53 10.95
CA SER B 32 -3.29 -28.88 11.99
C SER B 32 -4.07 -29.62 13.06
N ILE B 33 -5.30 -29.18 13.30
CA ILE B 33 -6.17 -29.78 14.29
C ILE B 33 -6.52 -31.26 14.01
N THR B 34 -6.79 -31.57 12.75
CA THR B 34 -7.15 -32.93 12.40
C THR B 34 -5.92 -33.82 12.37
N ALA B 35 -4.80 -33.25 11.96
CA ALA B 35 -3.56 -34.01 11.90
C ALA B 35 -3.19 -34.50 13.30
N CYS B 36 -3.50 -33.72 14.33
CA CYS B 36 -3.19 -34.14 15.69
C CYS B 36 -4.15 -35.24 16.16
N LYS B 37 -5.44 -35.14 15.80
CA LYS B 37 -6.42 -36.15 16.20
C LYS B 37 -6.04 -37.52 15.63
N GLU B 38 -5.54 -37.52 14.39
CA GLU B 38 -5.12 -38.76 13.73
C GLU B 38 -4.25 -39.63 14.63
N VAL B 39 -3.55 -39.00 15.57
CA VAL B 39 -2.68 -39.71 16.49
C VAL B 39 -3.22 -39.51 17.91
N GLY B 40 -4.49 -39.13 17.99
CA GLY B 40 -5.13 -38.92 19.27
C GLY B 40 -4.49 -37.86 20.15
N ALA B 41 -4.03 -36.78 19.54
CA ALA B 41 -3.43 -35.70 20.29
C ALA B 41 -4.29 -34.47 20.05
N GLN B 42 -3.94 -33.36 20.70
CA GLN B 42 -4.69 -32.12 20.55
C GLN B 42 -3.75 -30.95 20.22
N LEU B 43 -4.20 -30.04 19.35
CA LEU B 43 -3.39 -28.87 19.01
C LEU B 43 -3.12 -28.27 20.39
N VAL B 44 -1.85 -28.13 20.71
CA VAL B 44 -1.42 -27.66 22.00
C VAL B 44 -2.24 -26.59 22.73
N VAL B 45 -2.82 -27.02 23.85
CA VAL B 45 -3.59 -26.15 24.71
C VAL B 45 -2.67 -25.94 25.94
N ILE B 46 -2.30 -24.70 26.20
CA ILE B 46 -1.40 -24.41 27.30
C ILE B 46 -2.18 -24.23 28.60
N LYS B 47 -1.71 -24.94 29.63
CA LYS B 47 -2.34 -24.95 30.94
C LYS B 47 -1.52 -24.28 32.03
N SER B 48 -0.26 -23.97 31.75
CA SER B 48 0.57 -23.33 32.76
C SER B 48 1.73 -22.51 32.21
N ALA B 49 2.18 -21.56 33.02
CA ALA B 49 3.28 -20.69 32.66
C ALA B 49 4.54 -21.44 32.26
N GLU B 50 4.88 -22.48 33.02
CA GLU B 50 6.08 -23.26 32.72
C GLU B 50 5.94 -23.93 31.34
N GLU B 51 4.75 -24.42 31.05
CA GLU B 51 4.46 -25.06 29.77
C GLU B 51 4.64 -24.04 28.65
N GLN B 52 4.21 -22.81 28.89
CA GLN B 52 4.33 -21.74 27.93
C GLN B 52 5.82 -21.47 27.68
N ASN B 53 6.60 -21.31 28.74
CA ASN B 53 8.02 -21.06 28.55
C ASN B 53 8.64 -22.16 27.72
N PHE B 54 8.35 -23.39 28.08
CA PHE B 54 8.90 -24.54 27.37
C PHE B 54 8.48 -24.53 25.89
N LEU B 55 7.19 -24.33 25.63
CA LEU B 55 6.70 -24.30 24.25
C LEU B 55 7.28 -23.14 23.45
N GLN B 56 7.23 -21.96 24.03
CA GLN B 56 7.74 -20.76 23.37
C GLN B 56 9.18 -20.97 22.95
N LEU B 57 9.91 -21.71 23.78
CA LEU B 57 11.32 -22.00 23.52
C LEU B 57 11.53 -23.01 22.42
N GLN B 58 10.53 -23.84 22.15
CA GLN B 58 10.65 -24.84 21.10
C GLN B 58 10.49 -24.15 19.75
N SER B 59 9.96 -22.93 19.79
CA SER B 59 9.73 -22.15 18.58
C SER B 59 10.80 -21.13 18.32
N SER B 60 11.29 -20.52 19.40
CA SER B 60 12.31 -19.49 19.30
C SER B 60 13.64 -20.08 18.82
N ARG B 61 13.94 -21.30 19.26
CA ARG B 61 15.18 -21.99 18.88
C ARG B 61 15.30 -22.24 17.37
N SER B 62 14.15 -22.42 16.72
CA SER B 62 14.14 -22.69 15.29
C SER B 62 13.56 -21.54 14.46
N ASN B 63 13.10 -20.51 15.15
CA ASN B 63 12.50 -19.35 14.50
C ASN B 63 11.33 -19.75 13.59
N ARG B 64 10.53 -20.70 14.06
CA ARG B 64 9.38 -21.17 13.29
C ARG B 64 8.05 -20.66 13.83
N PHE B 65 7.24 -20.08 12.95
CA PHE B 65 5.93 -19.57 13.32
C PHE B 65 5.07 -20.82 13.42
N THR B 66 4.61 -21.11 14.63
CA THR B 66 3.88 -22.32 14.94
C THR B 66 2.49 -22.13 15.55
N TRP B 67 1.51 -22.85 15.02
CA TRP B 67 0.14 -22.78 15.51
C TRP B 67 -0.01 -23.40 16.91
N MET B 68 -0.99 -22.91 17.67
CA MET B 68 -1.32 -23.46 18.98
C MET B 68 -2.86 -23.57 19.01
N GLY B 69 -3.42 -24.37 19.91
CA GLY B 69 -4.87 -24.55 19.97
C GLY B 69 -5.68 -23.40 20.54
N LEU B 70 -5.44 -22.19 20.03
CA LEU B 70 -6.12 -21.01 20.54
C LEU B 70 -6.70 -20.15 19.43
N SER B 71 -7.94 -19.73 19.59
CA SER B 71 -8.56 -18.89 18.57
C SER B 71 -9.69 -18.02 19.10
N ASP B 72 -10.18 -17.13 18.25
CA ASP B 72 -11.31 -16.27 18.57
C ASP B 72 -12.24 -16.29 17.35
N LEU B 73 -12.18 -17.40 16.60
CA LEU B 73 -12.98 -17.61 15.40
C LEU B 73 -14.49 -17.55 15.65
N ASN B 74 -14.92 -18.16 16.73
CA ASN B 74 -16.33 -18.21 17.08
C ASN B 74 -16.89 -16.86 17.50
N GLN B 75 -16.12 -16.14 18.31
CA GLN B 75 -16.53 -14.84 18.82
C GLN B 75 -15.33 -13.87 18.84
N GLU B 76 -15.18 -13.08 17.79
CA GLU B 76 -14.08 -12.12 17.68
C GLU B 76 -13.73 -11.51 19.03
N GLY B 77 -12.44 -11.44 19.34
CA GLY B 77 -12.02 -10.86 20.60
C GLY B 77 -12.23 -11.78 21.78
N THR B 78 -12.90 -12.91 21.57
CA THR B 78 -13.11 -13.84 22.67
C THR B 78 -12.23 -15.08 22.41
N TRP B 79 -11.03 -15.03 22.96
CA TRP B 79 -10.07 -16.12 22.78
C TRP B 79 -10.35 -17.31 23.69
N GLN B 80 -10.41 -18.49 23.09
CA GLN B 80 -10.72 -19.71 23.79
C GLN B 80 -9.92 -20.86 23.20
N TRP B 81 -9.46 -21.78 24.04
CA TRP B 81 -8.68 -22.92 23.55
C TRP B 81 -9.57 -23.94 22.85
N VAL B 82 -8.97 -24.79 22.04
CA VAL B 82 -9.72 -25.81 21.33
C VAL B 82 -10.44 -26.78 22.28
N ASP B 83 -9.90 -27.01 23.46
CA ASP B 83 -10.58 -27.91 24.37
C ASP B 83 -11.77 -27.22 25.02
N GLY B 84 -12.09 -26.01 24.53
CA GLY B 84 -13.23 -25.27 25.05
C GLY B 84 -13.01 -24.34 26.24
N SER B 85 -11.85 -24.38 26.86
CA SER B 85 -11.61 -23.51 28.00
C SER B 85 -11.25 -22.09 27.54
N PRO B 86 -11.63 -21.08 28.34
CA PRO B 86 -11.35 -19.68 28.01
C PRO B 86 -9.90 -19.28 28.30
N LEU B 87 -9.42 -18.27 27.58
CA LEU B 87 -8.07 -17.78 27.78
C LEU B 87 -8.04 -16.99 29.06
N LEU B 88 -7.07 -17.27 29.92
CA LEU B 88 -6.99 -16.57 31.19
C LEU B 88 -6.35 -15.20 31.10
N PRO B 89 -6.83 -14.26 31.93
CA PRO B 89 -6.32 -12.90 31.98
C PRO B 89 -4.83 -12.97 32.27
N SER B 90 -4.44 -14.02 33.00
CA SER B 90 -3.05 -14.23 33.36
C SER B 90 -2.16 -14.63 32.19
N PHE B 91 -2.76 -14.82 31.02
CA PHE B 91 -1.97 -15.19 29.85
C PHE B 91 -1.81 -14.03 28.89
N LYS B 92 -2.50 -12.94 29.22
CA LYS B 92 -2.46 -11.72 28.42
C LYS B 92 -1.01 -11.32 28.16
N GLN B 93 -0.15 -11.61 29.13
CA GLN B 93 1.27 -11.25 29.05
C GLN B 93 2.04 -11.94 27.94
N TYR B 94 1.52 -13.02 27.38
CA TYR B 94 2.26 -13.71 26.35
C TYR B 94 2.14 -13.14 24.96
N TRP B 95 1.10 -12.36 24.72
CA TRP B 95 0.94 -11.76 23.41
C TRP B 95 2.15 -10.86 23.14
N ASN B 96 2.57 -10.79 21.89
CA ASN B 96 3.67 -9.89 21.52
C ASN B 96 3.04 -8.49 21.64
N ARG B 97 3.85 -7.46 21.74
CA ARG B 97 3.32 -6.11 21.84
C ARG B 97 2.39 -5.82 20.68
N GLY B 98 1.25 -5.20 20.98
CA GLY B 98 0.28 -4.87 19.95
C GLY B 98 -0.60 -6.02 19.50
N GLU B 99 -0.44 -7.19 20.10
CA GLU B 99 -1.25 -8.33 19.73
C GLU B 99 -2.25 -8.67 20.84
N PRO B 100 -3.40 -9.26 20.49
CA PRO B 100 -3.82 -9.63 19.13
C PRO B 100 -4.36 -8.40 18.42
N ASN B 101 -4.12 -8.26 17.12
CA ASN B 101 -4.61 -7.08 16.41
C ASN B 101 -5.58 -7.32 15.24
N ASN B 102 -6.00 -8.58 15.07
CA ASN B 102 -6.96 -8.96 14.03
C ASN B 102 -6.79 -8.23 12.69
N VAL B 103 -5.54 -7.92 12.32
CA VAL B 103 -5.25 -7.22 11.08
C VAL B 103 -5.66 -8.03 9.86
N GLY B 104 -6.68 -7.57 9.15
CA GLY B 104 -7.15 -8.31 7.99
C GLY B 104 -7.88 -9.56 8.46
N GLU B 105 -8.31 -9.54 9.72
CA GLU B 105 -9.03 -10.65 10.33
C GLU B 105 -8.13 -11.84 10.68
N GLU B 106 -7.60 -11.83 11.90
CA GLU B 106 -6.72 -12.89 12.37
C GLU B 106 -7.43 -13.56 13.56
N ASP B 107 -7.73 -14.85 13.41
CA ASP B 107 -8.44 -15.59 14.44
C ASP B 107 -7.70 -16.74 15.11
N CYS B 108 -6.50 -17.03 14.67
CA CYS B 108 -5.74 -18.13 15.25
C CYS B 108 -4.43 -17.63 15.85
N ALA B 109 -4.04 -18.21 16.97
CA ALA B 109 -2.82 -17.82 17.66
C ALA B 109 -1.63 -18.70 17.28
N GLU B 110 -0.45 -18.10 17.29
CA GLU B 110 0.77 -18.79 16.91
C GLU B 110 1.91 -18.31 17.78
N PHE B 111 2.97 -19.08 17.83
CA PHE B 111 4.17 -18.70 18.56
C PHE B 111 4.97 -17.90 17.54
N SER B 112 5.32 -16.67 17.90
CA SER B 112 6.08 -15.81 17.01
C SER B 112 7.08 -15.02 17.82
N GLY B 113 8.36 -15.22 17.53
CA GLY B 113 9.36 -14.51 18.28
C GLY B 113 9.36 -14.94 19.73
N ASN B 114 9.18 -14.00 20.64
CA ASN B 114 9.20 -14.29 22.07
C ASN B 114 7.81 -14.50 22.67
N GLY B 115 6.78 -14.17 21.92
CA GLY B 115 5.43 -14.35 22.44
C GLY B 115 4.45 -14.83 21.40
N TRP B 116 3.20 -14.43 21.56
CA TRP B 116 2.14 -14.83 20.64
C TRP B 116 1.69 -13.74 19.68
N ASN B 117 1.17 -14.18 18.54
CA ASN B 117 0.62 -13.29 17.54
C ASN B 117 -0.62 -13.96 16.98
N ASP B 118 -1.60 -13.17 16.56
CA ASP B 118 -2.78 -13.72 15.94
C ASP B 118 -2.54 -13.57 14.43
N ASP B 119 -2.96 -14.57 13.66
CA ASP B 119 -2.77 -14.57 12.22
C ASP B 119 -3.92 -15.28 11.53
N LYS B 120 -3.93 -15.22 10.20
CA LYS B 120 -4.97 -15.83 9.37
C LYS B 120 -4.96 -17.35 9.47
N CYS B 121 -6.07 -17.92 9.91
CA CYS B 121 -6.17 -19.37 10.07
C CYS B 121 -5.96 -20.19 8.80
N ASN B 122 -6.13 -19.57 7.63
CA ASN B 122 -5.96 -20.29 6.38
C ASN B 122 -4.50 -20.45 5.94
N LEU B 123 -3.57 -19.82 6.66
CA LEU B 123 -2.17 -19.93 6.29
C LEU B 123 -1.53 -21.22 6.80
N ALA B 124 -0.47 -21.65 6.14
CA ALA B 124 0.22 -22.86 6.54
C ALA B 124 1.34 -22.50 7.50
N LYS B 125 1.39 -23.20 8.62
CA LYS B 125 2.42 -22.97 9.62
C LYS B 125 2.75 -24.30 10.28
N PHE B 126 3.79 -24.31 11.08
CA PHE B 126 4.14 -25.52 11.79
C PHE B 126 3.16 -25.58 12.94
N TRP B 127 3.15 -26.70 13.63
CA TRP B 127 2.21 -26.85 14.71
C TRP B 127 2.72 -27.84 15.73
N ILE B 128 2.08 -27.84 16.90
CA ILE B 128 2.47 -28.73 17.98
C ILE B 128 1.32 -29.53 18.58
N CYS B 129 1.49 -30.85 18.62
CA CYS B 129 0.47 -31.71 19.20
C CYS B 129 0.90 -32.05 20.62
N LYS B 130 -0.08 -32.12 21.50
CA LYS B 130 0.18 -32.44 22.89
C LYS B 130 -0.76 -33.54 23.36
N LYS B 131 -0.26 -34.41 24.22
CA LYS B 131 -1.07 -35.49 24.80
C LYS B 131 -0.32 -36.10 25.96
N SER B 132 -1.07 -36.64 26.91
CA SER B 132 -0.50 -37.24 28.10
C SER B 132 0.52 -38.34 27.80
N ALA B 133 1.54 -38.43 28.65
CA ALA B 133 2.58 -39.43 28.50
C ALA B 133 2.09 -40.73 29.13
N ALA B 134 2.70 -41.85 28.74
CA ALA B 134 2.31 -43.15 29.29
C ALA B 134 2.75 -43.23 30.75
N PRO C 7 -28.20 27.21 10.04
CA PRO C 7 -26.74 26.98 10.10
C PRO C 7 -25.99 27.63 8.93
N CYS C 8 -26.51 27.43 7.71
CA CYS C 8 -25.92 28.02 6.50
C CYS C 8 -26.96 28.61 5.58
N PRO C 9 -26.55 29.47 4.65
CA PRO C 9 -27.59 30.01 3.77
C PRO C 9 -28.07 28.82 2.93
N TRP C 10 -29.25 28.94 2.36
CA TRP C 10 -29.79 27.87 1.54
C TRP C 10 -28.79 27.38 0.47
N GLU C 11 -28.60 26.07 0.42
CA GLU C 11 -27.69 25.40 -0.53
C GLU C 11 -26.21 25.71 -0.38
N TRP C 12 -25.78 26.17 0.78
CA TRP C 12 -24.36 26.41 0.98
C TRP C 12 -23.91 25.15 1.68
N THR C 13 -22.62 24.86 1.64
CA THR C 13 -22.14 23.67 2.30
C THR C 13 -21.56 24.00 3.65
N PHE C 14 -22.09 23.35 4.68
CA PHE C 14 -21.57 23.55 6.02
C PHE C 14 -20.34 22.68 6.24
N PHE C 15 -19.26 23.29 6.73
CA PHE C 15 -18.03 22.56 7.01
C PHE C 15 -17.24 23.19 8.13
N GLN C 16 -17.06 22.42 9.19
CA GLN C 16 -16.30 22.83 10.38
C GLN C 16 -16.46 24.28 10.79
N GLY C 17 -17.69 24.65 11.09
CA GLY C 17 -17.97 25.98 11.57
C GLY C 17 -18.18 27.04 10.50
N ASN C 18 -17.93 26.69 9.25
CA ASN C 18 -18.09 27.64 8.18
C ASN C 18 -19.03 27.17 7.10
N CYS C 19 -19.50 28.13 6.31
CA CYS C 19 -20.40 27.86 5.20
C CYS C 19 -19.69 28.19 3.90
N TYR C 20 -19.76 27.27 2.94
CA TYR C 20 -19.11 27.46 1.67
C TYR C 20 -20.08 27.46 0.51
N PHE C 21 -19.81 28.32 -0.46
CA PHE C 21 -20.63 28.43 -1.66
C PHE C 21 -19.77 28.20 -2.91
N MET C 22 -20.20 27.28 -3.77
CA MET C 22 -19.51 26.98 -5.03
C MET C 22 -20.29 27.73 -6.09
N SER C 23 -19.65 28.66 -6.77
CA SER C 23 -20.35 29.43 -7.78
C SER C 23 -20.74 28.62 -9.01
N ASN C 24 -21.79 29.08 -9.68
CA ASN C 24 -22.26 28.45 -10.90
C ASN C 24 -21.68 29.27 -12.08
N SER C 25 -21.42 30.55 -11.82
CA SER C 25 -20.88 31.46 -12.81
C SER C 25 -19.37 31.56 -12.76
N GLN C 26 -18.78 32.10 -13.81
CA GLN C 26 -17.33 32.27 -13.88
C GLN C 26 -17.00 33.76 -14.00
N ARG C 27 -16.11 34.23 -13.14
CA ARG C 27 -15.69 35.63 -13.17
C ARG C 27 -14.19 35.69 -12.96
N ASN C 28 -13.55 36.80 -13.34
CA ASN C 28 -12.13 36.89 -13.13
C ASN C 28 -11.94 36.94 -11.62
N TRP C 29 -10.69 36.90 -11.18
CA TRP C 29 -10.38 36.90 -9.76
C TRP C 29 -11.00 38.03 -8.97
N HIS C 30 -10.74 39.26 -9.38
CA HIS C 30 -11.26 40.43 -8.67
C HIS C 30 -12.77 40.52 -8.63
N ASP C 31 -13.43 40.22 -9.74
CA ASP C 31 -14.88 40.28 -9.77
C ASP C 31 -15.47 39.20 -8.88
N SER C 32 -14.66 38.21 -8.55
CA SER C 32 -15.09 37.14 -7.66
C SER C 32 -15.01 37.69 -6.23
N ILE C 33 -13.90 38.33 -5.92
CA ILE C 33 -13.74 38.90 -4.60
C ILE C 33 -14.94 39.78 -4.27
N THR C 34 -15.31 40.67 -5.20
CA THR C 34 -16.43 41.54 -4.95
C THR C 34 -17.74 40.76 -4.91
N ALA C 35 -17.80 39.66 -5.65
CA ALA C 35 -19.01 38.84 -5.67
C ALA C 35 -19.27 38.23 -4.28
N CYS C 36 -18.22 37.75 -3.62
CA CYS C 36 -18.38 37.18 -2.29
C CYS C 36 -18.81 38.22 -1.27
N LYS C 37 -18.36 39.46 -1.44
CA LYS C 37 -18.73 40.50 -0.49
C LYS C 37 -20.22 40.81 -0.53
N GLU C 38 -20.82 40.79 -1.71
CA GLU C 38 -22.24 41.06 -1.86
C GLU C 38 -23.12 40.27 -0.90
N VAL C 39 -22.57 39.23 -0.29
CA VAL C 39 -23.33 38.42 0.65
C VAL C 39 -22.58 38.21 1.96
N GLY C 40 -21.67 39.11 2.28
CA GLY C 40 -20.94 39.02 3.52
C GLY C 40 -20.03 37.82 3.64
N ALA C 41 -19.41 37.44 2.52
CA ALA C 41 -18.49 36.32 2.52
C ALA C 41 -17.15 36.76 1.93
N GLN C 42 -16.25 35.81 1.75
CA GLN C 42 -14.94 36.13 1.21
C GLN C 42 -14.38 35.02 0.31
N LEU C 43 -13.66 35.41 -0.75
CA LEU C 43 -13.03 34.43 -1.65
C LEU C 43 -12.27 33.49 -0.72
N VAL C 44 -12.69 32.24 -0.69
CA VAL C 44 -12.11 31.28 0.22
C VAL C 44 -10.64 31.44 0.59
N VAL C 45 -10.41 31.47 1.91
CA VAL C 45 -9.08 31.56 2.48
C VAL C 45 -8.90 30.26 3.29
N ILE C 46 -7.92 29.46 2.92
CA ILE C 46 -7.72 28.18 3.61
C ILE C 46 -6.91 28.29 4.90
N LYS C 47 -7.50 27.81 5.98
CA LYS C 47 -6.89 27.86 7.30
C LYS C 47 -6.25 26.56 7.76
N SER C 48 -6.85 25.43 7.40
CA SER C 48 -6.33 24.14 7.85
C SER C 48 -6.11 23.14 6.73
N ALA C 49 -5.31 22.12 7.02
CA ALA C 49 -5.01 21.09 6.06
C ALA C 49 -6.32 20.39 5.70
N GLU C 50 -7.16 20.18 6.72
CA GLU C 50 -8.43 19.51 6.57
C GLU C 50 -9.35 20.27 5.60
N GLU C 51 -9.27 21.60 5.64
CA GLU C 51 -10.08 22.45 4.78
C GLU C 51 -9.57 22.33 3.34
N GLN C 52 -8.26 22.28 3.19
CA GLN C 52 -7.66 22.16 1.87
C GLN C 52 -8.14 20.86 1.21
N ASN C 53 -8.11 19.76 1.96
CA ASN C 53 -8.55 18.48 1.41
C ASN C 53 -9.99 18.57 0.97
N PHE C 54 -10.83 19.14 1.82
CA PHE C 54 -12.24 19.30 1.53
C PHE C 54 -12.45 20.11 0.26
N LEU C 55 -11.88 21.31 0.23
CA LEU C 55 -12.02 22.21 -0.91
C LEU C 55 -11.48 21.65 -2.22
N GLN C 56 -10.26 21.13 -2.18
CA GLN C 56 -9.60 20.58 -3.35
C GLN C 56 -10.45 19.47 -3.99
N LEU C 57 -11.01 18.60 -3.15
CA LEU C 57 -11.83 17.49 -3.62
C LEU C 57 -13.14 17.95 -4.25
N GLN C 58 -13.80 18.91 -3.63
CA GLN C 58 -15.06 19.41 -4.18
C GLN C 58 -14.81 19.99 -5.56
N SER C 59 -13.71 20.72 -5.70
CA SER C 59 -13.37 21.33 -6.99
C SER C 59 -13.10 20.24 -8.02
N SER C 60 -12.23 19.31 -7.64
CA SER C 60 -11.87 18.20 -8.50
C SER C 60 -13.11 17.44 -8.95
N ARG C 61 -14.00 17.10 -8.00
CA ARG C 61 -15.22 16.37 -8.32
C ARG C 61 -16.08 17.10 -9.33
N SER C 62 -16.17 18.42 -9.19
CA SER C 62 -16.99 19.21 -10.08
C SER C 62 -16.35 19.48 -11.45
N ASN C 63 -15.13 18.99 -11.65
CA ASN C 63 -14.42 19.18 -12.91
C ASN C 63 -14.44 20.65 -13.32
N ARG C 64 -14.16 21.54 -12.38
CA ARG C 64 -14.16 22.96 -12.68
C ARG C 64 -12.96 23.67 -12.08
N PHE C 65 -12.33 24.54 -12.86
CA PHE C 65 -11.19 25.31 -12.35
C PHE C 65 -11.74 26.42 -11.47
N THR C 66 -11.28 26.46 -10.22
CA THR C 66 -11.80 27.40 -9.27
C THR C 66 -10.80 28.27 -8.53
N TRP C 67 -11.11 29.55 -8.45
CA TRP C 67 -10.27 30.54 -7.78
C TRP C 67 -10.34 30.31 -6.28
N MET C 68 -9.30 30.74 -5.58
CA MET C 68 -9.26 30.69 -4.12
C MET C 68 -8.73 32.10 -3.77
N GLY C 69 -8.96 32.56 -2.55
CA GLY C 69 -8.52 33.89 -2.17
C GLY C 69 -7.03 34.01 -1.89
N LEU C 70 -6.21 33.72 -2.89
CA LEU C 70 -4.77 33.76 -2.73
C LEU C 70 -4.10 34.36 -3.94
N SER C 71 -3.03 35.12 -3.72
CA SER C 71 -2.31 35.75 -4.83
C SER C 71 -0.95 36.33 -4.45
N ASP C 72 -0.15 36.62 -5.46
CA ASP C 72 1.16 37.20 -5.25
C ASP C 72 1.18 38.46 -6.11
N LEU C 73 -0.01 39.00 -6.34
CA LEU C 73 -0.22 40.21 -7.11
C LEU C 73 0.57 41.37 -6.54
N ASN C 74 0.45 41.55 -5.22
CA ASN C 74 1.11 42.63 -4.53
C ASN C 74 2.63 42.55 -4.52
N GLN C 75 3.17 41.34 -4.56
CA GLN C 75 4.61 41.16 -4.54
C GLN C 75 4.97 39.82 -5.15
N GLU C 76 5.31 39.83 -6.44
CA GLU C 76 5.67 38.61 -7.15
C GLU C 76 6.42 37.63 -6.26
N GLY C 77 6.06 36.35 -6.36
CA GLY C 77 6.70 35.34 -5.54
C GLY C 77 6.18 35.27 -4.12
N THR C 78 5.61 36.36 -3.63
CA THR C 78 5.08 36.39 -2.28
C THR C 78 3.57 36.17 -2.30
N TRP C 79 3.13 34.97 -1.90
CA TRP C 79 1.71 34.62 -1.89
C TRP C 79 1.03 34.95 -0.57
N GLN C 80 -0.01 35.77 -0.69
CA GLN C 80 -0.75 36.23 0.47
C GLN C 80 -2.25 36.03 0.28
N TRP C 81 -2.93 35.62 1.35
CA TRP C 81 -4.37 35.43 1.29
C TRP C 81 -5.05 36.79 1.26
N VAL C 82 -6.31 36.81 0.83
CA VAL C 82 -7.06 38.06 0.72
C VAL C 82 -7.39 38.68 2.06
N ASP C 83 -7.37 37.87 3.11
CA ASP C 83 -7.66 38.37 4.45
C ASP C 83 -6.37 38.92 5.05
N GLY C 84 -5.30 38.92 4.24
CA GLY C 84 -4.02 39.43 4.70
C GLY C 84 -2.97 38.40 5.07
N SER C 85 -3.38 37.36 5.78
CA SER C 85 -2.44 36.33 6.21
C SER C 85 -1.56 35.81 5.07
N PRO C 86 -0.28 35.54 5.36
CA PRO C 86 0.67 35.03 4.37
C PRO C 86 0.53 33.53 4.18
N LEU C 87 1.05 33.04 3.05
CA LEU C 87 1.00 31.63 2.77
C LEU C 87 2.05 30.93 3.63
N LEU C 88 1.61 30.05 4.52
CA LEU C 88 2.56 29.35 5.38
C LEU C 88 3.34 28.32 4.60
N PRO C 89 4.49 27.89 5.15
CA PRO C 89 5.32 26.88 4.48
C PRO C 89 4.66 25.50 4.46
N SER C 90 3.78 25.25 5.42
CA SER C 90 3.10 23.96 5.51
C SER C 90 2.04 23.80 4.41
N PHE C 91 1.84 24.86 3.63
CA PHE C 91 0.86 24.81 2.54
C PHE C 91 1.53 24.75 1.20
N LYS C 92 2.76 25.23 1.14
CA LYS C 92 3.52 25.26 -0.11
C LYS C 92 3.45 23.92 -0.82
N GLN C 93 3.21 22.86 -0.06
CA GLN C 93 3.12 21.51 -0.59
C GLN C 93 1.92 21.29 -1.55
N TYR C 94 0.88 22.10 -1.40
CA TYR C 94 -0.31 21.95 -2.22
C TYR C 94 -0.19 22.40 -3.66
N TRP C 95 0.90 23.10 -3.98
CA TRP C 95 1.12 23.55 -5.35
C TRP C 95 1.32 22.35 -6.26
N ASN C 96 0.73 22.39 -7.46
CA ASN C 96 0.91 21.28 -8.38
C ASN C 96 2.40 21.22 -8.73
N ARG C 97 2.85 20.08 -9.24
CA ARG C 97 4.25 19.90 -9.62
C ARG C 97 4.66 20.97 -10.63
N GLY C 98 5.72 21.71 -10.31
CA GLY C 98 6.20 22.76 -11.20
C GLY C 98 5.66 24.13 -10.86
N GLU C 99 4.51 24.16 -10.20
CA GLU C 99 3.86 25.40 -9.81
C GLU C 99 4.43 25.92 -8.49
N PRO C 100 4.38 27.24 -8.26
CA PRO C 100 3.82 28.26 -9.18
C PRO C 100 4.87 28.63 -10.24
N ASN C 101 4.47 28.69 -11.50
CA ASN C 101 5.39 29.00 -12.59
C ASN C 101 5.31 30.41 -13.18
N ASN C 102 4.19 31.10 -12.95
CA ASN C 102 4.05 32.47 -13.43
C ASN C 102 4.19 32.62 -14.95
N VAL C 103 3.93 31.56 -15.70
CA VAL C 103 4.05 31.64 -17.15
C VAL C 103 3.08 32.67 -17.72
N GLY C 104 3.62 33.67 -18.39
CA GLY C 104 2.77 34.71 -18.94
C GLY C 104 2.37 35.67 -17.83
N GLU C 105 2.99 35.52 -16.66
CA GLU C 105 2.71 36.35 -15.49
C GLU C 105 1.34 36.00 -14.87
N GLU C 106 1.35 35.01 -13.99
CA GLU C 106 0.13 34.53 -13.32
C GLU C 106 0.19 34.90 -11.85
N ASP C 107 -0.70 35.80 -11.43
CA ASP C 107 -0.68 36.24 -10.03
C ASP C 107 -1.82 35.81 -9.11
N CYS C 108 -2.77 35.04 -9.64
CA CYS C 108 -3.90 34.56 -8.85
C CYS C 108 -3.87 33.01 -8.77
N ALA C 109 -4.38 32.44 -7.67
CA ALA C 109 -4.35 30.99 -7.49
C ALA C 109 -5.71 30.28 -7.63
N GLU C 110 -5.67 29.07 -8.17
CA GLU C 110 -6.87 28.27 -8.38
C GLU C 110 -6.69 26.83 -7.94
N PHE C 111 -7.79 26.09 -7.89
CA PHE C 111 -7.72 24.68 -7.57
C PHE C 111 -7.69 23.98 -8.93
N SER C 112 -6.62 23.25 -9.19
CA SER C 112 -6.45 22.53 -10.44
C SER C 112 -6.16 21.05 -10.21
N GLY C 113 -7.17 20.22 -10.40
CA GLY C 113 -7.00 18.80 -10.21
C GLY C 113 -6.67 18.37 -8.78
N ASN C 114 -5.43 17.96 -8.59
CA ASN C 114 -4.92 17.46 -7.32
C ASN C 114 -4.41 18.54 -6.38
N GLY C 115 -3.96 19.66 -6.93
CA GLY C 115 -3.44 20.73 -6.09
C GLY C 115 -3.73 22.11 -6.63
N TRP C 116 -2.84 23.05 -6.32
CA TRP C 116 -2.99 24.43 -6.74
C TRP C 116 -2.18 24.82 -7.97
N ASN C 117 -2.63 25.87 -8.63
CA ASN C 117 -1.98 26.40 -9.81
C ASN C 117 -2.12 27.93 -9.90
N ASP C 118 -1.14 28.59 -10.48
CA ASP C 118 -1.23 30.04 -10.64
C ASP C 118 -1.66 30.33 -12.07
N ASP C 119 -2.56 31.28 -12.23
CA ASP C 119 -3.08 31.61 -13.53
C ASP C 119 -3.30 33.12 -13.69
N LYS C 120 -3.64 33.54 -14.90
CA LYS C 120 -3.90 34.94 -15.21
C LYS C 120 -5.18 35.38 -14.49
N CYS C 121 -5.08 36.47 -13.73
CA CYS C 121 -6.23 36.97 -12.99
C CYS C 121 -7.38 37.43 -13.86
N ASN C 122 -7.09 37.83 -15.09
CA ASN C 122 -8.14 38.30 -16.00
C ASN C 122 -9.09 37.19 -16.44
N LEU C 123 -8.64 35.94 -16.30
CA LEU C 123 -9.45 34.77 -16.68
C LEU C 123 -10.68 34.57 -15.83
N ALA C 124 -11.78 34.22 -16.49
CA ALA C 124 -13.03 33.95 -15.81
C ALA C 124 -13.00 32.49 -15.36
N LYS C 125 -13.22 32.26 -14.07
CA LYS C 125 -13.23 30.89 -13.53
C LYS C 125 -14.31 30.77 -12.48
N PHE C 126 -14.61 29.55 -12.06
CA PHE C 126 -15.60 29.37 -11.02
C PHE C 126 -14.89 29.76 -9.73
N TRP C 127 -15.66 30.12 -8.71
CA TRP C 127 -15.05 30.52 -7.46
C TRP C 127 -15.84 29.99 -6.27
N ILE C 128 -15.27 30.16 -5.08
CA ILE C 128 -15.88 29.70 -3.85
C ILE C 128 -15.88 30.76 -2.75
N CYS C 129 -17.05 31.06 -2.21
CA CYS C 129 -17.17 32.03 -1.11
C CYS C 129 -17.21 31.30 0.23
N LYS C 130 -16.66 31.94 1.26
CA LYS C 130 -16.63 31.35 2.60
C LYS C 130 -16.99 32.35 3.69
N LYS C 131 -17.76 31.88 4.68
CA LYS C 131 -18.14 32.69 5.81
C LYS C 131 -18.58 31.78 6.95
N SER C 132 -18.42 32.26 8.17
CA SER C 132 -18.77 31.49 9.36
C SER C 132 -20.25 31.15 9.42
N ALA C 133 -20.54 30.05 10.11
CA ALA C 133 -21.90 29.58 10.28
C ALA C 133 -22.64 30.35 11.38
N ALA C 134 -23.95 30.17 11.41
CA ALA C 134 -24.82 30.81 12.40
C ALA C 134 -24.46 30.40 13.83
N CYS D 5 15.72 -12.37 -19.02
CA CYS D 5 14.36 -12.97 -19.15
C CYS D 5 13.25 -11.94 -19.26
N HIS D 6 12.45 -12.04 -20.30
CA HIS D 6 11.32 -11.14 -20.50
C HIS D 6 10.06 -11.98 -20.33
N PRO D 7 9.45 -11.92 -19.13
CA PRO D 7 8.24 -12.67 -18.80
C PRO D 7 7.14 -12.34 -19.79
N CYS D 8 7.14 -11.10 -20.27
CA CYS D 8 6.15 -10.63 -21.22
C CYS D 8 6.75 -9.95 -22.43
N PRO D 9 6.00 -9.90 -23.55
CA PRO D 9 6.47 -9.26 -24.78
C PRO D 9 6.62 -7.76 -24.57
N TRP D 10 7.26 -7.11 -25.55
CA TRP D 10 7.49 -5.68 -25.50
C TRP D 10 6.19 -4.88 -25.26
N GLU D 11 6.24 -3.99 -24.27
CA GLU D 11 5.12 -3.14 -23.91
C GLU D 11 3.86 -3.85 -23.41
N TRP D 12 3.99 -5.13 -23.08
CA TRP D 12 2.85 -5.86 -22.53
C TRP D 12 3.01 -5.69 -21.02
N THR D 13 1.96 -5.95 -20.27
CA THR D 13 2.05 -5.79 -18.83
C THR D 13 1.97 -7.12 -18.10
N PHE D 14 2.95 -7.36 -17.23
CA PHE D 14 3.00 -8.60 -16.46
C PHE D 14 2.28 -8.51 -15.12
N PHE D 15 1.28 -9.36 -14.92
CA PHE D 15 0.52 -9.39 -13.69
C PHE D 15 0.15 -10.82 -13.31
N GLN D 16 0.69 -11.25 -12.18
CA GLN D 16 0.47 -12.58 -11.61
C GLN D 16 0.52 -13.77 -12.58
N GLY D 17 1.66 -13.94 -13.24
CA GLY D 17 1.82 -15.06 -14.15
C GLY D 17 1.25 -14.89 -15.54
N ASN D 18 0.62 -13.75 -15.77
CA ASN D 18 0.02 -13.50 -17.08
C ASN D 18 0.48 -12.21 -17.70
N CYS D 19 0.32 -12.09 -19.01
CA CYS D 19 0.69 -10.88 -19.71
C CYS D 19 -0.58 -10.23 -20.26
N TYR D 20 -0.64 -8.92 -20.17
CA TYR D 20 -1.81 -8.24 -20.66
C TYR D 20 -1.48 -7.16 -21.64
N PHE D 21 -2.40 -6.95 -22.57
CA PHE D 21 -2.21 -5.94 -23.58
C PHE D 21 -3.44 -5.06 -23.73
N MET D 22 -3.24 -3.78 -23.47
CA MET D 22 -4.29 -2.78 -23.60
C MET D 22 -4.10 -2.27 -25.03
N SER D 23 -5.11 -2.45 -25.86
CA SER D 23 -5.00 -2.03 -27.25
C SER D 23 -5.00 -0.52 -27.43
N ASN D 24 -4.61 -0.08 -28.61
CA ASN D 24 -4.63 1.34 -28.90
C ASN D 24 -5.71 1.62 -29.94
N SER D 25 -6.20 0.55 -30.56
CA SER D 25 -7.24 0.68 -31.57
C SER D 25 -8.58 0.21 -31.00
N GLN D 26 -9.65 0.49 -31.73
CA GLN D 26 -10.98 0.09 -31.29
C GLN D 26 -11.60 -0.88 -32.28
N ARG D 27 -12.23 -1.91 -31.75
CA ARG D 27 -12.87 -2.91 -32.60
C ARG D 27 -14.14 -3.46 -31.96
N ASN D 28 -15.03 -4.00 -32.77
CA ASN D 28 -16.23 -4.58 -32.20
C ASN D 28 -15.76 -5.78 -31.39
N TRP D 29 -16.64 -6.33 -30.59
CA TRP D 29 -16.27 -7.45 -29.75
C TRP D 29 -15.59 -8.56 -30.55
N HIS D 30 -16.26 -9.05 -31.58
CA HIS D 30 -15.71 -10.14 -32.40
C HIS D 30 -14.36 -9.86 -33.04
N ASP D 31 -14.19 -8.69 -33.63
CA ASP D 31 -12.92 -8.36 -34.23
C ASP D 31 -11.81 -8.34 -33.20
N SER D 32 -12.16 -8.06 -31.95
CA SER D 32 -11.20 -8.00 -30.86
C SER D 32 -10.76 -9.40 -30.50
N ILE D 33 -11.74 -10.30 -30.43
CA ILE D 33 -11.47 -11.68 -30.12
C ILE D 33 -10.45 -12.23 -31.11
N THR D 34 -10.72 -12.04 -32.39
CA THR D 34 -9.84 -12.53 -33.42
C THR D 34 -8.47 -11.87 -33.30
N ALA D 35 -8.47 -10.57 -33.04
CA ALA D 35 -7.23 -9.82 -32.92
C ALA D 35 -6.26 -10.42 -31.89
N CYS D 36 -6.78 -10.85 -30.75
CA CYS D 36 -5.92 -11.44 -29.73
C CYS D 36 -5.43 -12.81 -30.17
N LYS D 37 -6.18 -13.46 -31.04
CA LYS D 37 -5.79 -14.77 -31.53
C LYS D 37 -4.52 -14.69 -32.39
N GLU D 38 -4.34 -13.56 -33.06
CA GLU D 38 -3.17 -13.35 -33.90
C GLU D 38 -1.86 -13.54 -33.16
N VAL D 39 -1.82 -13.12 -31.91
CA VAL D 39 -0.60 -13.24 -31.12
C VAL D 39 -0.67 -14.31 -30.05
N GLY D 40 -1.56 -15.27 -30.22
CA GLY D 40 -1.68 -16.37 -29.26
C GLY D 40 -2.27 -15.96 -27.93
N ALA D 41 -3.09 -14.91 -27.94
CA ALA D 41 -3.71 -14.41 -26.72
C ALA D 41 -5.22 -14.59 -26.82
N GLN D 42 -5.93 -14.13 -25.79
CA GLN D 42 -7.37 -14.23 -25.74
C GLN D 42 -8.02 -13.01 -25.08
N LEU D 43 -9.16 -12.54 -25.59
CA LEU D 43 -9.87 -11.40 -25.02
C LEU D 43 -10.00 -11.67 -23.52
N VAL D 44 -9.39 -10.81 -22.71
CA VAL D 44 -9.34 -11.01 -21.27
C VAL D 44 -10.49 -11.74 -20.55
N VAL D 45 -10.17 -12.92 -20.05
CA VAL D 45 -11.10 -13.72 -19.29
C VAL D 45 -10.61 -13.53 -17.87
N ILE D 46 -11.48 -13.04 -17.00
CA ILE D 46 -11.10 -12.79 -15.61
C ILE D 46 -11.28 -14.00 -14.70
N LYS D 47 -10.25 -14.34 -13.94
CA LYS D 47 -10.32 -15.48 -13.04
C LYS D 47 -10.35 -15.18 -11.55
N SER D 48 -9.96 -13.97 -11.15
CA SER D 48 -9.97 -13.61 -9.73
C SER D 48 -10.29 -12.14 -9.43
N ALA D 49 -10.67 -11.89 -8.17
CA ALA D 49 -11.01 -10.56 -7.71
C ALA D 49 -9.87 -9.59 -7.95
N GLU D 50 -8.66 -10.03 -7.63
CA GLU D 50 -7.46 -9.22 -7.79
C GLU D 50 -7.23 -8.89 -9.24
N GLU D 51 -7.45 -9.86 -10.11
CA GLU D 51 -7.25 -9.63 -11.54
C GLU D 51 -8.25 -8.55 -11.93
N GLN D 52 -9.48 -8.70 -11.44
CA GLN D 52 -10.54 -7.75 -11.70
C GLN D 52 -10.15 -6.36 -11.22
N ASN D 53 -9.68 -6.23 -9.99
CA ASN D 53 -9.30 -4.93 -9.47
C ASN D 53 -8.22 -4.30 -10.33
N PHE D 54 -7.29 -5.13 -10.77
CA PHE D 54 -6.20 -4.67 -11.61
C PHE D 54 -6.71 -4.10 -12.94
N LEU D 55 -7.46 -4.93 -13.66
CA LEU D 55 -8.02 -4.56 -14.95
C LEU D 55 -8.96 -3.36 -14.89
N GLN D 56 -9.86 -3.34 -13.91
CA GLN D 56 -10.80 -2.24 -13.78
C GLN D 56 -10.09 -0.90 -13.69
N LEU D 57 -9.05 -0.83 -12.86
CA LEU D 57 -8.30 0.41 -12.71
C LEU D 57 -7.52 0.81 -13.95
N GLN D 58 -6.97 -0.17 -14.66
CA GLN D 58 -6.21 0.13 -15.87
C GLN D 58 -7.17 0.82 -16.83
N SER D 59 -8.33 0.24 -16.97
CA SER D 59 -9.37 0.75 -17.83
C SER D 59 -9.82 2.16 -17.42
N SER D 60 -10.07 2.37 -16.13
CA SER D 60 -10.45 3.69 -15.63
C SER D 60 -9.40 4.75 -15.91
N ARG D 61 -8.19 4.54 -15.39
CA ARG D 61 -7.11 5.49 -15.60
C ARG D 61 -6.92 5.88 -17.07
N SER D 62 -7.17 4.94 -17.98
CA SER D 62 -7.00 5.23 -19.39
C SER D 62 -8.19 5.98 -20.00
N ASN D 63 -9.25 6.18 -19.22
CA ASN D 63 -10.44 6.89 -19.70
C ASN D 63 -11.01 6.30 -20.98
N ARG D 64 -10.93 4.99 -21.10
CA ARG D 64 -11.42 4.34 -22.30
C ARG D 64 -12.35 3.18 -21.97
N PHE D 65 -13.42 3.05 -22.73
CA PHE D 65 -14.33 1.93 -22.51
C PHE D 65 -13.62 0.77 -23.21
N THR D 66 -13.54 -0.36 -22.51
CA THR D 66 -12.79 -1.51 -22.99
C THR D 66 -13.51 -2.84 -22.93
N TRP D 67 -13.44 -3.61 -24.00
CA TRP D 67 -14.10 -4.93 -24.05
C TRP D 67 -13.35 -5.96 -23.21
N MET D 68 -14.09 -6.93 -22.68
CA MET D 68 -13.53 -8.05 -21.94
C MET D 68 -14.21 -9.30 -22.58
N GLY D 69 -13.59 -10.46 -22.46
CA GLY D 69 -14.16 -11.65 -23.07
C GLY D 69 -15.37 -12.24 -22.35
N LEU D 70 -16.44 -11.46 -22.25
CA LEU D 70 -17.66 -11.90 -21.58
C LEU D 70 -18.88 -11.48 -22.37
N SER D 71 -19.89 -12.34 -22.44
CA SER D 71 -21.10 -12.03 -23.19
C SER D 71 -22.30 -12.90 -22.83
N ASP D 72 -23.48 -12.47 -23.25
CA ASP D 72 -24.70 -13.26 -23.00
C ASP D 72 -25.37 -13.45 -24.38
N LEU D 73 -24.52 -13.36 -25.41
CA LEU D 73 -24.90 -13.52 -26.80
C LEU D 73 -25.66 -14.80 -27.09
N ASN D 74 -25.10 -15.93 -26.69
CA ASN D 74 -25.72 -17.22 -26.93
C ASN D 74 -26.98 -17.45 -26.10
N GLN D 75 -27.07 -16.83 -24.93
CA GLN D 75 -28.24 -16.99 -24.07
C GLN D 75 -28.52 -15.74 -23.21
N GLU D 76 -29.48 -14.91 -23.63
CA GLU D 76 -29.79 -13.69 -22.91
C GLU D 76 -29.96 -13.96 -21.42
N GLY D 77 -29.40 -13.07 -20.61
CA GLY D 77 -29.48 -13.22 -19.16
C GLY D 77 -28.39 -14.10 -18.59
N THR D 78 -27.78 -14.94 -19.43
CA THR D 78 -26.72 -15.83 -18.96
C THR D 78 -25.35 -15.41 -19.51
N TRP D 79 -24.45 -15.00 -18.62
CA TRP D 79 -23.14 -14.54 -19.05
C TRP D 79 -22.05 -15.60 -19.03
N GLN D 80 -21.24 -15.61 -20.09
CA GLN D 80 -20.18 -16.59 -20.24
C GLN D 80 -18.88 -16.03 -20.81
N TRP D 81 -17.76 -16.51 -20.28
CA TRP D 81 -16.44 -16.08 -20.74
C TRP D 81 -16.11 -16.76 -22.07
N VAL D 82 -15.27 -16.11 -22.87
CA VAL D 82 -14.92 -16.65 -24.18
C VAL D 82 -14.18 -17.99 -24.15
N ASP D 83 -13.90 -18.50 -22.95
CA ASP D 83 -13.22 -19.78 -22.86
C ASP D 83 -14.18 -20.85 -22.33
N GLY D 84 -15.47 -20.57 -22.47
CA GLY D 84 -16.47 -21.52 -22.03
C GLY D 84 -16.91 -21.42 -20.58
N SER D 85 -16.02 -20.96 -19.71
CA SER D 85 -16.36 -20.85 -18.29
C SER D 85 -17.54 -19.93 -18.06
N PRO D 86 -18.39 -20.25 -17.08
CA PRO D 86 -19.58 -19.48 -16.75
C PRO D 86 -19.25 -18.33 -15.79
N LEU D 87 -20.13 -17.35 -15.71
CA LEU D 87 -19.90 -16.23 -14.81
C LEU D 87 -20.29 -16.58 -13.39
N LEU D 88 -19.29 -16.82 -12.56
CA LEU D 88 -19.51 -17.18 -11.17
C LEU D 88 -20.26 -16.05 -10.45
N PRO D 89 -21.18 -16.42 -9.54
CA PRO D 89 -21.99 -15.48 -8.75
C PRO D 89 -21.16 -14.47 -7.98
N SER D 90 -19.93 -14.83 -7.66
CA SER D 90 -19.06 -13.94 -6.90
C SER D 90 -18.66 -12.72 -7.74
N PHE D 91 -18.82 -12.81 -9.06
CA PHE D 91 -18.44 -11.71 -9.92
C PHE D 91 -19.59 -10.78 -10.28
N LYS D 92 -20.80 -11.11 -9.82
CA LYS D 92 -21.96 -10.29 -10.13
C LYS D 92 -21.90 -8.91 -9.49
N GLN D 93 -21.15 -8.80 -8.40
CA GLN D 93 -21.01 -7.54 -7.71
C GLN D 93 -20.31 -6.50 -8.59
N TYR D 94 -19.58 -6.99 -9.59
CA TYR D 94 -18.82 -6.13 -10.48
C TYR D 94 -19.61 -5.30 -11.48
N TRP D 95 -20.88 -5.63 -11.70
CA TRP D 95 -21.70 -4.85 -12.63
C TRP D 95 -22.01 -3.47 -12.02
N ASN D 96 -22.03 -2.43 -12.86
CA ASN D 96 -22.35 -1.12 -12.36
C ASN D 96 -23.79 -1.18 -11.90
N ARG D 97 -24.23 -0.15 -11.17
CA ARG D 97 -25.59 -0.09 -10.67
C ARG D 97 -26.56 -0.19 -11.85
N GLY D 98 -27.63 -0.97 -11.69
CA GLY D 98 -28.63 -1.13 -12.72
C GLY D 98 -28.26 -2.04 -13.90
N GLU D 99 -26.99 -2.43 -14.00
CA GLU D 99 -26.54 -3.30 -15.08
C GLU D 99 -26.52 -4.78 -14.69
N PRO D 100 -26.62 -5.68 -15.67
CA PRO D 100 -26.76 -5.44 -17.12
C PRO D 100 -28.23 -5.18 -17.50
N ASN D 101 -28.51 -4.03 -18.10
CA ASN D 101 -29.88 -3.65 -18.48
C ASN D 101 -30.35 -4.03 -19.88
N ASN D 102 -29.44 -4.45 -20.75
CA ASN D 102 -29.75 -4.88 -22.11
C ASN D 102 -30.43 -3.86 -23.03
N VAL D 103 -30.47 -2.60 -22.63
CA VAL D 103 -31.10 -1.56 -23.43
C VAL D 103 -30.63 -1.54 -24.88
N GLY D 104 -31.58 -1.63 -25.81
CA GLY D 104 -31.26 -1.63 -27.22
C GLY D 104 -30.51 -2.89 -27.57
N GLU D 105 -30.69 -3.92 -26.75
CA GLU D 105 -30.05 -5.23 -26.91
C GLU D 105 -28.52 -5.15 -26.73
N GLU D 106 -28.03 -5.54 -25.55
CA GLU D 106 -26.60 -5.50 -25.23
C GLU D 106 -26.10 -6.86 -24.77
N ASP D 107 -25.25 -7.48 -25.57
CA ASP D 107 -24.77 -8.80 -25.21
C ASP D 107 -23.29 -8.95 -24.94
N CYS D 108 -22.57 -7.82 -24.94
CA CYS D 108 -21.13 -7.82 -24.69
C CYS D 108 -20.73 -6.94 -23.51
N ALA D 109 -19.84 -7.44 -22.66
CA ALA D 109 -19.38 -6.73 -21.46
C ALA D 109 -18.15 -5.83 -21.65
N GLU D 110 -18.15 -4.70 -20.95
CA GLU D 110 -17.04 -3.74 -21.02
C GLU D 110 -16.72 -3.12 -19.66
N PHE D 111 -15.50 -2.61 -19.54
CA PHE D 111 -15.08 -1.94 -18.32
C PHE D 111 -15.59 -0.51 -18.47
N SER D 112 -16.41 -0.10 -17.52
CA SER D 112 -16.99 1.23 -17.53
C SER D 112 -16.81 1.85 -16.16
N GLY D 113 -15.84 2.74 -16.04
CA GLY D 113 -15.61 3.41 -14.79
C GLY D 113 -15.28 2.51 -13.61
N ASN D 114 -16.21 2.42 -12.68
CA ASN D 114 -16.02 1.63 -11.48
C ASN D 114 -16.33 0.15 -11.66
N GLY D 115 -17.14 -0.17 -12.66
CA GLY D 115 -17.50 -1.56 -12.85
C GLY D 115 -17.76 -1.97 -14.28
N TRP D 116 -18.70 -2.90 -14.44
CA TRP D 116 -19.03 -3.44 -15.74
C TRP D 116 -20.33 -2.95 -16.34
N ASN D 117 -20.35 -2.91 -17.67
CA ASN D 117 -21.55 -2.54 -18.39
C ASN D 117 -21.75 -3.36 -19.64
N ASP D 118 -22.99 -3.72 -19.93
CA ASP D 118 -23.25 -4.45 -21.14
C ASP D 118 -23.57 -3.42 -22.22
N ASP D 119 -22.94 -3.56 -23.37
CA ASP D 119 -23.16 -2.67 -24.50
C ASP D 119 -23.35 -3.48 -25.79
N LYS D 120 -23.66 -2.79 -26.89
CA LYS D 120 -23.88 -3.45 -28.17
C LYS D 120 -22.57 -3.95 -28.75
N CYS D 121 -22.53 -5.25 -29.05
CA CYS D 121 -21.33 -5.91 -29.57
C CYS D 121 -20.68 -5.33 -30.82
N ASN D 122 -21.44 -4.62 -31.64
CA ASN D 122 -20.89 -4.05 -32.88
C ASN D 122 -20.02 -2.81 -32.66
N LEU D 123 -20.15 -2.20 -31.48
CA LEU D 123 -19.38 -1.00 -31.19
C LEU D 123 -17.86 -1.23 -31.14
N ALA D 124 -17.13 -0.26 -31.67
CA ALA D 124 -15.67 -0.29 -31.68
C ALA D 124 -15.20 0.24 -30.34
N LYS D 125 -14.39 -0.54 -29.65
CA LYS D 125 -13.89 -0.14 -28.35
C LYS D 125 -12.50 -0.71 -28.16
N PHE D 126 -11.81 -0.21 -27.15
CA PHE D 126 -10.48 -0.72 -26.86
C PHE D 126 -10.72 -2.08 -26.24
N TRP D 127 -9.68 -2.90 -26.20
CA TRP D 127 -9.84 -4.22 -25.65
C TRP D 127 -8.54 -4.67 -25.00
N ILE D 128 -8.62 -5.70 -24.18
CA ILE D 128 -7.44 -6.20 -23.50
C ILE D 128 -7.20 -7.69 -23.76
N CYS D 129 -6.00 -8.01 -24.22
CA CYS D 129 -5.63 -9.40 -24.48
C CYS D 129 -4.87 -9.93 -23.29
N LYS D 130 -5.00 -11.24 -23.08
CA LYS D 130 -4.31 -11.91 -21.98
C LYS D 130 -3.74 -13.25 -22.46
N LYS D 131 -2.68 -13.67 -21.78
CA LYS D 131 -2.01 -14.95 -22.03
C LYS D 131 -0.97 -15.11 -20.93
N SER D 132 -0.58 -16.35 -20.65
CA SER D 132 0.39 -16.59 -19.58
C SER D 132 1.80 -16.11 -19.93
N ALA D 133 2.58 -15.84 -18.89
CA ALA D 133 3.95 -15.36 -19.05
C ALA D 133 4.87 -16.43 -19.63
N ALA D 134 5.98 -15.96 -20.17
CA ALA D 134 6.99 -16.83 -20.77
C ALA D 134 7.47 -17.93 -19.82
N SER D 135 8.10 -18.95 -20.40
CA SER D 135 8.62 -20.09 -19.63
C SER D 135 9.49 -19.66 -18.46
N CYS D 136 10.27 -18.61 -18.65
CA CYS D 136 11.13 -18.13 -17.57
C CYS D 136 10.35 -17.33 -16.52
N PRO E 7 30.34 3.86 -17.80
CA PRO E 7 28.86 3.65 -17.76
C PRO E 7 28.26 3.95 -16.38
N CYS E 8 28.88 3.40 -15.34
CA CYS E 8 28.41 3.61 -13.97
C CYS E 8 29.55 4.11 -13.07
N PRO E 9 29.22 4.88 -12.02
CA PRO E 9 30.25 5.37 -11.11
C PRO E 9 30.89 4.15 -10.43
N TRP E 10 32.05 4.33 -9.81
CA TRP E 10 32.73 3.23 -9.16
C TRP E 10 31.86 2.43 -8.19
N GLU E 11 31.78 1.13 -8.44
CA GLU E 11 31.02 0.19 -7.62
C GLU E 11 29.51 0.16 -7.78
N TRP E 12 28.96 1.11 -8.52
CA TRP E 12 27.53 1.11 -8.74
C TRP E 12 27.25 -0.05 -9.67
N THR E 13 25.99 -0.45 -9.78
CA THR E 13 25.64 -1.58 -10.63
C THR E 13 24.76 -1.17 -11.81
N PHE E 14 25.15 -1.62 -13.00
CA PHE E 14 24.42 -1.30 -14.22
C PHE E 14 23.28 -2.27 -14.49
N PHE E 15 22.13 -1.72 -14.86
CA PHE E 15 20.97 -2.56 -15.19
C PHE E 15 20.01 -1.81 -16.10
N GLN E 16 19.88 -2.32 -17.32
CA GLN E 16 19.01 -1.73 -18.32
C GLN E 16 19.05 -0.19 -18.39
N GLY E 17 20.23 0.35 -18.64
CA GLY E 17 20.40 1.77 -18.79
C GLY E 17 20.58 2.62 -17.54
N ASN E 18 20.38 2.03 -16.37
CA ASN E 18 20.52 2.80 -15.14
C ASN E 18 21.53 2.17 -14.21
N CYS E 19 22.06 2.99 -13.30
CA CYS E 19 23.04 2.52 -12.32
C CYS E 19 22.45 2.53 -10.93
N TYR E 20 22.68 1.45 -10.18
CA TYR E 20 22.13 1.35 -8.85
C TYR E 20 23.21 1.25 -7.78
N PHE E 21 22.95 1.91 -6.67
CA PHE E 21 23.87 1.89 -5.55
C PHE E 21 23.20 1.30 -4.32
N MET E 22 23.73 0.17 -3.86
CA MET E 22 23.20 -0.46 -2.67
C MET E 22 24.04 0.05 -1.53
N SER E 23 23.41 0.73 -0.58
CA SER E 23 24.16 1.28 0.54
C SER E 23 24.62 0.20 1.50
N ASN E 24 25.66 0.51 2.27
CA ASN E 24 26.14 -0.41 3.28
C ASN E 24 25.72 0.15 4.62
N SER E 25 25.27 1.39 4.61
CA SER E 25 24.82 2.06 5.83
C SER E 25 23.27 2.06 5.94
N GLN E 26 22.77 2.15 7.15
CA GLN E 26 21.32 2.17 7.40
C GLN E 26 20.85 3.54 7.90
N ARG E 27 19.83 4.07 7.24
CA ARG E 27 19.28 5.38 7.60
C ARG E 27 17.75 5.33 7.55
N ASN E 28 17.09 6.30 8.19
CA ASN E 28 15.64 6.32 8.14
C ASN E 28 15.24 6.75 6.74
N TRP E 29 14.01 6.46 6.36
CA TRP E 29 13.55 6.80 5.02
C TRP E 29 14.00 8.17 4.50
N HIS E 30 13.58 9.23 5.18
CA HIS E 30 13.94 10.60 4.77
C HIS E 30 15.43 10.85 4.57
N ASP E 31 16.24 10.43 5.53
CA ASP E 31 17.68 10.61 5.42
C ASP E 31 18.22 9.84 4.23
N SER E 32 17.56 8.74 3.90
CA SER E 32 17.99 7.93 2.77
C SER E 32 17.71 8.70 1.49
N ILE E 33 16.61 9.45 1.48
CA ILE E 33 16.24 10.23 0.30
C ILE E 33 17.29 11.30 0.04
N THR E 34 17.61 12.07 1.07
CA THR E 34 18.58 13.13 0.95
C THR E 34 19.94 12.58 0.49
N ALA E 35 20.33 11.44 1.06
CA ALA E 35 21.59 10.81 0.73
C ALA E 35 21.73 10.57 -0.77
N CYS E 36 20.72 9.96 -1.37
CA CYS E 36 20.75 9.70 -2.81
C CYS E 36 20.88 11.00 -3.60
N LYS E 37 20.32 12.06 -3.06
CA LYS E 37 20.37 13.34 -3.74
C LYS E 37 21.78 13.94 -3.82
N GLU E 38 22.60 13.72 -2.79
CA GLU E 38 23.96 14.26 -2.77
C GLU E 38 24.81 13.80 -3.94
N VAL E 39 24.37 12.78 -4.65
CA VAL E 39 25.12 12.29 -5.80
C VAL E 39 24.25 12.34 -7.03
N GLY E 40 23.26 13.23 -7.00
CA GLY E 40 22.35 13.41 -8.11
C GLY E 40 21.58 12.16 -8.49
N ALA E 41 21.23 11.36 -7.48
CA ALA E 41 20.48 10.13 -7.74
C ALA E 41 19.20 10.19 -6.92
N GLN E 42 18.44 9.11 -6.96
CA GLN E 42 17.16 9.09 -6.26
C GLN E 42 16.85 7.73 -5.62
N LEU E 43 16.19 7.75 -4.46
CA LEU E 43 15.78 6.53 -3.78
C LEU E 43 14.97 5.75 -4.82
N VAL E 44 15.55 4.66 -5.29
CA VAL E 44 14.93 3.85 -6.33
C VAL E 44 13.42 3.89 -6.49
N VAL E 45 13.00 4.26 -7.70
CA VAL E 45 11.60 4.32 -8.10
C VAL E 45 11.52 3.24 -9.17
N ILE E 46 10.81 2.15 -8.89
CA ILE E 46 10.72 1.06 -9.86
C ILE E 46 9.74 1.38 -10.98
N LYS E 47 10.10 1.01 -12.20
CA LYS E 47 9.27 1.30 -13.35
C LYS E 47 9.02 0.14 -14.32
N SER E 48 9.41 -1.07 -13.92
CA SER E 48 9.16 -2.23 -14.77
C SER E 48 9.26 -3.52 -13.99
N ALA E 49 8.53 -4.53 -14.47
CA ALA E 49 8.54 -5.84 -13.84
C ALA E 49 9.98 -6.36 -13.78
N GLU E 50 10.68 -6.23 -14.91
CA GLU E 50 12.05 -6.70 -15.00
C GLU E 50 12.94 -6.00 -13.98
N GLU E 51 12.69 -4.72 -13.73
CA GLU E 51 13.49 -3.97 -12.77
C GLU E 51 13.13 -4.39 -11.32
N GLN E 52 11.84 -4.52 -11.04
CA GLN E 52 11.37 -4.93 -9.73
C GLN E 52 12.03 -6.27 -9.38
N ASN E 53 12.08 -7.16 -10.37
CA ASN E 53 12.70 -8.46 -10.16
C ASN E 53 14.18 -8.28 -9.87
N PHE E 54 14.84 -7.43 -10.64
CA PHE E 54 16.26 -7.18 -10.44
C PHE E 54 16.57 -6.74 -9.00
N LEU E 55 15.80 -5.77 -8.51
CA LEU E 55 15.99 -5.26 -7.16
C LEU E 55 15.57 -6.21 -6.04
N GLN E 56 14.39 -6.81 -6.18
CA GLN E 56 13.91 -7.73 -5.16
C GLN E 56 14.92 -8.84 -4.94
N LEU E 57 15.63 -9.21 -6.00
CA LEU E 57 16.65 -10.25 -5.92
C LEU E 57 17.89 -9.75 -5.21
N GLN E 58 18.44 -8.63 -5.66
CA GLN E 58 19.62 -8.09 -5.02
C GLN E 58 19.38 -8.02 -3.52
N SER E 59 18.24 -7.44 -3.13
CA SER E 59 17.90 -7.28 -1.72
C SER E 59 17.75 -8.61 -1.01
N SER E 60 16.96 -9.48 -1.60
CA SER E 60 16.68 -10.80 -1.05
C SER E 60 17.96 -11.58 -0.80
N ARG E 61 18.81 -11.65 -1.81
CA ARG E 61 20.07 -12.38 -1.72
C ARG E 61 21.05 -11.78 -0.73
N SER E 62 21.07 -10.45 -0.63
CA SER E 62 21.97 -9.80 0.29
C SER E 62 21.40 -9.88 1.69
N ASN E 63 20.21 -10.43 1.82
CA ASN E 63 19.56 -10.56 3.13
C ASN E 63 19.50 -9.25 3.92
N ARG E 64 19.04 -8.19 3.25
CA ARG E 64 18.94 -6.88 3.88
C ARG E 64 17.62 -6.20 3.60
N PHE E 65 16.97 -5.72 4.66
CA PHE E 65 15.72 -5.01 4.50
C PHE E 65 16.12 -3.65 3.94
N THR E 66 15.57 -3.33 2.79
CA THR E 66 15.91 -2.10 2.08
C THR E 66 14.78 -1.22 1.63
N TRP E 67 14.97 0.07 1.86
CA TRP E 67 14.03 1.09 1.49
C TRP E 67 13.93 1.26 -0.03
N MET E 68 12.76 1.62 -0.52
CA MET E 68 12.58 1.94 -1.93
C MET E 68 11.90 3.33 -1.84
N GLY E 69 11.89 4.09 -2.93
CA GLY E 69 11.28 5.41 -2.88
C GLY E 69 9.76 5.42 -2.99
N LEU E 70 9.10 4.74 -2.07
CA LEU E 70 7.65 4.66 -2.10
C LEU E 70 7.03 4.93 -0.74
N SER E 71 5.92 5.66 -0.70
CA SER E 71 5.27 5.94 0.56
C SER E 71 3.81 6.33 0.44
N ASP E 72 3.14 6.29 1.59
CA ASP E 72 1.75 6.69 1.66
C ASP E 72 1.68 7.68 2.84
N LEU E 73 2.78 8.42 2.99
CA LEU E 73 2.89 9.44 4.03
C LEU E 73 1.90 10.59 3.80
N ASN E 74 1.68 10.93 2.53
CA ASN E 74 0.78 12.01 2.20
C ASN E 74 -0.68 11.67 2.46
N GLN E 75 -1.12 10.50 1.99
CA GLN E 75 -2.50 10.08 2.18
C GLN E 75 -2.53 8.57 2.48
N GLU E 76 -2.80 8.22 3.73
CA GLU E 76 -2.85 6.83 4.14
C GLU E 76 -3.63 5.99 3.13
N GLY E 77 -3.03 4.87 2.74
CA GLY E 77 -3.67 4.00 1.78
C GLY E 77 -3.35 4.32 0.33
N THR E 78 -2.73 5.47 0.10
CA THR E 78 -2.37 5.88 -1.26
C THR E 78 -0.87 5.95 -1.42
N TRP E 79 -0.30 5.02 -2.16
CA TRP E 79 1.14 4.99 -2.35
C TRP E 79 1.64 5.80 -3.51
N GLN E 80 2.74 6.52 -3.29
CA GLN E 80 3.34 7.36 -4.30
C GLN E 80 4.86 7.28 -4.30
N TRP E 81 5.45 7.29 -5.48
CA TRP E 81 6.90 7.27 -5.61
C TRP E 81 7.40 8.67 -5.32
N VAL E 82 8.68 8.80 -4.98
CA VAL E 82 9.24 10.10 -4.64
C VAL E 82 9.43 11.06 -5.79
N ASP E 83 9.19 10.60 -7.01
CA ASP E 83 9.33 11.46 -8.16
C ASP E 83 7.94 11.96 -8.47
N GLY E 84 7.04 11.79 -7.49
CA GLY E 84 5.67 12.22 -7.65
C GLY E 84 4.73 11.24 -8.34
N SER E 85 5.27 10.32 -9.14
CA SER E 85 4.42 9.36 -9.85
C SER E 85 3.62 8.44 -8.94
N PRO E 86 2.43 8.03 -9.39
CA PRO E 86 1.55 7.15 -8.62
C PRO E 86 1.91 5.68 -8.77
N LEU E 87 1.38 4.85 -7.88
CA LEU E 87 1.64 3.43 -7.92
C LEU E 87 0.70 2.74 -8.89
N LEU E 88 1.25 2.19 -9.98
CA LEU E 88 0.46 1.50 -10.97
C LEU E 88 -0.30 0.33 -10.37
N PRO E 89 -1.50 0.02 -10.92
CA PRO E 89 -2.34 -1.08 -10.43
C PRO E 89 -1.63 -2.42 -10.45
N SER E 90 -0.95 -2.71 -11.56
CA SER E 90 -0.23 -3.96 -11.70
C SER E 90 0.85 -4.15 -10.66
N PHE E 91 1.30 -3.06 -10.05
CA PHE E 91 2.35 -3.20 -9.05
C PHE E 91 1.90 -3.67 -7.68
N LYS E 92 0.58 -3.72 -7.45
CA LYS E 92 0.10 -4.16 -6.15
C LYS E 92 0.37 -5.64 -5.86
N GLN E 93 0.71 -6.39 -6.90
CA GLN E 93 1.00 -7.81 -6.77
C GLN E 93 2.32 -8.04 -5.99
N TYR E 94 3.15 -7.01 -5.94
CA TYR E 94 4.45 -7.13 -5.29
C TYR E 94 4.47 -7.02 -3.76
N TRP E 95 3.32 -6.68 -3.15
CA TRP E 95 3.25 -6.59 -1.70
C TRP E 95 3.28 -8.01 -1.15
N ASN E 96 3.97 -8.22 -0.02
CA ASN E 96 3.99 -9.56 0.56
C ASN E 96 2.58 -9.85 0.99
N ARG E 97 2.22 -11.11 1.09
CA ARG E 97 0.87 -11.49 1.50
C ARG E 97 0.50 -10.73 2.78
N GLY E 98 -0.67 -10.10 2.79
CA GLY E 98 -1.10 -9.36 3.96
C GLY E 98 -0.64 -7.91 4.03
N GLU E 99 0.29 -7.53 3.16
CA GLU E 99 0.78 -6.16 3.16
C GLU E 99 0.07 -5.39 2.06
N PRO E 100 -0.07 -4.06 2.21
CA PRO E 100 0.41 -3.27 3.36
C PRO E 100 -0.58 -3.31 4.50
N ASN E 101 -0.10 -3.47 5.73
CA ASN E 101 -0.97 -3.54 6.91
C ASN E 101 -0.96 -2.29 7.81
N ASN E 102 -0.02 -1.40 7.60
CA ASN E 102 0.06 -0.17 8.38
C ASN E 102 0.09 -0.41 9.91
N VAL E 103 0.44 -1.62 10.33
CA VAL E 103 0.48 -1.90 11.76
C VAL E 103 1.50 -0.99 12.43
N GLY E 104 1.09 -0.37 13.53
CA GLY E 104 1.97 0.55 14.23
C GLY E 104 2.19 1.84 13.47
N GLU E 105 1.48 1.99 12.34
CA GLU E 105 1.57 3.15 11.46
C GLU E 105 2.84 3.10 10.60
N GLU E 106 2.73 2.41 9.48
CA GLU E 106 3.84 2.23 8.54
C GLU E 106 3.54 2.91 7.21
N ASP E 107 4.31 3.96 6.91
CA ASP E 107 4.09 4.71 5.68
C ASP E 107 5.22 4.72 4.66
N CYS E 108 6.14 3.76 4.78
CA CYS E 108 7.26 3.66 3.86
C CYS E 108 7.46 2.22 3.40
N ALA E 109 7.80 2.05 2.12
CA ALA E 109 7.99 0.73 1.53
C ALA E 109 9.43 0.22 1.55
N GLU E 110 9.59 -1.10 1.73
CA GLU E 110 10.90 -1.73 1.78
C GLU E 110 10.84 -3.11 1.11
N PHE E 111 11.94 -3.51 0.49
CA PHE E 111 12.00 -4.85 -0.10
C PHE E 111 12.14 -5.78 1.11
N SER E 112 11.28 -6.78 1.18
CA SER E 112 11.33 -7.73 2.29
C SER E 112 11.08 -9.13 1.78
N GLY E 113 12.16 -9.89 1.65
CA GLY E 113 12.03 -11.25 1.19
C GLY E 113 11.59 -11.31 -0.25
N ASN E 114 10.51 -12.04 -0.51
CA ASN E 114 10.00 -12.19 -1.86
C ASN E 114 9.28 -10.95 -2.38
N GLY E 115 8.77 -10.12 -1.47
CA GLY E 115 8.05 -8.94 -1.92
C GLY E 115 8.27 -7.63 -1.19
N TRP E 116 7.20 -6.85 -1.07
CA TRP E 116 7.24 -5.53 -0.44
C TRP E 116 6.51 -5.51 0.90
N ASN E 117 6.98 -4.67 1.80
CA ASN E 117 6.32 -4.52 3.08
C ASN E 117 6.42 -3.07 3.52
N ASP E 118 5.36 -2.57 4.15
CA ASP E 118 5.36 -1.21 4.63
C ASP E 118 5.85 -1.25 6.09
N ASP E 119 6.78 -0.35 6.43
CA ASP E 119 7.32 -0.30 7.79
C ASP E 119 7.41 1.15 8.27
N LYS E 120 7.76 1.36 9.54
CA LYS E 120 7.84 2.72 10.10
C LYS E 120 9.01 3.51 9.50
N CYS E 121 8.72 4.67 8.95
CA CYS E 121 9.73 5.52 8.30
C CYS E 121 10.90 5.99 9.18
N ASN E 122 10.75 5.90 10.49
CA ASN E 122 11.80 6.33 11.40
C ASN E 122 12.89 5.26 11.57
N LEU E 123 12.62 4.06 11.07
CA LEU E 123 13.59 3.00 11.21
C LEU E 123 14.78 3.16 10.28
N ALA E 124 15.95 2.74 10.74
CA ALA E 124 17.14 2.82 9.90
C ALA E 124 17.17 1.50 9.14
N LYS E 125 17.35 1.59 7.83
CA LYS E 125 17.40 0.42 6.97
C LYS E 125 18.38 0.73 5.88
N PHE E 126 18.69 -0.26 5.06
CA PHE E 126 19.60 -0.01 3.97
C PHE E 126 18.76 0.61 2.87
N TRP E 127 19.41 1.19 1.87
CA TRP E 127 18.68 1.86 0.80
C TRP E 127 19.35 1.70 -0.55
N ILE E 128 18.60 2.03 -1.61
CA ILE E 128 19.09 1.92 -2.97
C ILE E 128 18.88 3.19 -3.81
N CYS E 129 19.95 3.71 -4.39
CA CYS E 129 19.85 4.90 -5.21
C CYS E 129 19.84 4.48 -6.66
N LYS E 130 19.21 5.32 -7.48
CA LYS E 130 19.10 5.08 -8.90
C LYS E 130 19.34 6.35 -9.68
N LYS E 131 19.91 6.18 -10.87
CA LYS E 131 20.17 7.28 -11.79
C LYS E 131 20.64 6.67 -13.11
N SER E 132 20.43 7.39 -14.21
CA SER E 132 20.80 6.89 -15.53
C SER E 132 22.29 6.73 -15.79
N ALA E 133 22.61 5.77 -16.66
CA ALA E 133 23.98 5.43 -17.04
C ALA E 133 24.70 6.49 -17.89
N ALA E 134 25.25 6.07 -19.03
CA ALA E 134 25.97 6.97 -19.93
C ALA E 134 26.49 6.20 -21.16
N PRO F 7 -34.06 41.84 -9.26
CA PRO F 7 -34.49 40.96 -10.39
C PRO F 7 -34.45 39.48 -10.02
N CYS F 8 -33.24 38.91 -9.98
CA CYS F 8 -33.07 37.51 -9.60
C CYS F 8 -32.22 37.44 -8.37
N PRO F 9 -32.47 36.46 -7.50
CA PRO F 9 -31.67 36.33 -6.27
C PRO F 9 -30.19 36.31 -6.63
N TRP F 10 -29.35 36.46 -5.62
CA TRP F 10 -27.92 36.47 -5.85
C TRP F 10 -27.49 35.16 -6.51
N GLU F 11 -26.67 35.27 -7.55
CA GLU F 11 -26.13 34.15 -8.29
C GLU F 11 -27.11 33.25 -9.07
N TRP F 12 -28.35 33.69 -9.24
CA TRP F 12 -29.32 32.94 -10.02
C TRP F 12 -29.23 33.49 -11.45
N THR F 13 -29.65 32.70 -12.41
CA THR F 13 -29.56 33.16 -13.79
C THR F 13 -30.91 33.63 -14.34
N PHE F 14 -30.90 34.82 -14.95
CA PHE F 14 -32.12 35.39 -15.50
C PHE F 14 -32.37 34.95 -16.95
N PHE F 15 -33.61 34.55 -17.23
CA PHE F 15 -33.99 34.14 -18.56
C PHE F 15 -35.47 34.40 -18.81
N GLN F 16 -35.75 35.21 -19.83
CA GLN F 16 -37.11 35.57 -20.23
C GLN F 16 -38.12 35.79 -19.10
N GLY F 17 -37.80 36.73 -18.21
CA GLY F 17 -38.69 37.03 -17.11
C GLY F 17 -38.70 36.00 -15.98
N ASN F 18 -37.75 35.07 -16.01
CA ASN F 18 -37.67 34.04 -14.97
C ASN F 18 -36.27 33.85 -14.43
N CYS F 19 -36.18 33.34 -13.21
CA CYS F 19 -34.89 33.11 -12.58
C CYS F 19 -34.65 31.61 -12.38
N TYR F 20 -33.42 31.21 -12.66
CA TYR F 20 -33.06 29.82 -12.53
C TYR F 20 -31.85 29.62 -11.66
N PHE F 21 -31.86 28.48 -10.97
CA PHE F 21 -30.77 28.13 -10.09
C PHE F 21 -30.30 26.71 -10.39
N MET F 22 -29.08 26.60 -10.91
CA MET F 22 -28.49 25.30 -11.21
C MET F 22 -27.75 24.87 -9.96
N SER F 23 -28.26 23.85 -9.28
CA SER F 23 -27.64 23.38 -8.03
C SER F 23 -26.22 22.86 -8.18
N ASN F 24 -25.54 22.71 -7.06
CA ASN F 24 -24.19 22.19 -7.03
C ASN F 24 -24.22 20.88 -6.28
N SER F 25 -25.28 20.66 -5.50
CA SER F 25 -25.42 19.43 -4.76
C SER F 25 -26.32 18.49 -5.56
N GLN F 26 -26.28 17.22 -5.21
CA GLN F 26 -27.10 16.24 -5.87
C GLN F 26 -28.06 15.60 -4.88
N ARG F 27 -29.35 15.63 -5.23
CA ARG F 27 -30.38 15.07 -4.38
C ARG F 27 -31.31 14.20 -5.22
N ASN F 28 -32.12 13.37 -4.58
CA ASN F 28 -33.03 12.56 -5.36
C ASN F 28 -34.16 13.48 -5.84
N TRP F 29 -35.06 12.97 -6.66
CA TRP F 29 -36.10 13.82 -7.21
C TRP F 29 -37.02 14.53 -6.19
N HIS F 30 -37.63 13.79 -5.28
CA HIS F 30 -38.50 14.43 -4.31
C HIS F 30 -37.72 15.38 -3.42
N ASP F 31 -36.49 15.01 -3.09
CA ASP F 31 -35.67 15.87 -2.26
C ASP F 31 -35.38 17.18 -3.01
N SER F 32 -35.28 17.09 -4.34
CA SER F 32 -35.04 18.28 -5.15
C SER F 32 -36.22 19.22 -5.05
N ILE F 33 -37.41 18.63 -4.97
CA ILE F 33 -38.63 19.43 -4.86
C ILE F 33 -38.76 20.21 -3.56
N THR F 34 -38.44 19.61 -2.43
CA THR F 34 -38.59 20.34 -1.19
C THR F 34 -37.58 21.49 -1.12
N ALA F 35 -36.42 21.30 -1.76
CA ALA F 35 -35.41 22.34 -1.77
C ALA F 35 -35.89 23.57 -2.55
N CYS F 36 -36.45 23.36 -3.75
CA CYS F 36 -36.95 24.50 -4.51
C CYS F 36 -38.11 25.09 -3.72
N LYS F 37 -38.77 24.23 -2.94
CA LYS F 37 -39.89 24.65 -2.12
C LYS F 37 -39.40 25.66 -1.08
N GLU F 38 -38.39 25.29 -0.31
CA GLU F 38 -37.85 26.15 0.71
C GLU F 38 -37.68 27.60 0.28
N VAL F 39 -37.26 27.81 -0.96
CA VAL F 39 -37.04 29.17 -1.46
C VAL F 39 -38.13 29.72 -2.38
N GLY F 40 -39.30 29.11 -2.36
CA GLY F 40 -40.39 29.59 -3.19
C GLY F 40 -40.23 29.41 -4.69
N ALA F 41 -39.56 28.33 -5.10
CA ALA F 41 -39.38 28.08 -6.51
C ALA F 41 -39.91 26.70 -6.87
N GLN F 42 -39.83 26.33 -8.15
CA GLN F 42 -40.30 25.01 -8.55
C GLN F 42 -39.26 24.25 -9.35
N LEU F 43 -39.27 22.93 -9.22
CA LEU F 43 -38.38 22.10 -9.99
C LEU F 43 -38.79 22.47 -11.42
N VAL F 44 -37.88 23.15 -12.10
CA VAL F 44 -38.11 23.64 -13.43
C VAL F 44 -39.10 22.88 -14.31
N VAL F 45 -40.16 23.60 -14.66
CA VAL F 45 -41.22 23.12 -15.53
C VAL F 45 -40.94 23.84 -16.83
N ILE F 46 -40.71 23.11 -17.91
CA ILE F 46 -40.40 23.77 -19.17
C ILE F 46 -41.67 24.17 -19.89
N LYS F 47 -41.72 25.44 -20.29
CA LYS F 47 -42.88 26.01 -20.95
C LYS F 47 -42.74 26.32 -22.44
N SER F 48 -41.51 26.35 -22.96
CA SER F 48 -41.33 26.63 -24.37
C SER F 48 -40.03 26.10 -24.93
N ALA F 49 -40.00 25.92 -26.24
CA ALA F 49 -38.81 25.41 -26.93
C ALA F 49 -37.59 26.24 -26.57
N GLU F 50 -37.74 27.56 -26.56
CA GLU F 50 -36.63 28.47 -26.22
C GLU F 50 -36.09 28.16 -24.83
N GLU F 51 -37.00 28.04 -23.87
CA GLU F 51 -36.64 27.74 -22.49
C GLU F 51 -35.87 26.42 -22.42
N GLN F 52 -36.35 25.43 -23.16
CA GLN F 52 -35.71 24.13 -23.20
C GLN F 52 -34.28 24.20 -23.76
N ASN F 53 -34.08 24.96 -24.84
CA ASN F 53 -32.74 25.03 -25.40
C ASN F 53 -31.80 25.61 -24.37
N PHE F 54 -32.25 26.66 -23.70
CA PHE F 54 -31.45 27.31 -22.68
C PHE F 54 -31.08 26.34 -21.55
N LEU F 55 -32.08 25.62 -21.06
CA LEU F 55 -31.84 24.66 -19.99
C LEU F 55 -30.91 23.54 -20.43
N GLN F 56 -31.26 22.87 -21.53
CA GLN F 56 -30.47 21.77 -22.04
C GLN F 56 -29.02 22.19 -22.18
N LEU F 57 -28.80 23.45 -22.53
CA LEU F 57 -27.46 23.95 -22.67
C LEU F 57 -26.77 24.10 -21.33
N GLN F 58 -27.53 24.50 -20.32
CA GLN F 58 -26.96 24.65 -18.99
C GLN F 58 -26.40 23.31 -18.48
N SER F 59 -27.03 22.22 -18.90
CA SER F 59 -26.58 20.89 -18.48
C SER F 59 -25.49 20.38 -19.41
N SER F 60 -25.78 20.47 -20.70
CA SER F 60 -24.87 20.03 -21.74
C SER F 60 -23.46 20.61 -21.54
N ARG F 61 -23.39 21.93 -21.38
CA ARG F 61 -22.12 22.64 -21.21
C ARG F 61 -21.28 22.25 -20.00
N SER F 62 -21.91 21.67 -18.98
CA SER F 62 -21.17 21.25 -17.81
C SER F 62 -21.24 19.74 -17.67
N ASN F 63 -21.98 19.12 -18.58
CA ASN F 63 -22.14 17.67 -18.61
C ASN F 63 -22.64 17.08 -17.28
N ARG F 64 -23.71 17.67 -16.75
CA ARG F 64 -24.27 17.18 -15.49
C ARG F 64 -25.68 16.63 -15.69
N PHE F 65 -25.99 15.49 -15.08
CA PHE F 65 -27.34 14.95 -15.18
C PHE F 65 -28.22 15.76 -14.22
N THR F 66 -29.26 16.38 -14.76
CA THR F 66 -30.11 17.26 -13.97
C THR F 66 -31.60 17.00 -14.03
N TRP F 67 -32.22 16.95 -12.85
CA TRP F 67 -33.65 16.71 -12.70
C TRP F 67 -34.42 17.92 -13.16
N MET F 68 -35.61 17.68 -13.72
CA MET F 68 -36.54 18.73 -14.11
C MET F 68 -37.86 18.31 -13.46
N GLY F 69 -38.83 19.22 -13.38
CA GLY F 69 -40.09 18.87 -12.74
C GLY F 69 -41.06 18.13 -13.62
N LEU F 70 -40.63 16.97 -14.10
CA LEU F 70 -41.43 16.16 -14.99
C LEU F 70 -41.35 14.69 -14.62
N SER F 71 -42.49 14.03 -14.54
CA SER F 71 -42.48 12.62 -14.17
C SER F 71 -43.73 11.87 -14.61
N ASP F 72 -43.71 10.56 -14.36
CA ASP F 72 -44.83 9.70 -14.68
C ASP F 72 -45.03 8.77 -13.47
N LEU F 73 -44.88 9.37 -12.29
CA LEU F 73 -45.04 8.66 -11.03
C LEU F 73 -46.49 8.30 -10.78
N ASN F 74 -47.38 9.26 -11.00
CA ASN F 74 -48.80 9.04 -10.79
C ASN F 74 -49.34 7.88 -11.63
N GLN F 75 -49.03 7.89 -12.93
CA GLN F 75 -49.49 6.85 -13.82
C GLN F 75 -48.45 6.53 -14.88
N GLU F 76 -47.85 5.36 -14.78
CA GLU F 76 -46.82 4.95 -15.73
C GLU F 76 -47.24 5.27 -17.16
N GLY F 77 -46.31 5.82 -17.94
CA GLY F 77 -46.62 6.17 -19.31
C GLY F 77 -47.23 7.55 -19.49
N THR F 78 -47.86 8.09 -18.45
CA THR F 78 -48.48 9.40 -18.55
C THR F 78 -47.67 10.52 -17.90
N TRP F 79 -46.76 11.10 -18.66
CA TRP F 79 -45.89 12.16 -18.16
C TRP F 79 -46.57 13.50 -17.89
N GLN F 80 -46.31 14.04 -16.71
CA GLN F 80 -46.90 15.29 -16.25
C GLN F 80 -45.89 16.19 -15.54
N TRP F 81 -46.06 17.50 -15.69
CA TRP F 81 -45.17 18.46 -15.03
C TRP F 81 -45.62 18.65 -13.58
N VAL F 82 -44.70 19.08 -12.72
CA VAL F 82 -45.06 19.27 -11.30
C VAL F 82 -46.20 20.28 -11.12
N ASP F 83 -46.40 21.17 -12.09
CA ASP F 83 -47.47 22.14 -12.00
C ASP F 83 -48.78 21.50 -12.47
N GLY F 84 -48.73 20.19 -12.70
CA GLY F 84 -49.91 19.48 -13.14
C GLY F 84 -50.17 19.43 -14.64
N SER F 85 -49.54 20.32 -15.41
CA SER F 85 -49.77 20.30 -16.84
C SER F 85 -49.17 19.06 -17.48
N PRO F 86 -49.95 18.38 -18.33
CA PRO F 86 -49.50 17.17 -19.02
C PRO F 86 -48.40 17.48 -20.03
N LEU F 87 -47.58 16.47 -20.35
CA LEU F 87 -46.51 16.68 -21.31
C LEU F 87 -47.12 16.85 -22.71
N LEU F 88 -46.79 17.95 -23.37
CA LEU F 88 -47.33 18.23 -24.69
C LEU F 88 -46.64 17.46 -25.81
N PRO F 89 -47.43 16.93 -26.75
CA PRO F 89 -46.92 16.18 -27.89
C PRO F 89 -45.74 16.87 -28.57
N SER F 90 -45.66 18.18 -28.43
CA SER F 90 -44.59 18.95 -29.05
C SER F 90 -43.26 18.92 -28.28
N PHE F 91 -43.18 18.07 -27.26
CA PHE F 91 -41.95 17.96 -26.49
C PHE F 91 -41.27 16.61 -26.71
N LYS F 92 -41.98 15.67 -27.32
CA LYS F 92 -41.44 14.34 -27.60
C LYS F 92 -40.04 14.42 -28.17
N GLN F 93 -39.85 15.32 -29.13
CA GLN F 93 -38.58 15.48 -29.79
C GLN F 93 -37.41 15.56 -28.81
N TYR F 94 -37.63 16.13 -27.63
CA TYR F 94 -36.58 16.30 -26.64
C TYR F 94 -36.05 15.03 -25.99
N TRP F 95 -36.84 13.96 -25.98
CA TRP F 95 -36.36 12.71 -25.41
C TRP F 95 -35.20 12.20 -26.25
N ASN F 96 -34.22 11.56 -25.62
CA ASN F 96 -33.11 10.98 -26.33
C ASN F 96 -33.67 9.74 -27.01
N ARG F 97 -32.97 9.25 -28.03
CA ARG F 97 -33.42 8.07 -28.75
C ARG F 97 -33.71 6.96 -27.72
N GLY F 98 -34.78 6.20 -27.97
CA GLY F 98 -35.13 5.12 -27.07
C GLY F 98 -35.75 5.53 -25.74
N GLU F 99 -35.82 6.82 -25.47
CA GLU F 99 -36.42 7.25 -24.19
C GLU F 99 -37.80 7.84 -24.45
N PRO F 100 -38.73 7.72 -23.46
CA PRO F 100 -38.52 7.07 -22.16
C PRO F 100 -38.70 5.56 -22.22
N ASN F 101 -37.67 4.81 -21.79
CA ASN F 101 -37.75 3.37 -21.82
C ASN F 101 -38.18 2.75 -20.49
N ASN F 102 -38.23 3.55 -19.43
CA ASN F 102 -38.66 3.06 -18.11
C ASN F 102 -37.91 1.79 -17.65
N VAL F 103 -36.62 1.71 -17.95
CA VAL F 103 -35.82 0.56 -17.55
C VAL F 103 -35.82 0.36 -16.05
N GLY F 104 -36.31 -0.79 -15.59
CA GLY F 104 -36.37 -1.05 -14.16
C GLY F 104 -37.21 -0.02 -13.42
N GLU F 105 -38.22 0.52 -14.11
CA GLU F 105 -39.12 1.50 -13.52
C GLU F 105 -38.50 2.90 -13.31
N GLU F 106 -38.38 3.67 -14.39
CA GLU F 106 -37.82 5.02 -14.31
C GLU F 106 -38.94 6.03 -14.46
N ASP F 107 -39.25 6.74 -13.39
CA ASP F 107 -40.36 7.69 -13.45
C ASP F 107 -40.03 9.17 -13.41
N CYS F 108 -38.76 9.54 -13.51
CA CYS F 108 -38.40 10.96 -13.46
C CYS F 108 -37.51 11.38 -14.60
N ALA F 109 -37.81 12.56 -15.13
CA ALA F 109 -37.05 13.09 -16.26
C ALA F 109 -35.87 13.95 -15.84
N GLU F 110 -34.77 13.77 -16.56
CA GLU F 110 -33.54 14.50 -16.32
C GLU F 110 -32.96 14.95 -17.66
N PHE F 111 -32.08 15.95 -17.62
CA PHE F 111 -31.43 16.38 -18.84
C PHE F 111 -30.23 15.45 -18.93
N SER F 112 -30.10 14.77 -20.05
CA SER F 112 -28.98 13.85 -20.24
C SER F 112 -28.49 13.95 -21.66
N GLY F 113 -27.25 14.41 -21.82
CA GLY F 113 -26.69 14.57 -23.13
C GLY F 113 -27.40 15.74 -23.77
N ASN F 114 -27.83 15.56 -25.02
CA ASN F 114 -28.52 16.63 -25.72
C ASN F 114 -30.03 16.52 -25.61
N GLY F 115 -30.50 15.62 -24.78
CA GLY F 115 -31.94 15.48 -24.62
C GLY F 115 -32.35 15.03 -23.23
N TRP F 116 -33.46 14.32 -23.14
CA TRP F 116 -33.98 13.85 -21.87
C TRP F 116 -33.95 12.33 -21.73
N ASN F 117 -33.90 11.89 -20.48
CA ASN F 117 -33.89 10.48 -20.15
C ASN F 117 -34.72 10.33 -18.91
N ASP F 118 -35.37 9.19 -18.76
CA ASP F 118 -36.15 8.92 -17.57
C ASP F 118 -35.24 8.02 -16.73
N ASP F 119 -35.18 8.27 -15.43
CA ASP F 119 -34.32 7.48 -14.58
C ASP F 119 -35.02 7.26 -13.26
N LYS F 120 -34.39 6.48 -12.38
CA LYS F 120 -34.93 6.17 -11.07
C LYS F 120 -34.98 7.43 -10.22
N CYS F 121 -36.15 7.71 -9.67
CA CYS F 121 -36.34 8.91 -8.88
C CYS F 121 -35.58 8.92 -7.57
N ASN F 122 -35.00 7.79 -7.20
CA ASN F 122 -34.26 7.70 -5.94
C ASN F 122 -32.78 8.02 -6.10
N LEU F 123 -32.34 8.28 -7.31
CA LEU F 123 -30.94 8.58 -7.54
C LEU F 123 -30.67 10.06 -7.29
N ALA F 124 -29.45 10.37 -6.83
CA ALA F 124 -29.10 11.75 -6.55
C ALA F 124 -28.59 12.42 -7.80
N LYS F 125 -29.22 13.53 -8.17
CA LYS F 125 -28.78 14.26 -9.35
C LYS F 125 -28.78 15.74 -9.08
N PHE F 126 -28.19 16.48 -10.01
CA PHE F 126 -28.20 17.92 -9.89
C PHE F 126 -29.65 18.32 -10.21
N TRP F 127 -30.01 19.57 -9.95
CA TRP F 127 -31.37 19.99 -10.23
C TRP F 127 -31.44 21.47 -10.51
N ILE F 128 -32.58 21.90 -11.03
CA ILE F 128 -32.76 23.30 -11.34
C ILE F 128 -34.08 23.82 -10.78
N CYS F 129 -34.01 24.97 -10.13
CA CYS F 129 -35.19 25.61 -9.58
C CYS F 129 -35.54 26.75 -10.48
N LYS F 130 -36.81 27.11 -10.44
CA LYS F 130 -37.31 28.20 -11.25
C LYS F 130 -38.31 29.02 -10.46
N LYS F 131 -38.32 30.32 -10.70
CA LYS F 131 -39.28 31.20 -10.07
C LYS F 131 -39.29 32.55 -10.78
N SER F 132 -40.45 33.19 -10.76
CA SER F 132 -40.66 34.48 -11.42
C SER F 132 -39.65 35.55 -11.02
N ALA F 133 -39.14 36.27 -12.02
CA ALA F 133 -38.17 37.35 -11.78
C ALA F 133 -38.84 38.49 -10.98
N ALA F 134 -38.03 39.37 -10.41
CA ALA F 134 -38.56 40.49 -9.64
C ALA F 134 -39.24 41.52 -10.54
N PRO G 7 0.46 16.52 55.85
CA PRO G 7 1.18 15.55 54.98
C PRO G 7 1.02 15.86 53.49
N CYS G 8 -0.22 15.94 53.03
CA CYS G 8 -0.50 16.23 51.63
C CYS G 8 -1.26 17.54 51.49
N PRO G 9 -1.23 18.16 50.30
CA PRO G 9 -1.97 19.43 50.11
C PRO G 9 -3.48 19.23 50.28
N TRP G 10 -4.24 20.32 50.22
CA TRP G 10 -5.69 20.25 50.36
C TRP G 10 -6.36 19.55 49.18
N GLU G 11 -7.15 18.52 49.50
CA GLU G 11 -7.87 17.73 48.49
C GLU G 11 -7.01 16.82 47.63
N TRP G 12 -5.78 16.56 48.08
CA TRP G 12 -4.87 15.66 47.40
C TRP G 12 -4.99 14.32 48.08
N THR G 13 -4.62 13.26 47.37
CA THR G 13 -4.72 11.92 47.91
C THR G 13 -3.36 11.39 48.36
N PHE G 14 -3.34 10.82 49.56
CA PHE G 14 -2.12 10.27 50.13
C PHE G 14 -2.03 8.77 49.86
N PHE G 15 -0.85 8.32 49.44
CA PHE G 15 -0.63 6.91 49.19
C PHE G 15 0.85 6.54 49.31
N GLN G 16 1.17 5.73 50.32
CA GLN G 16 2.53 5.28 50.57
C GLN G 16 3.58 6.38 50.48
N GLY G 17 3.42 7.42 51.30
CA GLY G 17 4.37 8.51 51.32
C GLY G 17 4.26 9.50 50.18
N ASN G 18 3.23 9.38 49.35
CA ASN G 18 3.10 10.30 48.23
C ASN G 18 1.75 10.98 48.15
N CYS G 19 1.74 12.17 47.55
CA CYS G 19 0.52 12.93 47.40
C CYS G 19 0.14 12.96 45.94
N TYR G 20 -1.12 12.63 45.68
CA TYR G 20 -1.60 12.60 44.32
C TYR G 20 -2.71 13.61 44.07
N PHE G 21 -2.64 14.23 42.91
CA PHE G 21 -3.63 15.21 42.55
C PHE G 21 -4.30 14.90 41.22
N MET G 22 -5.60 14.65 41.25
CA MET G 22 -6.32 14.39 40.02
C MET G 22 -6.83 15.74 39.55
N SER G 23 -6.42 16.13 38.36
CA SER G 23 -6.80 17.42 37.81
C SER G 23 -8.28 17.57 37.58
N ASN G 24 -8.68 18.80 37.30
CA ASN G 24 -10.08 19.10 37.05
C ASN G 24 -10.19 19.54 35.60
N SER G 25 -9.09 20.04 35.06
CA SER G 25 -9.05 20.50 33.68
C SER G 25 -8.42 19.45 32.77
N GLN G 26 -8.50 19.70 31.47
CA GLN G 26 -7.93 18.79 30.48
C GLN G 26 -6.94 19.58 29.64
N ARG G 27 -5.70 19.08 29.58
CA ARG G 27 -4.65 19.73 28.82
C ARG G 27 -3.91 18.69 28.00
N ASN G 28 -3.07 19.16 27.07
CA ASN G 28 -2.31 18.22 26.27
C ASN G 28 -1.22 17.67 27.21
N TRP G 29 -0.45 16.71 26.72
CA TRP G 29 0.59 16.07 27.52
C TRP G 29 1.66 17.00 28.09
N HIS G 30 2.26 17.82 27.25
CA HIS G 30 3.31 18.74 27.72
C HIS G 30 2.78 19.75 28.74
N ASP G 31 1.60 20.29 28.49
CA ASP G 31 1.00 21.26 29.40
C ASP G 31 0.75 20.64 30.75
N SER G 32 0.30 19.39 30.76
CA SER G 32 0.06 18.70 32.02
C SER G 32 1.40 18.68 32.76
N ILE G 33 2.48 18.39 32.02
CA ILE G 33 3.81 18.36 32.59
C ILE G 33 4.14 19.69 33.28
N THR G 34 4.13 20.77 32.50
CA THR G 34 4.42 22.10 33.04
C THR G 34 3.47 22.45 34.17
N ALA G 35 2.22 22.02 34.06
CA ALA G 35 1.24 22.28 35.09
C ALA G 35 1.61 21.65 36.42
N CYS G 36 2.11 20.42 36.41
CA CYS G 36 2.49 19.76 37.67
C CYS G 36 3.66 20.44 38.38
N LYS G 37 4.63 20.95 37.61
CA LYS G 37 5.78 21.62 38.20
C LYS G 37 5.42 22.88 38.98
N GLU G 38 4.49 23.67 38.43
CA GLU G 38 4.06 24.91 39.09
C GLU G 38 3.75 24.74 40.56
N VAL G 39 3.57 23.50 41.00
CA VAL G 39 3.28 23.22 42.40
C VAL G 39 4.29 22.22 42.93
N GLY G 40 5.41 22.09 42.24
CA GLY G 40 6.46 21.19 42.67
C GLY G 40 6.23 19.68 42.65
N ALA G 41 5.39 19.22 41.74
CA ALA G 41 5.11 17.79 41.62
C ALA G 41 5.52 17.34 40.22
N GLN G 42 5.11 16.15 39.84
CA GLN G 42 5.47 15.63 38.54
C GLN G 42 4.37 14.80 37.92
N LEU G 43 4.17 14.90 36.62
CA LEU G 43 3.14 14.09 35.95
C LEU G 43 3.45 12.65 36.36
N VAL G 44 2.61 12.09 37.22
CA VAL G 44 2.83 10.78 37.79
C VAL G 44 3.68 9.76 37.04
N VAL G 45 4.71 9.29 37.73
CA VAL G 45 5.63 8.28 37.24
C VAL G 45 5.35 7.14 38.22
N ILE G 46 4.97 5.97 37.70
CA ILE G 46 4.65 4.85 38.56
C ILE G 46 5.86 4.00 38.87
N LYS G 47 6.04 3.65 40.15
CA LYS G 47 7.18 2.85 40.58
C LYS G 47 6.88 1.49 41.16
N SER G 48 5.61 1.14 41.30
CA SER G 48 5.28 -0.17 41.85
C SER G 48 3.88 -0.62 41.49
N ALA G 49 3.65 -1.92 41.58
CA ALA G 49 2.36 -2.51 41.26
C ALA G 49 1.20 -1.95 42.10
N GLU G 50 1.40 -1.83 43.40
CA GLU G 50 0.36 -1.31 44.29
C GLU G 50 -0.02 0.08 43.84
N GLU G 51 0.98 0.88 43.48
CA GLU G 51 0.75 2.24 43.04
C GLU G 51 -0.12 2.22 41.79
N GLN G 52 0.27 1.39 40.84
CA GLN G 52 -0.46 1.25 39.60
C GLN G 52 -1.94 0.90 39.84
N ASN G 53 -2.21 -0.01 40.77
CA ASN G 53 -3.60 -0.37 41.04
C ASN G 53 -4.37 0.78 41.65
N PHE G 54 -3.68 1.50 42.54
CA PHE G 54 -4.26 2.66 43.21
C PHE G 54 -4.61 3.73 42.18
N LEU G 55 -3.68 4.00 41.28
CA LEU G 55 -3.90 5.00 40.25
C LEU G 55 -4.94 4.59 39.21
N GLN G 56 -4.87 3.34 38.77
CA GLN G 56 -5.83 2.88 37.78
C GLN G 56 -7.23 3.05 38.32
N LEU G 57 -7.43 2.75 39.60
CA LEU G 57 -8.74 2.91 40.24
C LEU G 57 -9.21 4.34 40.22
N GLN G 58 -8.34 5.25 40.62
CA GLN G 58 -8.71 6.66 40.65
C GLN G 58 -9.19 7.09 39.26
N SER G 59 -8.88 6.29 38.25
CA SER G 59 -9.29 6.59 36.89
C SER G 59 -10.54 5.85 36.47
N SER G 60 -10.60 4.57 36.83
CA SER G 60 -11.74 3.73 36.50
C SER G 60 -13.03 4.23 37.15
N ARG G 61 -12.92 4.71 38.38
CA ARG G 61 -14.08 5.22 39.13
C ARG G 61 -15.00 6.11 38.29
N SER G 62 -14.47 7.24 37.86
CA SER G 62 -15.25 8.19 37.07
C SER G 62 -15.10 7.96 35.58
N ASN G 63 -14.42 6.89 35.21
CA ASN G 63 -14.21 6.58 33.81
C ASN G 63 -13.73 7.82 33.05
N ARG G 64 -12.55 8.31 33.41
CA ARG G 64 -11.93 9.47 32.78
C ARG G 64 -10.56 9.12 32.21
N PHE G 65 -10.30 9.56 30.98
CA PHE G 65 -9.01 9.31 30.34
C PHE G 65 -7.98 10.28 30.90
N THR G 66 -6.90 9.75 31.44
CA THR G 66 -5.91 10.57 32.10
C THR G 66 -4.45 10.33 31.74
N TRP G 67 -3.71 11.43 31.58
CA TRP G 67 -2.29 11.42 31.24
C TRP G 67 -1.42 10.97 32.41
N MET G 68 -0.29 10.34 32.08
CA MET G 68 0.68 9.92 33.08
C MET G 68 2.03 10.29 32.47
N GLY G 69 3.07 10.46 33.31
CA GLY G 69 4.38 10.84 32.81
C GLY G 69 5.11 9.73 32.06
N LEU G 70 4.51 9.28 30.97
CA LEU G 70 5.09 8.19 30.19
C LEU G 70 4.91 8.37 28.70
N SER G 71 5.99 8.25 27.94
CA SER G 71 5.89 8.44 26.50
C SER G 71 6.99 7.75 25.70
N ASP G 72 6.83 7.75 24.38
CA ASP G 72 7.85 7.18 23.49
C ASP G 72 8.10 8.20 22.39
N LEU G 73 8.06 9.47 22.80
CA LEU G 73 8.29 10.62 21.92
C LEU G 73 9.72 10.65 21.40
N ASN G 74 10.67 10.34 22.28
CA ASN G 74 12.06 10.35 21.91
C ASN G 74 12.40 9.27 20.90
N GLN G 75 12.08 8.02 21.25
CA GLN G 75 12.35 6.85 20.40
C GLN G 75 11.09 5.98 20.29
N GLU G 76 10.45 6.01 19.12
CA GLU G 76 9.24 5.22 18.90
C GLU G 76 9.46 3.77 19.28
N GLY G 77 8.56 3.25 20.11
CA GLY G 77 8.64 1.88 20.56
C GLY G 77 9.35 1.80 21.89
N THR G 78 10.10 2.85 22.22
CA THR G 78 10.86 2.92 23.47
C THR G 78 10.19 3.83 24.50
N TRP G 79 9.36 3.24 25.35
CA TRP G 79 8.63 3.98 26.36
C TRP G 79 9.45 4.37 27.58
N GLN G 80 9.48 5.67 27.85
CA GLN G 80 10.24 6.18 28.97
C GLN G 80 9.46 7.10 29.89
N TRP G 81 9.69 6.95 31.20
CA TRP G 81 9.03 7.80 32.17
C TRP G 81 9.69 9.16 32.10
N VAL G 82 9.00 10.19 32.57
CA VAL G 82 9.55 11.53 32.51
C VAL G 82 10.67 11.82 33.51
N ASP G 83 10.82 10.99 34.53
CA ASP G 83 11.90 11.20 35.49
C ASP G 83 13.18 10.60 34.92
N GLY G 84 13.05 9.99 33.74
CA GLY G 84 14.20 9.38 33.08
C GLY G 84 14.23 7.85 33.05
N SER G 85 13.56 7.21 34.00
CA SER G 85 13.58 5.75 34.03
C SER G 85 12.85 5.09 32.88
N PRO G 86 13.33 3.91 32.45
CA PRO G 86 12.68 3.22 31.34
C PRO G 86 11.50 2.38 31.80
N LEU G 87 10.60 2.11 30.87
CA LEU G 87 9.43 1.29 31.19
C LEU G 87 9.87 -0.16 31.41
N LEU G 88 9.80 -0.61 32.66
CA LEU G 88 10.18 -1.96 33.01
C LEU G 88 9.25 -2.99 32.37
N PRO G 89 9.81 -4.11 31.91
CA PRO G 89 9.05 -5.19 31.27
C PRO G 89 7.93 -5.76 32.12
N SER G 90 8.03 -5.61 33.43
CA SER G 90 7.00 -6.13 34.34
C SER G 90 5.75 -5.26 34.35
N PHE G 91 5.81 -4.13 33.66
CA PHE G 91 4.66 -3.25 33.60
C PHE G 91 3.82 -3.50 32.35
N LYS G 92 4.42 -4.15 31.36
CA LYS G 92 3.76 -4.49 30.12
C LYS G 92 2.30 -4.90 30.32
N GLN G 93 2.06 -5.72 31.34
CA GLN G 93 0.71 -6.20 31.65
C GLN G 93 -0.34 -5.10 31.82
N TYR G 94 0.10 -3.86 32.05
CA TYR G 94 -0.87 -2.80 32.26
C TYR G 94 -1.51 -2.20 31.01
N TRP G 95 -0.87 -2.37 29.86
CA TRP G 95 -1.42 -1.86 28.61
C TRP G 95 -2.72 -2.60 28.35
N ASN G 96 -3.72 -1.91 27.84
CA ASN G 96 -4.98 -2.54 27.50
C ASN G 96 -4.61 -3.47 26.36
N ARG G 97 -5.53 -4.33 25.92
CA ARG G 97 -5.22 -5.23 24.81
C ARG G 97 -4.99 -4.49 23.50
N GLY G 98 -3.94 -4.89 22.78
CA GLY G 98 -3.61 -4.26 21.51
C GLY G 98 -2.76 -3.00 21.64
N GLU G 99 -2.64 -2.48 22.85
CA GLU G 99 -1.85 -1.28 23.08
C GLU G 99 -0.46 -1.69 23.56
N PRO G 100 0.57 -0.87 23.31
CA PRO G 100 0.44 0.41 22.60
C PRO G 100 0.44 0.14 21.10
N ASN G 101 -0.49 0.76 20.36
CA ASN G 101 -0.60 0.55 18.92
C ASN G 101 -0.18 1.71 18.03
N ASN G 102 0.11 2.85 18.62
CA ASN G 102 0.57 4.00 17.85
C ASN G 102 -0.31 4.38 16.64
N VAL G 103 -1.62 4.20 16.73
CA VAL G 103 -2.48 4.56 15.60
C VAL G 103 -2.48 6.05 15.30
N GLY G 104 -2.01 6.41 14.11
CA GLY G 104 -1.92 7.81 13.73
C GLY G 104 -0.81 8.50 14.50
N GLU G 105 0.11 7.71 15.04
CA GLU G 105 1.24 8.22 15.81
C GLU G 105 0.83 8.76 17.20
N GLU G 106 0.75 7.84 18.14
CA GLU G 106 0.39 8.15 19.51
C GLU G 106 1.66 7.91 20.32
N ASP G 107 2.19 8.98 20.92
CA ASP G 107 3.41 8.84 21.69
C ASP G 107 3.27 9.15 23.19
N CYS G 108 2.03 9.29 23.67
CA CYS G 108 1.78 9.56 25.08
C CYS G 108 0.85 8.54 25.73
N ALA G 109 1.15 8.18 26.97
CA ALA G 109 0.38 7.19 27.72
C ALA G 109 -0.69 7.76 28.66
N GLU G 110 -1.84 7.09 28.69
CA GLU G 110 -2.96 7.52 29.54
C GLU G 110 -3.63 6.33 30.19
N PHE G 111 -4.31 6.59 31.31
CA PHE G 111 -5.07 5.53 31.95
C PHE G 111 -6.36 5.50 31.14
N SER G 112 -6.73 4.32 30.65
CA SER G 112 -7.92 4.16 29.87
C SER G 112 -8.65 2.90 30.33
N GLY G 113 -9.83 3.09 30.89
CA GLY G 113 -10.59 1.96 31.38
C GLY G 113 -9.84 1.27 32.49
N ASN G 114 -9.50 0.00 32.28
CA ASN G 114 -8.79 -0.75 33.30
C ASN G 114 -7.31 -0.89 33.06
N GLY G 115 -6.82 -0.26 32.01
CA GLY G 115 -5.39 -0.35 31.72
C GLY G 115 -4.86 0.92 31.12
N TRP G 116 -3.76 0.80 30.39
CA TRP G 116 -3.17 1.96 29.76
C TRP G 116 -3.39 1.92 28.27
N ASN G 117 -3.26 3.08 27.64
CA ASN G 117 -3.40 3.21 26.21
C ASN G 117 -2.52 4.36 25.74
N ASP G 118 -2.00 4.25 24.52
CA ASP G 118 -1.20 5.33 23.96
C ASP G 118 -2.12 6.18 23.07
N ASP G 119 -1.96 7.51 23.15
CA ASP G 119 -2.76 8.42 22.34
C ASP G 119 -1.94 9.62 21.89
N LYS G 120 -2.54 10.47 21.05
CA LYS G 120 -1.88 11.66 20.53
C LYS G 120 -1.61 12.68 21.63
N CYS G 121 -0.35 13.02 21.78
CA CYS G 121 0.08 13.98 22.81
C CYS G 121 -0.58 15.35 22.73
N ASN G 122 -1.13 15.71 21.57
CA ASN G 122 -1.76 17.01 21.41
C ASN G 122 -3.19 17.05 21.94
N LEU G 123 -3.77 15.89 22.23
CA LEU G 123 -5.13 15.84 22.75
C LEU G 123 -5.14 16.21 24.23
N ALA G 124 -6.10 17.02 24.64
CA ALA G 124 -6.21 17.43 26.03
C ALA G 124 -7.00 16.40 26.82
N LYS G 125 -6.46 16.00 27.96
CA LYS G 125 -7.11 15.03 28.83
C LYS G 125 -6.82 15.43 30.27
N PHE G 126 -7.40 14.72 31.22
CA PHE G 126 -7.12 15.02 32.60
C PHE G 126 -5.71 14.49 32.88
N TRP G 127 -5.16 14.80 34.04
CA TRP G 127 -3.82 14.34 34.36
C TRP G 127 -3.64 14.19 35.86
N ILE G 128 -2.60 13.49 36.28
CA ILE G 128 -2.35 13.31 37.71
C ILE G 128 -0.91 13.71 38.07
N CYS G 129 -0.77 14.41 39.19
CA CYS G 129 0.54 14.85 39.65
C CYS G 129 0.96 14.03 40.85
N LYS G 130 2.26 13.97 41.07
CA LYS G 130 2.81 13.22 42.18
C LYS G 130 3.90 14.01 42.87
N LYS G 131 3.99 13.87 44.19
CA LYS G 131 4.99 14.53 45.01
C LYS G 131 4.97 13.81 46.36
N SER G 132 6.09 13.80 47.06
CA SER G 132 6.15 13.12 48.34
C SER G 132 5.45 13.87 49.46
N ALA G 133 4.97 13.10 50.44
CA ALA G 133 4.26 13.67 51.58
C ALA G 133 5.16 14.59 52.43
N ALA G 134 4.55 15.24 53.42
CA ALA G 134 5.26 16.15 54.31
C ALA G 134 5.89 15.39 55.47
N PRO H 7 -48.63 8.86 6.34
CA PRO H 7 -47.28 9.35 5.99
C PRO H 7 -46.15 8.38 6.34
N CYS H 8 -46.16 7.88 7.58
CA CYS H 8 -45.14 6.93 8.04
C CYS H 8 -45.75 5.67 8.63
N PRO H 9 -45.07 4.52 8.50
CA PRO H 9 -45.66 3.31 9.07
C PRO H 9 -45.85 3.54 10.57
N TRP H 10 -46.54 2.63 11.23
CA TRP H 10 -46.80 2.80 12.66
C TRP H 10 -45.55 2.83 13.52
N GLU H 11 -45.39 3.92 14.28
CA GLU H 11 -44.26 4.14 15.17
C GLU H 11 -42.91 4.46 14.54
N TRP H 12 -42.93 4.97 13.31
CA TRP H 12 -41.69 5.36 12.63
C TRP H 12 -41.64 6.87 12.74
N THR H 13 -40.44 7.43 12.79
CA THR H 13 -40.32 8.88 12.89
C THR H 13 -40.31 9.46 11.48
N PHE H 14 -40.89 10.64 11.34
CA PHE H 14 -40.94 11.29 10.05
C PHE H 14 -40.00 12.48 10.07
N PHE H 15 -39.09 12.50 9.10
CA PHE H 15 -38.15 13.60 9.00
C PHE H 15 -37.95 13.92 7.52
N GLN H 16 -37.92 15.21 7.20
CA GLN H 16 -37.76 15.70 5.83
C GLN H 16 -38.09 14.69 4.71
N GLY H 17 -39.36 14.30 4.63
CA GLY H 17 -39.77 13.39 3.56
C GLY H 17 -39.49 11.91 3.70
N ASN H 18 -38.82 11.51 4.76
CA ASN H 18 -38.51 10.09 4.93
C ASN H 18 -38.92 9.64 6.31
N CYS H 19 -39.13 8.33 6.44
CA CYS H 19 -39.52 7.75 7.70
C CYS H 19 -38.42 6.86 8.25
N TYR H 20 -37.93 7.22 9.44
CA TYR H 20 -36.88 6.45 10.05
C TYR H 20 -37.39 5.58 11.18
N PHE H 21 -36.79 4.41 11.33
CA PHE H 21 -37.15 3.48 12.38
C PHE H 21 -35.95 3.20 13.26
N MET H 22 -36.06 3.49 14.54
CA MET H 22 -34.97 3.24 15.49
C MET H 22 -35.19 1.91 16.18
N SER H 23 -34.42 0.91 15.80
CA SER H 23 -34.56 -0.42 16.37
C SER H 23 -34.44 -0.40 17.89
N ASN H 24 -35.01 -1.42 18.52
CA ASN H 24 -34.90 -1.56 19.96
C ASN H 24 -34.05 -2.80 20.18
N SER H 25 -33.79 -3.51 19.10
CA SER H 25 -32.96 -4.71 19.13
C SER H 25 -31.52 -4.37 18.71
N GLN H 26 -30.61 -5.30 18.92
CA GLN H 26 -29.23 -5.10 18.55
C GLN H 26 -28.79 -6.23 17.64
N ARG H 27 -28.33 -5.87 16.44
CA ARG H 27 -27.92 -6.88 15.47
C ARG H 27 -26.61 -6.47 14.84
N ASN H 28 -25.88 -7.43 14.27
CA ASN H 28 -24.63 -7.10 13.64
C ASN H 28 -24.97 -6.27 12.40
N TRP H 29 -23.98 -5.56 11.89
CA TRP H 29 -24.21 -4.70 10.74
C TRP H 29 -24.95 -5.37 9.58
N HIS H 30 -24.49 -6.54 9.15
CA HIS H 30 -25.14 -7.22 8.04
C HIS H 30 -26.59 -7.61 8.29
N ASP H 31 -26.84 -8.25 9.43
CA ASP H 31 -28.20 -8.64 9.78
C ASP H 31 -29.07 -7.42 10.00
N SER H 32 -28.45 -6.24 10.10
CA SER H 32 -29.20 -5.01 10.29
C SER H 32 -29.69 -4.54 8.93
N ILE H 33 -28.99 -4.96 7.89
CA ILE H 33 -29.36 -4.61 6.53
C ILE H 33 -30.47 -5.53 6.05
N THR H 34 -30.27 -6.83 6.25
CA THR H 34 -31.25 -7.82 5.85
C THR H 34 -32.60 -7.45 6.45
N ALA H 35 -32.55 -6.88 7.66
CA ALA H 35 -33.76 -6.49 8.38
C ALA H 35 -34.53 -5.31 7.78
N CYS H 36 -33.84 -4.27 7.31
CA CYS H 36 -34.57 -3.16 6.71
C CYS H 36 -35.09 -3.62 5.35
N LYS H 37 -34.52 -4.72 4.85
CA LYS H 37 -34.94 -5.27 3.57
C LYS H 37 -36.18 -6.12 3.73
N GLU H 38 -36.59 -6.35 4.97
CA GLU H 38 -37.77 -7.15 5.22
C GLU H 38 -39.00 -6.28 5.16
N VAL H 39 -38.80 -4.97 5.21
CA VAL H 39 -39.91 -4.03 5.15
C VAL H 39 -39.65 -2.92 4.14
N GLY H 40 -38.98 -3.28 3.06
CA GLY H 40 -38.67 -2.33 2.00
C GLY H 40 -38.04 -1.04 2.50
N ALA H 41 -37.09 -1.18 3.41
CA ALA H 41 -36.38 -0.05 3.99
C ALA H 41 -34.90 -0.25 3.76
N GLN H 42 -34.11 0.77 4.07
CA GLN H 42 -32.68 0.69 3.89
C GLN H 42 -31.89 1.24 5.08
N LEU H 43 -30.88 0.48 5.50
CA LEU H 43 -30.01 0.89 6.61
C LEU H 43 -29.60 2.33 6.30
N VAL H 44 -30.18 3.25 7.05
CA VAL H 44 -29.96 4.68 6.83
C VAL H 44 -28.70 5.12 6.11
N VAL H 45 -28.93 5.87 5.03
CA VAL H 45 -27.87 6.45 4.20
C VAL H 45 -28.08 7.95 4.37
N ILE H 46 -27.08 8.65 4.89
CA ILE H 46 -27.17 10.09 5.13
C ILE H 46 -26.89 10.90 3.87
N LYS H 47 -27.94 11.53 3.35
CA LYS H 47 -27.87 12.33 2.12
C LYS H 47 -27.58 13.81 2.35
N SER H 48 -28.02 14.36 3.48
CA SER H 48 -27.79 15.77 3.72
C SER H 48 -27.21 16.00 5.09
N ALA H 49 -26.76 17.22 5.33
CA ALA H 49 -26.19 17.59 6.60
C ALA H 49 -27.24 17.68 7.71
N GLU H 50 -28.44 18.16 7.35
CA GLU H 50 -29.52 18.31 8.32
C GLU H 50 -29.99 16.95 8.79
N GLU H 51 -29.94 15.98 7.89
CA GLU H 51 -30.37 14.63 8.22
C GLU H 51 -29.34 13.99 9.14
N GLN H 52 -28.09 14.42 9.01
CA GLN H 52 -26.99 13.91 9.82
C GLN H 52 -27.15 14.45 11.22
N ASN H 53 -27.46 15.73 11.31
CA ASN H 53 -27.66 16.37 12.60
C ASN H 53 -28.81 15.73 13.33
N PHE H 54 -29.89 15.48 12.61
CA PHE H 54 -31.07 14.88 13.17
C PHE H 54 -30.75 13.50 13.72
N LEU H 55 -30.18 12.65 12.88
CA LEU H 55 -29.81 11.31 13.30
C LEU H 55 -28.78 11.27 14.42
N GLN H 56 -27.80 12.16 14.37
CA GLN H 56 -26.77 12.18 15.41
C GLN H 56 -27.47 12.42 16.73
N LEU H 57 -28.33 13.43 16.76
CA LEU H 57 -29.08 13.77 17.95
C LEU H 57 -29.89 12.58 18.44
N GLN H 58 -30.52 11.88 17.51
CA GLN H 58 -31.33 10.72 17.88
C GLN H 58 -30.51 9.71 18.67
N SER H 59 -29.38 9.30 18.12
CA SER H 59 -28.51 8.33 18.74
C SER H 59 -27.94 8.85 20.05
N SER H 60 -27.30 10.01 19.99
CA SER H 60 -26.69 10.63 21.15
C SER H 60 -27.59 10.70 22.40
N ARG H 61 -28.80 11.23 22.24
CA ARG H 61 -29.74 11.34 23.35
C ARG H 61 -30.28 10.02 23.87
N SER H 62 -30.25 8.98 23.03
CA SER H 62 -30.74 7.69 23.46
C SER H 62 -29.58 6.91 24.09
N ASN H 63 -28.40 7.52 24.07
CA ASN H 63 -27.19 6.91 24.61
C ASN H 63 -27.02 5.52 24.02
N ARG H 64 -27.03 5.46 22.69
CA ARG H 64 -26.89 4.20 21.99
C ARG H 64 -25.89 4.24 20.84
N PHE H 65 -25.17 3.14 20.67
CA PHE H 65 -24.21 3.02 19.59
C PHE H 65 -25.03 2.36 18.49
N THR H 66 -25.16 3.06 17.37
CA THR H 66 -26.00 2.65 16.27
C THR H 66 -25.38 2.59 14.87
N TRP H 67 -25.67 1.51 14.16
CA TRP H 67 -25.19 1.29 12.79
C TRP H 67 -25.87 2.21 11.76
N MET H 68 -25.09 2.69 10.79
CA MET H 68 -25.63 3.48 9.69
C MET H 68 -25.22 2.69 8.44
N GLY H 69 -25.83 2.96 7.29
CA GLY H 69 -25.49 2.22 6.08
C GLY H 69 -24.19 2.62 5.41
N LEU H 70 -23.09 2.58 6.14
CA LEU H 70 -21.79 2.99 5.59
C LEU H 70 -20.71 1.96 5.92
N SER H 71 -19.80 1.72 4.98
CA SER H 71 -18.74 0.77 5.22
C SER H 71 -17.61 0.82 4.20
N ASP H 72 -16.46 0.25 4.58
CA ASP H 72 -15.32 0.19 3.68
C ASP H 72 -14.86 -1.26 3.58
N LEU H 73 -15.83 -2.17 3.69
CA LEU H 73 -15.59 -3.60 3.59
C LEU H 73 -15.04 -3.93 2.20
N ASN H 74 -15.67 -3.37 1.19
CA ASN H 74 -15.25 -3.60 -0.18
C ASN H 74 -13.81 -3.15 -0.45
N GLN H 75 -13.39 -2.01 0.12
CA GLN H 75 -12.04 -1.52 -0.08
C GLN H 75 -11.59 -0.65 1.09
N GLU H 76 -10.72 -1.20 1.92
CA GLU H 76 -10.23 -0.49 3.10
C GLU H 76 -9.91 0.97 2.78
N GLY H 77 -10.31 1.87 3.66
CA GLY H 77 -10.03 3.28 3.44
C GLY H 77 -10.94 4.02 2.46
N THR H 78 -11.83 3.29 1.78
CA THR H 78 -12.77 3.90 0.84
C THR H 78 -14.20 3.57 1.27
N TRP H 79 -14.83 4.52 1.96
CA TRP H 79 -16.18 4.34 2.48
C TRP H 79 -17.31 4.58 1.48
N GLN H 80 -18.25 3.64 1.46
CA GLN H 80 -19.40 3.72 0.58
C GLN H 80 -20.71 3.38 1.26
N TRP H 81 -21.76 4.09 0.87
CA TRP H 81 -23.07 3.84 1.43
C TRP H 81 -23.60 2.55 0.80
N VAL H 82 -24.48 1.86 1.53
CA VAL H 82 -25.05 0.61 1.06
C VAL H 82 -25.79 0.66 -0.27
N ASP H 83 -26.07 1.88 -0.76
CA ASP H 83 -26.77 2.01 -2.03
C ASP H 83 -25.79 2.35 -3.16
N GLY H 84 -24.50 2.25 -2.86
CA GLY H 84 -23.49 2.53 -3.87
C GLY H 84 -22.87 3.92 -3.83
N SER H 85 -23.62 4.92 -3.37
CA SER H 85 -23.07 6.26 -3.34
C SER H 85 -21.79 6.37 -2.50
N PRO H 86 -20.86 7.25 -2.92
CA PRO H 86 -19.59 7.43 -2.20
C PRO H 86 -19.78 8.45 -1.10
N LEU H 87 -18.81 8.52 -0.19
CA LEU H 87 -18.89 9.47 0.91
C LEU H 87 -18.33 10.79 0.42
N LEU H 88 -19.16 11.82 0.46
CA LEU H 88 -18.76 13.15 0.04
C LEU H 88 -17.67 13.73 0.93
N PRO H 89 -16.80 14.58 0.35
CA PRO H 89 -15.69 15.24 1.05
C PRO H 89 -16.14 15.97 2.31
N SER H 90 -17.30 16.62 2.23
CA SER H 90 -17.84 17.39 3.35
C SER H 90 -18.24 16.54 4.55
N PHE H 91 -18.76 15.34 4.30
CA PHE H 91 -19.17 14.45 5.38
C PHE H 91 -18.02 13.95 6.24
N LYS H 92 -16.80 13.98 5.73
CA LYS H 92 -15.68 13.48 6.50
C LYS H 92 -15.45 14.23 7.80
N GLN H 93 -16.13 15.37 7.95
CA GLN H 93 -16.01 16.17 9.15
C GLN H 93 -16.76 15.51 10.32
N TYR H 94 -17.60 14.53 9.99
CA TYR H 94 -18.40 13.85 11.00
C TYR H 94 -17.71 12.75 11.77
N TRP H 95 -16.58 12.25 11.26
CA TRP H 95 -15.86 11.22 12.00
C TRP H 95 -15.43 11.82 13.32
N ASN H 96 -15.46 11.00 14.37
CA ASN H 96 -15.01 11.50 15.67
C ASN H 96 -13.51 11.75 15.53
N ARG H 97 -12.98 12.61 16.40
CA ARG H 97 -11.55 12.92 16.36
C ARG H 97 -10.74 11.62 16.37
N GLY H 98 -9.96 11.41 15.33
CA GLY H 98 -9.16 10.20 15.26
C GLY H 98 -9.71 9.07 14.41
N GLU H 99 -10.98 9.14 14.01
CA GLU H 99 -11.59 8.09 13.19
C GLU H 99 -11.56 8.44 11.69
N PRO H 100 -11.67 7.43 10.82
CA PRO H 100 -11.82 6.01 11.14
C PRO H 100 -10.41 5.47 11.38
N ASN H 101 -10.21 4.68 12.43
CA ASN H 101 -8.88 4.17 12.71
C ASN H 101 -8.64 2.72 12.36
N ASN H 102 -9.70 1.97 12.09
CA ASN H 102 -9.61 0.56 11.72
C ASN H 102 -8.90 -0.34 12.73
N VAL H 103 -8.85 0.07 14.01
CA VAL H 103 -8.17 -0.73 15.03
C VAL H 103 -8.91 -2.04 15.28
N GLY H 104 -8.21 -3.15 15.13
CA GLY H 104 -8.84 -4.44 15.30
C GLY H 104 -9.67 -4.78 14.06
N GLU H 105 -9.44 -4.04 12.97
CA GLU H 105 -10.14 -4.21 11.67
C GLU H 105 -11.62 -3.80 11.72
N GLU H 106 -11.87 -2.51 11.50
CA GLU H 106 -13.22 -1.95 11.56
C GLU H 106 -13.74 -1.45 10.20
N ASP H 107 -14.71 -2.16 9.65
CA ASP H 107 -15.26 -1.79 8.34
C ASP H 107 -16.70 -1.29 8.31
N CYS H 108 -17.28 -1.02 9.48
CA CYS H 108 -18.66 -0.54 9.54
C CYS H 108 -18.77 0.70 10.43
N ALA H 109 -19.60 1.65 10.02
CA ALA H 109 -19.76 2.89 10.75
C ALA H 109 -20.97 2.94 11.69
N GLU H 110 -20.83 3.75 12.73
CA GLU H 110 -21.87 3.89 13.73
C GLU H 110 -21.88 5.31 14.27
N PHE H 111 -22.96 5.65 14.96
CA PHE H 111 -23.08 6.94 15.59
C PHE H 111 -22.51 6.73 17.00
N SER H 112 -21.53 7.54 17.36
CA SER H 112 -20.88 7.47 18.67
C SER H 112 -20.69 8.88 19.21
N GLY H 113 -21.46 9.23 20.24
CA GLY H 113 -21.31 10.56 20.81
C GLY H 113 -21.70 11.66 19.85
N ASN H 114 -20.75 12.55 19.55
CA ASN H 114 -21.02 13.66 18.64
C ASN H 114 -20.72 13.33 17.17
N GLY H 115 -20.14 12.18 16.90
CA GLY H 115 -19.82 11.84 15.53
C GLY H 115 -19.88 10.38 15.14
N TRP H 116 -19.09 10.02 14.14
CA TRP H 116 -19.04 8.66 13.64
C TRP H 116 -17.77 7.92 14.06
N ASN H 117 -17.86 6.60 14.03
CA ASN H 117 -16.75 5.75 14.38
C ASN H 117 -16.83 4.46 13.60
N ASP H 118 -15.70 3.91 13.21
CA ASP H 118 -15.71 2.63 12.52
C ASP H 118 -15.56 1.61 13.64
N ASP H 119 -16.27 0.49 13.50
CA ASP H 119 -16.23 -0.56 14.51
C ASP H 119 -16.39 -1.89 13.81
N LYS H 120 -16.09 -2.98 14.53
CA LYS H 120 -16.19 -4.33 13.98
C LYS H 120 -17.62 -4.67 13.55
N CYS H 121 -17.78 -5.04 12.29
CA CYS H 121 -19.09 -5.37 11.73
C CYS H 121 -19.79 -6.56 12.36
N ASN H 122 -19.08 -7.32 13.19
CA ASN H 122 -19.67 -8.49 13.81
C ASN H 122 -20.44 -8.14 15.08
N LEU H 123 -20.20 -6.94 15.60
CA LEU H 123 -20.87 -6.50 16.81
C LEU H 123 -22.35 -6.20 16.62
N ALA H 124 -23.11 -6.48 17.68
CA ALA H 124 -24.54 -6.23 17.69
C ALA H 124 -24.73 -4.82 18.22
N LYS H 125 -25.40 -3.99 17.44
CA LYS H 125 -25.67 -2.62 17.83
C LYS H 125 -27.06 -2.29 17.41
N PHE H 126 -27.54 -1.13 17.84
CA PHE H 126 -28.85 -0.71 17.43
C PHE H 126 -28.67 -0.25 16.00
N TRP H 127 -29.77 -0.03 15.29
CA TRP H 127 -29.68 0.40 13.91
C TRP H 127 -30.87 1.27 13.52
N ILE H 128 -30.75 1.97 12.39
CA ILE H 128 -31.83 2.84 11.93
C ILE H 128 -32.20 2.61 10.47
N CYS H 129 -33.46 2.25 10.22
CA CYS H 129 -33.91 2.05 8.84
C CYS H 129 -34.42 3.36 8.28
N LYS H 130 -34.44 3.44 6.96
CA LYS H 130 -34.92 4.62 6.29
C LYS H 130 -35.69 4.20 5.06
N LYS H 131 -36.69 4.99 4.70
CA LYS H 131 -37.49 4.75 3.52
C LYS H 131 -38.35 5.97 3.29
N SER H 132 -38.49 6.33 2.02
CA SER H 132 -39.27 7.49 1.61
C SER H 132 -40.68 7.45 2.16
N ALA H 133 -41.25 8.63 2.41
CA ALA H 133 -42.61 8.74 2.92
C ALA H 133 -43.53 7.89 2.03
N PRO I 7 3.10 -5.88 -43.41
CA PRO I 7 3.58 -4.48 -43.57
C PRO I 7 4.13 -3.91 -42.27
N CYS I 8 3.24 -3.69 -41.30
CA CYS I 8 3.65 -3.18 -40.00
C CYS I 8 3.51 -4.27 -38.95
N PRO I 9 4.12 -4.07 -37.77
CA PRO I 9 4.02 -5.07 -36.71
C PRO I 9 2.60 -5.05 -36.13
N TRP I 10 2.26 -6.06 -35.35
CA TRP I 10 0.94 -6.16 -34.76
C TRP I 10 0.57 -4.91 -33.96
N GLU I 11 -0.66 -4.44 -34.16
CA GLU I 11 -1.17 -3.25 -33.49
C GLU I 11 -0.47 -1.94 -33.77
N TRP I 12 0.47 -1.95 -34.72
CA TRP I 12 1.16 -0.73 -35.10
C TRP I 12 0.34 -0.03 -36.17
N THR I 13 0.47 1.29 -36.26
CA THR I 13 -0.28 2.07 -37.24
C THR I 13 0.57 2.36 -38.48
N PHE I 14 -0.04 2.21 -39.66
CA PHE I 14 0.65 2.46 -40.93
C PHE I 14 0.35 3.85 -41.49
N PHE I 15 1.40 4.55 -41.90
CA PHE I 15 1.24 5.88 -42.47
C PHE I 15 2.34 6.17 -43.49
N GLN I 16 1.94 6.14 -44.75
CA GLN I 16 2.85 6.43 -45.85
C GLN I 16 4.25 5.83 -45.69
N GLY I 17 4.34 4.51 -45.80
CA GLY I 17 5.61 3.82 -45.70
C GLY I 17 6.26 3.74 -44.33
N ASN I 18 5.55 4.16 -43.30
CA ASN I 18 6.10 4.12 -41.95
C ASN I 18 5.15 3.52 -40.94
N CYS I 19 5.72 2.80 -39.97
CA CYS I 19 4.95 2.15 -38.93
C CYS I 19 5.12 2.86 -37.60
N TYR I 20 4.00 3.30 -37.04
CA TYR I 20 4.01 4.02 -35.78
C TYR I 20 3.36 3.23 -34.65
N PHE I 21 3.85 3.47 -33.45
CA PHE I 21 3.33 2.82 -32.26
C PHE I 21 2.99 3.81 -31.16
N MET I 22 1.71 3.87 -30.81
CA MET I 22 1.26 4.75 -29.74
C MET I 22 1.28 3.92 -28.46
N SER I 23 2.06 4.36 -27.47
CA SER I 23 2.17 3.63 -26.23
C SER I 23 1.01 3.93 -25.28
N ASN I 24 0.78 3.01 -24.35
CA ASN I 24 -0.25 3.15 -23.35
C ASN I 24 0.47 3.30 -22.02
N SER I 25 1.79 3.20 -22.08
CA SER I 25 2.61 3.35 -20.88
C SER I 25 3.22 4.75 -20.93
N GLN I 26 3.71 5.21 -19.79
CA GLN I 26 4.31 6.53 -19.73
C GLN I 26 5.71 6.39 -19.13
N ARG I 27 6.68 7.04 -19.77
CA ARG I 27 8.06 6.96 -19.30
C ARG I 27 8.69 8.32 -19.49
N ASN I 28 9.88 8.52 -18.92
CA ASN I 28 10.54 9.78 -19.12
C ASN I 28 11.06 9.75 -20.56
N TRP I 29 11.53 10.89 -21.06
CA TRP I 29 12.02 10.99 -22.44
C TRP I 29 13.03 9.92 -22.82
N HIS I 30 14.02 9.70 -21.97
CA HIS I 30 15.05 8.72 -22.27
C HIS I 30 14.59 7.28 -22.19
N ASP I 31 13.77 6.96 -21.18
CA ASP I 31 13.26 5.60 -21.02
C ASP I 31 12.43 5.23 -22.24
N SER I 32 11.94 6.24 -22.95
CA SER I 32 11.13 6.02 -24.14
C SER I 32 12.02 5.71 -25.32
N ILE I 33 13.15 6.42 -25.41
CA ILE I 33 14.11 6.22 -26.49
C ILE I 33 14.57 4.78 -26.45
N THR I 34 15.09 4.39 -25.30
CA THR I 34 15.58 3.03 -25.11
C THR I 34 14.44 2.04 -25.31
N ALA I 35 13.20 2.53 -25.34
CA ALA I 35 12.06 1.66 -25.53
C ALA I 35 11.88 1.35 -27.02
N CYS I 36 11.93 2.38 -27.85
CA CYS I 36 11.77 2.19 -29.28
C CYS I 36 12.99 1.44 -29.80
N LYS I 37 14.07 1.43 -29.04
CA LYS I 37 15.27 0.75 -29.45
C LYS I 37 15.06 -0.75 -29.37
N GLU I 38 14.41 -1.18 -28.30
CA GLU I 38 14.15 -2.60 -28.12
C GLU I 38 13.44 -3.22 -29.31
N VAL I 39 12.87 -2.39 -30.18
CA VAL I 39 12.16 -2.91 -31.35
C VAL I 39 12.63 -2.29 -32.65
N GLY I 40 13.91 -1.91 -32.70
CA GLY I 40 14.46 -1.31 -33.90
C GLY I 40 13.62 -0.16 -34.37
N ALA I 41 13.04 0.56 -33.41
CA ALA I 41 12.22 1.71 -33.71
C ALA I 41 12.88 2.96 -33.19
N GLN I 42 12.40 4.09 -33.70
CA GLN I 42 12.92 5.39 -33.35
C GLN I 42 11.85 6.26 -32.70
N LEU I 43 12.19 6.94 -31.61
CA LEU I 43 11.24 7.82 -30.95
C LEU I 43 10.90 8.89 -31.99
N VAL I 44 9.78 8.67 -32.66
CA VAL I 44 9.25 9.51 -33.74
C VAL I 44 9.95 10.84 -34.08
N VAL I 45 10.31 10.98 -35.35
CA VAL I 45 10.96 12.17 -35.89
C VAL I 45 10.15 12.67 -37.08
N ILE I 46 9.45 13.78 -36.91
CA ILE I 46 8.64 14.32 -37.99
C ILE I 46 9.46 14.87 -39.16
N LYS I 47 9.03 14.56 -40.37
CA LYS I 47 9.72 14.99 -41.58
C LYS I 47 8.80 15.82 -42.46
N SER I 48 7.50 15.68 -42.26
CA SER I 48 6.54 16.41 -43.07
C SER I 48 5.35 16.95 -42.30
N ALA I 49 4.65 17.88 -42.93
CA ALA I 49 3.48 18.52 -42.34
C ALA I 49 2.27 17.61 -42.31
N GLU I 50 2.13 16.76 -43.31
CA GLU I 50 0.98 15.85 -43.34
C GLU I 50 1.18 14.86 -42.22
N GLU I 51 2.43 14.51 -41.99
CA GLU I 51 2.77 13.57 -40.93
C GLU I 51 2.43 14.21 -39.60
N GLN I 52 2.88 15.45 -39.43
CA GLN I 52 2.63 16.21 -38.22
C GLN I 52 1.15 16.28 -37.90
N ASN I 53 0.34 16.63 -38.92
CA ASN I 53 -1.10 16.71 -38.73
C ASN I 53 -1.66 15.38 -38.30
N PHE I 54 -1.15 14.31 -38.92
CA PHE I 54 -1.61 12.98 -38.57
C PHE I 54 -1.25 12.61 -37.14
N LEU I 55 -0.05 13.02 -36.73
CA LEU I 55 0.42 12.72 -35.39
C LEU I 55 -0.31 13.56 -34.34
N GLN I 56 -0.37 14.87 -34.56
CA GLN I 56 -1.02 15.76 -33.63
C GLN I 56 -2.40 15.20 -33.34
N LEU I 57 -3.01 14.60 -34.35
CA LEU I 57 -4.35 14.02 -34.22
C LEU I 57 -4.39 12.84 -33.25
N GLN I 58 -3.46 11.91 -33.38
CA GLN I 58 -3.42 10.76 -32.48
C GLN I 58 -3.54 11.23 -31.03
N SER I 59 -2.66 12.13 -30.64
CA SER I 59 -2.64 12.67 -29.29
C SER I 59 -3.86 13.55 -29.07
N SER I 60 -4.18 14.38 -30.07
CA SER I 60 -5.29 15.30 -30.01
C SER I 60 -6.62 14.66 -29.63
N ARG I 61 -6.93 13.52 -30.24
CA ARG I 61 -8.18 12.83 -29.97
C ARG I 61 -8.18 12.19 -28.58
N SER I 62 -7.14 11.40 -28.29
CA SER I 62 -7.04 10.75 -26.99
C SER I 62 -6.66 11.73 -25.88
N ASN I 63 -6.43 12.98 -26.25
CA ASN I 63 -6.05 14.03 -25.30
C ASN I 63 -4.94 13.53 -24.38
N ARG I 64 -3.80 13.18 -24.98
CA ARG I 64 -2.65 12.66 -24.23
C ARG I 64 -1.37 13.42 -24.49
N PHE I 65 -0.62 13.73 -23.43
CA PHE I 65 0.66 14.42 -23.60
C PHE I 65 1.57 13.35 -24.16
N THR I 66 2.19 13.62 -25.31
CA THR I 66 3.04 12.63 -25.94
C THR I 66 4.41 13.11 -26.40
N TRP I 67 5.43 12.34 -26.01
CA TRP I 67 6.82 12.61 -26.34
C TRP I 67 7.08 12.41 -27.84
N MET I 68 8.19 13.01 -28.30
CA MET I 68 8.64 12.89 -29.67
C MET I 68 10.17 13.02 -29.63
N GLY I 69 10.85 12.57 -30.67
CA GLY I 69 12.30 12.66 -30.69
C GLY I 69 12.78 14.04 -31.09
N LEU I 70 12.62 15.00 -30.19
CA LEU I 70 13.03 16.37 -30.44
C LEU I 70 13.46 16.98 -29.13
N SER I 71 14.59 17.69 -29.12
CA SER I 71 15.05 18.30 -27.88
C SER I 71 16.11 19.37 -28.06
N ASP I 72 16.40 20.06 -26.99
CA ASP I 72 17.43 21.10 -27.01
C ASP I 72 18.31 20.81 -25.81
N LEU I 73 18.51 19.51 -25.59
CA LEU I 73 19.33 18.98 -24.50
C LEU I 73 20.80 19.35 -24.66
N ASN I 74 21.36 18.97 -25.80
CA ASN I 74 22.76 19.25 -26.09
C ASN I 74 23.07 20.74 -26.01
N GLN I 75 22.26 21.53 -26.70
CA GLN I 75 22.45 22.98 -26.74
C GLN I 75 21.14 23.70 -26.48
N GLU I 76 20.95 24.18 -25.25
CA GLU I 76 19.73 24.89 -24.88
C GLU I 76 19.41 25.94 -25.93
N GLY I 77 18.15 25.96 -26.35
CA GLY I 77 17.73 26.92 -27.36
C GLY I 77 17.83 26.34 -28.77
N THR I 78 18.69 25.33 -28.93
CA THR I 78 18.90 24.67 -30.21
C THR I 78 18.21 23.31 -30.24
N TRP I 79 17.06 23.25 -30.89
CA TRP I 79 16.29 22.02 -30.96
C TRP I 79 16.71 21.11 -32.09
N GLN I 80 17.14 19.90 -31.74
CA GLN I 80 17.58 18.92 -32.71
C GLN I 80 16.90 17.56 -32.52
N TRP I 81 16.45 16.97 -33.62
CA TRP I 81 15.80 15.67 -33.58
C TRP I 81 16.82 14.64 -33.13
N VAL I 82 16.34 13.49 -32.67
CA VAL I 82 17.23 12.43 -32.21
C VAL I 82 18.05 11.84 -33.35
N ASP I 83 17.58 12.01 -34.57
CA ASP I 83 18.28 11.46 -35.73
C ASP I 83 19.38 12.44 -36.15
N GLY I 84 19.39 13.62 -35.54
CA GLY I 84 20.40 14.60 -35.86
C GLY I 84 19.89 15.81 -36.62
N SER I 85 18.97 15.61 -37.56
CA SER I 85 18.45 16.72 -38.34
C SER I 85 18.02 17.90 -37.49
N PRO I 86 18.09 19.13 -38.05
CA PRO I 86 17.71 20.35 -37.34
C PRO I 86 16.21 20.63 -37.45
N LEU I 87 15.74 21.61 -36.69
CA LEU I 87 14.34 21.96 -36.72
C LEU I 87 14.09 22.99 -37.81
N LEU I 88 13.76 22.51 -38.99
CA LEU I 88 13.49 23.39 -40.13
C LEU I 88 12.61 24.56 -39.71
N PRO I 89 13.02 25.79 -40.09
CA PRO I 89 12.24 26.98 -39.73
C PRO I 89 10.77 26.81 -40.08
N SER I 90 10.50 25.79 -40.88
CA SER I 90 9.14 25.49 -41.32
C SER I 90 8.24 24.97 -40.20
N PHE I 91 8.75 24.02 -39.42
CA PHE I 91 7.98 23.43 -38.32
C PHE I 91 7.61 24.44 -37.23
N LYS I 92 8.50 25.40 -36.98
CA LYS I 92 8.30 26.43 -35.96
C LYS I 92 6.84 26.83 -35.76
N GLN I 93 6.08 26.81 -36.85
CA GLN I 93 4.66 27.16 -36.84
C GLN I 93 3.87 26.25 -35.89
N TYR I 94 4.46 25.13 -35.49
CA TYR I 94 3.77 24.17 -34.65
C TYR I 94 3.78 24.42 -33.15
N TRP I 95 4.80 25.11 -32.64
CA TRP I 95 4.83 25.38 -31.20
C TRP I 95 3.56 26.12 -30.82
N ASN I 96 3.12 25.93 -29.58
CA ASN I 96 1.93 26.61 -29.10
C ASN I 96 2.39 27.99 -28.64
N ARG I 97 1.49 28.96 -28.68
CA ARG I 97 1.81 30.31 -28.27
C ARG I 97 2.66 30.29 -27.00
N GLY I 98 3.77 31.00 -27.02
CA GLY I 98 4.63 31.05 -25.86
C GLY I 98 5.62 29.91 -25.70
N GLU I 99 5.53 28.90 -26.55
CA GLU I 99 6.46 27.79 -26.46
C GLU I 99 7.51 27.92 -27.56
N PRO I 100 8.75 27.44 -27.31
CA PRO I 100 9.19 26.80 -26.06
C PRO I 100 9.63 27.85 -25.04
N ASN I 101 9.07 27.79 -23.84
CA ASN I 101 9.43 28.75 -22.80
C ASN I 101 10.50 28.23 -21.87
N ASN I 102 10.87 26.96 -22.05
CA ASN I 102 11.91 26.34 -21.22
C ASN I 102 11.71 26.61 -19.73
N VAL I 103 10.45 26.81 -19.33
CA VAL I 103 10.09 27.09 -17.93
C VAL I 103 10.65 26.09 -16.92
N GLY I 104 11.56 26.55 -16.06
CA GLY I 104 12.16 25.66 -15.09
C GLY I 104 13.03 24.63 -15.78
N GLU I 105 13.54 24.98 -16.95
CA GLU I 105 14.41 24.12 -17.77
C GLU I 105 13.70 22.94 -18.42
N GLU I 106 13.08 23.20 -19.57
CA GLU I 106 12.36 22.18 -20.31
C GLU I 106 13.12 21.89 -21.62
N ASP I 107 13.75 20.73 -21.69
CA ASP I 107 14.53 20.39 -22.87
C ASP I 107 14.04 19.22 -23.71
N CYS I 108 12.75 18.88 -23.59
CA CYS I 108 12.16 17.80 -24.36
C CYS I 108 10.81 18.25 -24.94
N ALA I 109 10.51 17.83 -26.16
CA ALA I 109 9.27 18.21 -26.82
C ALA I 109 8.20 17.13 -26.78
N GLU I 110 6.95 17.58 -26.66
CA GLU I 110 5.79 16.68 -26.60
C GLU I 110 4.61 17.30 -27.29
N PHE I 111 3.68 16.47 -27.74
CA PHE I 111 2.47 16.96 -28.37
C PHE I 111 1.52 17.41 -27.27
N SER I 112 1.05 18.65 -27.38
CA SER I 112 0.16 19.20 -26.37
C SER I 112 -0.99 19.96 -26.99
N GLY I 113 -2.20 19.43 -26.81
CA GLY I 113 -3.36 20.09 -27.37
C GLY I 113 -3.32 20.11 -28.88
N ASN I 114 -3.19 21.30 -29.45
CA ASN I 114 -3.15 21.45 -30.90
C ASN I 114 -1.74 21.67 -31.42
N GLY I 115 -0.80 21.85 -30.50
CA GLY I 115 0.55 22.08 -30.93
C GLY I 115 1.60 21.32 -30.14
N TRP I 116 2.72 21.98 -29.92
CA TRP I 116 3.83 21.41 -29.20
C TRP I 116 4.14 22.28 -28.01
N ASN I 117 4.91 21.72 -27.08
CA ASN I 117 5.33 22.43 -25.89
C ASN I 117 6.56 21.72 -25.36
N ASP I 118 7.50 22.47 -24.82
CA ASP I 118 8.67 21.84 -24.25
C ASP I 118 8.33 21.58 -22.80
N ASP I 119 8.88 20.49 -22.26
CA ASP I 119 8.62 20.10 -20.89
C ASP I 119 9.83 19.36 -20.36
N LYS I 120 9.83 19.10 -19.06
CA LYS I 120 10.92 18.41 -18.37
C LYS I 120 11.09 16.97 -18.85
N CYS I 121 12.29 16.65 -19.30
CA CYS I 121 12.60 15.31 -19.79
C CYS I 121 12.41 14.20 -18.77
N ASN I 122 12.42 14.55 -17.50
CA ASN I 122 12.27 13.56 -16.44
C ASN I 122 10.82 13.10 -16.20
N LEU I 123 9.86 13.84 -16.76
CA LEU I 123 8.45 13.51 -16.59
C LEU I 123 8.00 12.34 -17.47
N ALA I 124 7.09 11.53 -16.94
CA ALA I 124 6.60 10.37 -17.66
C ALA I 124 5.38 10.71 -18.50
N LYS I 125 5.50 10.53 -19.80
CA LYS I 125 4.41 10.79 -20.71
C LYS I 125 4.31 9.62 -21.67
N PHE I 126 3.27 9.61 -22.49
CA PHE I 126 3.13 8.56 -23.48
C PHE I 126 4.14 8.88 -24.57
N TRP I 127 4.49 7.89 -25.38
CA TRP I 127 5.46 8.10 -26.44
C TRP I 127 5.06 7.38 -27.71
N ILE I 128 5.67 7.80 -28.82
CA ILE I 128 5.39 7.21 -30.12
C ILE I 128 6.65 6.74 -30.83
N CYS I 129 6.68 5.48 -31.22
CA CYS I 129 7.84 4.96 -31.94
C CYS I 129 7.52 5.09 -33.40
N LYS I 130 8.54 4.87 -34.24
CA LYS I 130 8.36 4.98 -35.67
C LYS I 130 9.42 4.16 -36.39
N LYS I 131 9.09 3.76 -37.61
CA LYS I 131 10.01 3.00 -38.46
C LYS I 131 9.37 2.65 -39.79
N SER I 132 10.22 2.57 -40.82
CA SER I 132 9.80 2.25 -42.17
C SER I 132 8.99 0.95 -42.20
N ALA I 133 8.01 0.91 -43.09
CA ALA I 133 7.18 -0.29 -43.25
C ALA I 133 7.87 -1.26 -44.21
N ALA I 134 7.94 -2.52 -43.83
CA ALA I 134 8.56 -3.54 -44.65
C ALA I 134 7.82 -3.71 -45.99
N PRO J 7 35.33 15.28 4.24
CA PRO J 7 36.49 14.56 4.82
C PRO J 7 36.63 13.15 4.23
N CYS J 8 35.51 12.48 4.02
CA CYS J 8 35.49 11.14 3.43
C CYS J 8 34.63 11.16 2.17
N PRO J 9 34.89 10.26 1.22
CA PRO J 9 34.08 10.24 0.01
C PRO J 9 32.64 9.90 0.40
N TRP J 10 31.73 10.01 -0.57
CA TRP J 10 30.33 9.74 -0.30
C TRP J 10 30.12 8.29 0.15
N GLU J 11 29.29 8.12 1.16
CA GLU J 11 28.97 6.81 1.72
C GLU J 11 30.18 5.96 2.14
N TRP J 12 31.22 6.65 2.58
CA TRP J 12 32.44 6.00 3.08
C TRP J 12 32.42 6.23 4.58
N THR J 13 33.05 5.33 5.32
CA THR J 13 33.06 5.46 6.77
C THR J 13 34.34 6.05 7.31
N PHE J 14 34.21 6.99 8.24
CA PHE J 14 35.38 7.62 8.83
C PHE J 14 35.68 6.97 10.16
N PHE J 15 36.97 6.70 10.36
CA PHE J 15 37.42 6.11 11.61
C PHE J 15 38.87 6.51 11.82
N GLN J 16 39.07 7.39 12.79
CA GLN J 16 40.39 7.88 13.17
C GLN J 16 41.32 8.17 11.99
N GLY J 17 41.13 9.33 11.36
CA GLY J 17 41.99 9.74 10.27
C GLY J 17 41.82 9.11 8.90
N ASN J 18 41.21 7.93 8.84
CA ASN J 18 41.03 7.26 7.55
C ASN J 18 39.57 7.03 7.19
N CYS J 19 39.35 6.73 5.91
CA CYS J 19 38.01 6.46 5.37
C CYS J 19 38.02 5.08 4.75
N TYR J 20 37.10 4.24 5.20
CA TYR J 20 37.03 2.88 4.67
C TYR J 20 35.77 2.62 3.85
N PHE J 21 35.91 1.72 2.88
CA PHE J 21 34.81 1.36 2.01
C PHE J 21 34.53 -0.14 2.06
N MET J 22 33.26 -0.49 2.23
CA MET J 22 32.84 -1.90 2.27
C MET J 22 32.08 -2.20 0.99
N SER J 23 32.64 -3.09 0.18
CA SER J 23 32.02 -3.44 -1.09
C SER J 23 30.70 -4.18 -0.97
N ASN J 24 29.88 -4.08 -2.01
CA ASN J 24 28.61 -4.79 -2.05
C ASN J 24 28.85 -5.90 -3.05
N SER J 25 29.94 -5.76 -3.79
CA SER J 25 30.34 -6.75 -4.79
C SER J 25 31.43 -7.66 -4.23
N GLN J 26 31.49 -8.87 -4.75
CA GLN J 26 32.48 -9.85 -4.31
C GLN J 26 33.47 -10.10 -5.44
N ARG J 27 34.76 -9.87 -5.16
CA ARG J 27 35.82 -10.07 -6.13
C ARG J 27 36.91 -10.97 -5.56
N ASN J 28 37.71 -11.61 -6.42
CA ASN J 28 38.77 -12.45 -5.90
C ASN J 28 39.77 -11.49 -5.29
N TRP J 29 40.65 -12.01 -4.45
CA TRP J 29 41.65 -11.21 -3.74
C TRP J 29 42.41 -10.23 -4.62
N HIS J 30 42.90 -10.70 -5.77
CA HIS J 30 43.65 -9.84 -6.69
C HIS J 30 42.74 -8.75 -7.24
N ASP J 31 41.64 -9.18 -7.85
CA ASP J 31 40.68 -8.24 -8.42
C ASP J 31 40.16 -7.28 -7.36
N SER J 32 40.29 -7.65 -6.10
CA SER J 32 39.85 -6.77 -5.01
C SER J 32 40.93 -5.74 -4.77
N ILE J 33 42.15 -6.08 -5.18
CA ILE J 33 43.29 -5.20 -5.02
C ILE J 33 43.28 -4.11 -6.09
N THR J 34 43.01 -4.51 -7.33
CA THR J 34 42.96 -3.57 -8.43
C THR J 34 41.78 -2.64 -8.26
N ALA J 35 40.71 -3.14 -7.63
CA ALA J 35 39.52 -2.32 -7.41
C ALA J 35 39.78 -1.15 -6.48
N CYS J 36 40.54 -1.37 -5.41
CA CYS J 36 40.84 -0.28 -4.48
C CYS J 36 41.82 0.72 -5.11
N LYS J 37 42.77 0.21 -5.88
CA LYS J 37 43.74 1.08 -6.53
C LYS J 37 43.01 2.10 -7.39
N GLU J 38 42.01 1.62 -8.12
CA GLU J 38 41.21 2.47 -8.97
C GLU J 38 40.67 3.73 -8.31
N VAL J 39 40.51 3.70 -6.99
CA VAL J 39 40.02 4.89 -6.29
C VAL J 39 41.10 5.38 -5.35
N GLY J 40 42.35 5.20 -5.79
CA GLY J 40 43.49 5.62 -5.00
C GLY J 40 43.37 5.11 -3.58
N ALA J 41 43.02 3.84 -3.44
CA ALA J 41 42.89 3.23 -2.13
C ALA J 41 43.56 1.86 -2.10
N GLN J 42 43.81 1.36 -0.90
CA GLN J 42 44.45 0.07 -0.74
C GLN J 42 43.59 -0.88 0.08
N LEU J 43 43.57 -2.15 -0.33
CA LEU J 43 42.80 -3.16 0.38
C LEU J 43 43.21 -3.09 1.85
N VAL J 44 42.28 -2.68 2.70
CA VAL J 44 42.55 -2.53 4.12
C VAL J 44 43.75 -3.29 4.68
N VAL J 45 44.67 -2.52 5.25
CA VAL J 45 45.88 -3.03 5.88
C VAL J 45 45.78 -2.51 7.30
N ILE J 46 45.58 -3.40 8.27
CA ILE J 46 45.44 -3.00 9.66
C ILE J 46 46.74 -2.54 10.31
N LYS J 47 46.70 -1.38 10.96
CA LYS J 47 47.87 -0.80 11.61
C LYS J 47 47.78 -0.69 13.12
N SER J 48 46.60 -1.00 13.68
CA SER J 48 46.44 -0.93 15.13
C SER J 48 45.33 -1.85 15.59
N ALA J 49 45.27 -2.09 16.88
CA ALA J 49 44.26 -2.95 17.46
C ALA J 49 42.86 -2.41 17.26
N GLU J 50 42.65 -1.16 17.68
CA GLU J 50 41.34 -0.50 17.56
C GLU J 50 40.79 -0.75 16.16
N GLU J 51 41.58 -0.32 15.18
CA GLU J 51 41.21 -0.47 13.78
C GLU J 51 40.66 -1.87 13.54
N GLN J 52 41.41 -2.88 13.97
CA GLN J 52 41.00 -4.26 13.81
C GLN J 52 39.67 -4.56 14.48
N ASN J 53 39.50 -4.10 15.72
CA ASN J 53 38.26 -4.34 16.47
C ASN J 53 37.07 -3.74 15.75
N PHE J 54 37.30 -2.59 15.14
CA PHE J 54 36.27 -1.86 14.41
C PHE J 54 35.90 -2.55 13.09
N LEU J 55 36.89 -3.13 12.43
CA LEU J 55 36.69 -3.82 11.17
C LEU J 55 35.98 -5.17 11.32
N GLN J 56 36.26 -5.87 12.41
CA GLN J 56 35.65 -7.17 12.65
C GLN J 56 34.14 -7.02 12.79
N LEU J 57 33.72 -5.94 13.44
CA LEU J 57 32.30 -5.68 13.65
C LEU J 57 31.59 -5.46 12.32
N GLN J 58 32.25 -4.73 11.43
CA GLN J 58 31.73 -4.44 10.10
C GLN J 58 31.37 -5.71 9.35
N SER J 59 32.19 -6.74 9.49
CA SER J 59 31.95 -8.00 8.80
C SER J 59 31.14 -8.93 9.69
N SER J 60 31.13 -8.65 10.98
CA SER J 60 30.41 -9.48 11.93
C SER J 60 28.91 -9.24 11.86
N ARG J 61 28.51 -7.98 11.77
CA ARG J 61 27.09 -7.65 11.68
C ARG J 61 26.49 -8.32 10.45
N SER J 62 26.90 -7.81 9.28
CA SER J 62 26.41 -8.30 7.99
C SER J 62 26.66 -9.77 7.71
N ASN J 63 27.54 -10.41 8.49
CA ASN J 63 27.87 -11.82 8.30
C ASN J 63 28.42 -12.03 6.89
N ARG J 64 29.33 -11.15 6.48
CA ARG J 64 29.92 -11.24 5.16
C ARG J 64 31.39 -11.62 5.23
N PHE J 65 31.80 -12.56 4.38
CA PHE J 65 33.18 -12.96 4.32
C PHE J 65 33.87 -11.82 3.57
N THR J 66 34.85 -11.19 4.22
CA THR J 66 35.54 -10.03 3.67
C THR J 66 37.08 -10.06 3.58
N TRP J 67 37.60 -9.84 2.37
CA TRP J 67 39.03 -9.82 2.13
C TRP J 67 39.72 -8.65 2.84
N MET J 68 40.99 -8.86 3.20
CA MET J 68 41.81 -7.81 3.82
C MET J 68 43.17 -7.90 3.11
N GLY J 69 43.90 -6.79 3.08
CA GLY J 69 45.19 -6.78 2.40
C GLY J 69 46.30 -7.55 3.10
N LEU J 70 46.11 -8.86 3.23
CA LEU J 70 47.09 -9.70 3.90
C LEU J 70 47.18 -11.08 3.27
N SER J 71 48.38 -11.49 2.87
CA SER J 71 48.57 -12.79 2.26
C SER J 71 49.96 -13.37 2.51
N ASP J 72 50.07 -14.68 2.41
CA ASP J 72 51.34 -15.38 2.60
C ASP J 72 51.62 -16.12 1.30
N LEU J 73 51.36 -15.45 0.19
CA LEU J 73 51.56 -16.03 -1.14
C LEU J 73 53.01 -16.23 -1.54
N ASN J 74 53.78 -15.15 -1.53
CA ASN J 74 55.18 -15.21 -1.92
C ASN J 74 56.01 -16.16 -1.05
N GLN J 75 55.58 -16.37 0.19
CA GLN J 75 56.30 -17.27 1.08
C GLN J 75 55.38 -17.92 2.10
N GLU J 76 54.88 -19.10 1.73
CA GLU J 76 53.98 -19.88 2.57
C GLU J 76 54.35 -19.76 4.04
N GLY J 77 53.35 -19.57 4.89
CA GLY J 77 53.59 -19.46 6.32
C GLY J 77 54.03 -18.09 6.79
N THR J 78 54.52 -17.27 5.86
CA THR J 78 54.98 -15.91 6.18
C THR J 78 53.98 -14.88 5.64
N TRP J 79 53.14 -14.36 6.54
CA TRP J 79 52.11 -13.38 6.20
C TRP J 79 52.55 -11.93 6.12
N GLN J 80 52.24 -11.30 5.00
CA GLN J 80 52.62 -9.91 4.76
C GLN J 80 51.46 -9.08 4.18
N TRP J 81 51.35 -7.84 4.64
CA TRP J 81 50.32 -6.92 4.16
C TRP J 81 50.65 -6.47 2.74
N VAL J 82 49.61 -6.24 1.93
CA VAL J 82 49.80 -5.83 0.54
C VAL J 82 50.75 -4.65 0.31
N ASP J 83 51.04 -3.88 1.34
CA ASP J 83 51.94 -2.74 1.19
C ASP J 83 53.39 -3.17 1.37
N GLY J 84 53.57 -4.27 2.10
CA GLY J 84 54.90 -4.78 2.36
C GLY J 84 55.14 -5.04 3.83
N SER J 85 54.81 -4.08 4.70
CA SER J 85 55.05 -4.26 6.12
C SER J 85 54.63 -5.67 6.56
N PRO J 86 55.59 -6.48 7.00
CA PRO J 86 55.25 -7.84 7.42
C PRO J 86 54.25 -7.82 8.58
N LEU J 87 53.54 -8.93 8.75
CA LEU J 87 52.55 -9.06 9.81
C LEU J 87 53.19 -9.15 11.19
N LEU J 88 52.79 -8.26 12.09
CA LEU J 88 53.33 -8.27 13.45
C LEU J 88 52.74 -9.42 14.26
N PRO J 89 53.34 -9.72 15.41
CA PRO J 89 52.89 -10.81 16.29
C PRO J 89 51.58 -10.50 17.02
N SER J 90 51.52 -9.31 17.61
CA SER J 90 50.34 -8.89 18.35
C SER J 90 49.04 -9.27 17.65
N PHE J 91 48.97 -8.97 16.36
CA PHE J 91 47.80 -9.27 15.53
C PHE J 91 47.45 -10.75 15.50
N LYS J 92 48.48 -11.59 15.37
CA LYS J 92 48.30 -13.03 15.29
C LYS J 92 47.35 -13.65 16.30
N GLN J 93 46.88 -12.86 17.25
CA GLN J 93 45.93 -13.32 18.25
C GLN J 93 44.52 -13.25 17.69
N TYR J 94 44.39 -12.72 16.47
CA TYR J 94 43.09 -12.56 15.82
C TYR J 94 42.62 -13.74 14.98
N TRP J 95 43.54 -14.61 14.59
CA TRP J 95 43.17 -15.79 13.81
C TRP J 95 42.14 -16.57 14.59
N ASN J 96 41.21 -17.19 13.89
CA ASN J 96 40.19 -18.01 14.52
C ASN J 96 40.88 -19.32 14.87
N ARG J 97 40.22 -20.12 15.70
CA ARG J 97 40.79 -21.39 16.12
C ARG J 97 41.24 -22.27 14.96
N GLY J 98 42.49 -22.70 15.03
CA GLY J 98 43.05 -23.56 13.99
C GLY J 98 43.51 -22.84 12.75
N GLU J 99 43.44 -21.53 12.75
CA GLU J 99 43.87 -20.75 11.59
C GLU J 99 45.20 -20.05 11.86
N PRO J 100 46.03 -19.89 10.81
CA PRO J 100 45.78 -20.35 9.44
C PRO J 100 46.06 -21.86 9.33
N ASN J 101 45.22 -22.56 8.58
CA ASN J 101 45.39 -23.99 8.40
C ASN J 101 45.76 -24.35 6.96
N ASN J 102 45.88 -23.32 6.13
CA ASN J 102 46.26 -23.48 4.73
C ASN J 102 45.68 -24.74 4.09
N VAL J 103 44.43 -25.03 4.42
CA VAL J 103 43.75 -26.21 3.89
C VAL J 103 43.52 -26.07 2.38
N GLY J 104 44.06 -27.01 1.63
CA GLY J 104 43.91 -26.96 0.19
C GLY J 104 44.76 -25.86 -0.40
N GLU J 105 45.57 -25.24 0.44
CA GLU J 105 46.45 -24.13 0.06
C GLU J 105 45.71 -22.79 -0.05
N GLU J 106 45.49 -22.17 1.10
CA GLU J 106 44.80 -20.90 1.20
C GLU J 106 45.84 -19.85 1.54
N ASP J 107 45.99 -18.83 0.72
CA ASP J 107 47.01 -17.82 1.01
C ASP J 107 46.54 -16.39 1.14
N CYS J 108 45.27 -16.21 1.48
CA CYS J 108 44.68 -14.90 1.64
C CYS J 108 43.83 -14.78 2.91
N ALA J 109 44.01 -13.68 3.64
CA ALA J 109 43.25 -13.47 4.87
C ALA J 109 41.89 -12.82 4.65
N GLU J 110 40.92 -13.19 5.48
CA GLU J 110 39.56 -12.67 5.39
C GLU J 110 38.99 -12.55 6.79
N PHE J 111 38.11 -11.57 6.99
CA PHE J 111 37.46 -11.45 8.29
C PHE J 111 36.36 -12.50 8.19
N SER J 112 36.36 -13.45 9.11
CA SER J 112 35.36 -14.51 9.11
C SER J 112 34.95 -14.73 10.55
N GLY J 113 33.67 -14.52 10.83
CA GLY J 113 33.15 -14.69 12.18
C GLY J 113 33.70 -13.64 13.14
N ASN J 114 34.31 -14.08 14.22
CA ASN J 114 34.85 -13.14 15.18
C ASN J 114 36.33 -12.88 14.98
N GLY J 115 36.91 -13.50 13.97
CA GLY J 115 38.33 -13.29 13.71
C GLY J 115 38.73 -13.42 12.26
N TRP J 116 39.97 -13.84 12.03
CA TRP J 116 40.50 -14.02 10.68
C TRP J 116 40.53 -15.47 10.25
N ASN J 117 40.70 -15.67 8.95
CA ASN J 117 40.79 -17.00 8.38
C ASN J 117 41.54 -16.92 7.07
N ASP J 118 42.27 -17.96 6.74
CA ASP J 118 42.99 -18.00 5.49
C ASP J 118 42.12 -18.80 4.51
N ASP J 119 41.90 -18.25 3.31
CA ASP J 119 41.10 -18.93 2.31
C ASP J 119 41.74 -18.78 0.93
N LYS J 120 41.23 -19.53 -0.05
CA LYS J 120 41.75 -19.47 -1.42
C LYS J 120 41.57 -18.08 -2.03
N CYS J 121 42.67 -17.54 -2.56
CA CYS J 121 42.67 -16.20 -3.15
C CYS J 121 41.84 -16.04 -4.41
N ASN J 122 41.48 -17.14 -5.04
CA ASN J 122 40.69 -17.06 -6.26
C ASN J 122 39.21 -16.89 -5.96
N LEU J 123 38.82 -17.08 -4.70
CA LEU J 123 37.42 -16.95 -4.34
C LEU J 123 36.95 -15.50 -4.28
N ALA J 124 35.73 -15.28 -4.74
CA ALA J 124 35.14 -13.97 -4.74
C ALA J 124 34.55 -13.73 -3.37
N LYS J 125 34.88 -12.58 -2.78
CA LYS J 125 34.39 -12.24 -1.46
C LYS J 125 34.24 -10.73 -1.40
N PHE J 126 33.61 -10.23 -0.34
CA PHE J 126 33.46 -8.80 -0.20
C PHE J 126 34.83 -8.28 0.21
N TRP J 127 34.98 -6.97 0.31
CA TRP J 127 36.28 -6.41 0.67
C TRP J 127 36.19 -4.98 1.16
N ILE J 128 37.30 -4.50 1.71
CA ILE J 128 37.37 -3.16 2.25
C ILE J 128 38.59 -2.39 1.73
N CYS J 129 38.40 -1.12 1.41
CA CYS J 129 39.50 -0.27 0.94
C CYS J 129 39.75 0.73 2.06
N LYS J 130 40.92 1.35 2.05
CA LYS J 130 41.25 2.31 3.09
C LYS J 130 42.06 3.48 2.52
N LYS J 131 42.17 4.53 3.33
CA LYS J 131 42.93 5.74 3.00
C LYS J 131 42.55 6.85 3.99
N SER J 132 43.49 7.77 4.23
CA SER J 132 43.28 8.88 5.16
C SER J 132 42.22 9.86 4.69
N ALA J 133 41.77 10.71 5.61
CA ALA J 133 40.74 11.71 5.32
C ALA J 133 41.28 13.03 4.77
N ALA J 134 41.14 14.10 5.55
CA ALA J 134 41.59 15.44 5.15
C ALA J 134 41.42 16.46 6.27
C1 MAN K . 29.08 -23.57 9.72
C2 MAN K . 30.16 -24.42 9.03
C3 MAN K . 31.10 -23.51 8.23
C4 MAN K . 30.29 -22.65 7.27
C5 MAN K . 29.16 -21.90 8.01
C6 MAN K . 28.25 -21.20 7.04
O1 MAN K . 29.66 -22.65 10.59
O2 MAN K . 29.55 -25.35 8.16
O3 MAN K . 32.01 -24.31 7.47
O4 MAN K . 31.15 -21.73 6.64
O5 MAN K . 28.34 -22.83 8.75
O6 MAN K . 27.60 -22.20 6.22
C1 MAN K . 33.33 -24.37 7.91
C2 MAN K . 34.17 -25.11 6.87
C3 MAN K . 33.68 -26.55 6.77
C4 MAN K . 33.77 -27.22 8.14
C5 MAN K . 33.04 -26.40 9.22
C6 MAN K . 33.40 -26.89 10.60
O2 MAN K . 35.56 -25.09 7.24
O3 MAN K . 34.46 -27.25 5.83
O4 MAN K . 33.20 -28.52 8.08
O5 MAN K . 33.45 -25.01 9.18
O6 MAN K . 32.27 -26.89 11.46
C1 NAG K . 36.32 -24.06 6.72
C2 NAG K . 37.59 -23.87 7.55
C3 NAG K . 38.54 -22.84 6.90
C4 NAG K . 38.71 -23.06 5.40
C5 NAG K . 37.38 -23.31 4.71
C6 NAG K . 37.57 -23.73 3.27
C7 NAG K . 36.87 -24.26 9.83
C8 NAG K . 35.98 -23.72 10.94
N2 NAG K . 37.22 -23.40 8.88
O3 NAG K . 39.82 -22.89 7.50
O4 NAG K . 39.32 -21.91 4.85
O5 NAG K . 36.66 -24.38 5.37
O6 NAG K . 37.04 -22.77 2.38
O7 NAG K . 37.24 -25.43 9.85
C1 MAN K . 26.50 -21.70 5.50
C2 MAN K . 25.96 -22.81 4.58
C3 MAN K . 26.98 -23.10 3.46
C4 MAN K . 27.30 -21.80 2.72
C5 MAN K . 27.82 -20.76 3.71
C6 MAN K . 28.12 -19.42 3.09
O2 MAN K . 24.71 -22.39 4.00
O3 MAN K . 26.45 -24.06 2.56
O4 MAN K . 28.28 -22.03 1.71
O5 MAN K . 26.84 -20.54 4.75
O6 MAN K . 28.89 -18.61 3.96
C1 NAG K . 23.56 -22.45 4.76
C2 NAG K . 22.43 -21.80 3.97
C3 NAG K . 21.13 -21.93 4.75
C4 NAG K . 20.86 -23.42 4.93
C5 NAG K . 22.01 -24.04 5.71
C6 NAG K . 21.85 -25.54 5.92
C7 NAG K . 23.26 -20.09 2.51
C8 NAG K . 23.98 -18.76 2.43
N2 NAG K . 22.75 -20.42 3.69
O3 NAG K . 20.08 -21.31 4.03
O4 NAG K . 19.62 -23.61 5.61
O5 NAG K . 23.26 -23.83 5.00
O6 NAG K . 21.04 -26.13 4.92
O7 NAG K . 23.15 -20.80 1.51
C1 MAN L . -5.26 24.03 -18.39
C2 MAN L . -3.99 24.56 -17.72
C3 MAN L . -2.81 23.62 -18.02
C4 MAN L . -3.16 22.17 -17.71
C5 MAN L . -4.53 21.75 -18.30
C6 MAN L . -4.98 20.38 -17.80
O1 MAN L . -5.09 23.99 -19.77
O2 MAN L . -4.17 24.67 -16.32
O3 MAN L . -1.69 24.03 -17.21
O4 MAN L . -2.14 21.34 -18.25
O5 MAN L . -5.55 22.70 -17.93
O6 MAN L . -4.86 20.34 -16.36
C1 MAN L . -0.72 24.81 -17.85
C2 MAN L . 0.42 25.11 -16.87
C3 MAN L . -0.03 26.12 -15.81
C4 MAN L . -0.56 27.38 -16.49
C5 MAN L . -1.71 26.99 -17.41
C6 MAN L . -2.25 28.18 -18.18
O2 MAN L . 1.54 25.65 -17.61
O3 MAN L . 1.04 26.47 -14.95
O4 MAN L . -1.01 28.28 -15.50
O5 MAN L . -1.25 26.03 -18.39
O6 MAN L . -3.44 27.84 -18.86
C1 NAG L . 2.25 24.80 -18.44
C2 NAG L . 2.91 25.65 -19.55
C3 NAG L . 4.00 24.88 -20.31
C4 NAG L . 4.93 24.17 -19.34
C5 NAG L . 4.07 23.29 -18.45
C6 NAG L . 4.83 22.34 -17.54
C7 NAG L . 1.61 27.34 -20.63
C8 NAG L . 0.32 27.72 -21.34
N2 NAG L . 1.87 26.05 -20.47
O3 NAG L . 4.74 25.78 -21.11
O4 NAG L . 5.87 23.38 -20.06
O5 NAG L . 3.23 24.13 -17.65
O6 NAG L . 5.35 23.00 -16.40
O7 NAG L . 2.38 28.22 -20.23
C1 MAN L . -5.47 19.23 -15.76
C2 MAN L . -5.56 19.48 -14.24
C3 MAN L . -4.15 19.51 -13.65
C4 MAN L . -3.45 18.19 -13.95
C5 MAN L . -3.41 17.96 -15.47
C6 MAN L . -2.83 16.63 -15.83
O2 MAN L . -6.32 18.42 -13.62
O3 MAN L . -4.19 19.72 -12.26
O4 MAN L . -2.13 18.23 -13.43
O5 MAN L . -4.76 18.01 -16.01
O6 MAN L . -2.71 16.49 -17.23
C1 NAG L . -7.67 18.37 -13.90
C2 NAG L . -8.17 16.94 -13.64
C3 NAG L . -9.70 16.85 -13.66
C4 NAG L . -10.33 17.93 -12.79
C5 NAG L . -9.77 19.30 -13.19
C6 NAG L . -10.31 20.42 -12.32
C7 NAG L . -6.63 15.25 -14.40
C8 NAG L . -6.19 14.32 -15.52
N2 NAG L . -7.64 16.06 -14.68
O3 NAG L . -10.10 15.57 -13.18
O4 NAG L . -11.73 17.92 -12.96
O5 NAG L . -8.33 19.30 -13.03
O6 NAG L . -9.78 20.36 -11.01
O7 NAG L . -6.06 15.21 -13.30
C1 MAN M . -21.74 6.02 -22.21
C2 MAN M . -22.67 4.90 -21.72
C3 MAN M . -23.66 5.45 -20.71
C4 MAN M . -22.93 6.16 -19.59
C5 MAN M . -21.99 7.25 -20.14
C6 MAN M . -21.13 7.85 -19.04
O1 MAN M . -22.50 6.97 -22.89
O2 MAN M . -21.90 3.86 -21.13
O3 MAN M . -24.41 4.37 -20.16
O4 MAN M . -23.86 6.74 -18.70
O5 MAN M . -21.08 6.66 -21.10
O6 MAN M . -20.54 6.78 -18.26
C1 MAN M . -25.71 4.23 -20.63
C2 MAN M . -26.42 3.13 -19.85
C3 MAN M . -25.79 1.78 -20.20
C4 MAN M . -25.88 1.54 -21.69
C5 MAN M . -25.18 2.69 -22.41
C6 MAN M . -25.31 2.56 -23.91
O2 MAN M . -27.80 3.13 -20.22
O3 MAN M . -26.47 0.74 -19.53
O4 MAN M . -25.28 0.32 -22.00
O5 MAN M . -25.76 3.95 -22.03
O6 MAN M . -24.97 3.79 -24.55
C1 NAG M . -28.66 4.04 -19.62
C2 NAG M . -29.87 4.21 -20.52
C3 NAG M . -31.00 4.96 -19.81
C4 NAG M . -31.29 4.34 -18.45
C5 NAG M . -30.01 4.26 -17.65
C6 NAG M . -30.19 3.58 -16.31
C7 NAG M . -29.45 4.34 -22.88
C8 NAG M . -28.80 5.08 -24.04
N2 NAG M . -29.47 4.94 -21.70
O3 NAG M . -32.18 4.93 -20.61
O4 NAG M . -32.23 5.16 -17.76
O5 NAG M . -29.02 3.49 -18.35
O6 NAG M . -29.11 3.88 -15.44
O7 NAG M . -29.92 3.22 -23.06
C1 MAN M . -19.53 7.20 -17.41
C2 MAN M . -18.77 5.98 -16.89
C3 MAN M . -19.73 5.11 -16.05
C4 MAN M . -20.31 5.95 -14.91
C5 MAN M . -20.96 7.23 -15.46
C6 MAN M . -21.38 8.19 -14.37
O2 MAN M . -17.65 6.38 -16.07
O3 MAN M . -19.04 3.99 -15.53
O4 MAN M . -21.29 5.18 -14.24
O5 MAN M . -20.04 7.96 -16.31
O6 MAN M . -22.20 9.22 -14.89
C1 NAG M . -16.50 6.79 -16.73
C2 NAG M . -15.56 7.49 -15.74
C3 NAG M . -14.21 7.80 -16.40
C4 NAG M . -13.65 6.57 -17.11
C5 NAG M . -14.70 5.96 -18.04
C6 NAG M . -14.22 4.68 -18.71
C7 NAG M . -16.89 8.75 -14.16
C8 NAG M . -17.72 10.00 -13.90
N2 NAG M . -16.19 8.72 -15.29
O3 NAG M . -13.28 8.23 -15.40
O4 NAG M . -12.51 6.94 -17.88
O5 NAG M . -15.88 5.63 -17.28
O6 NAG M . -13.93 3.67 -17.74
O7 NAG M . -16.88 7.84 -13.34
C1 MAN N . 10.81 -8.20 10.51
C2 MAN N . 9.43 -7.69 10.05
C3 MAN N . 8.36 -8.77 10.25
C4 MAN N . 8.80 -10.03 9.52
C5 MAN N . 10.16 -10.49 10.04
C6 MAN N . 10.62 -11.68 9.25
O1 MAN N . 10.80 -8.40 11.88
O2 MAN N . 9.49 -7.32 8.67
O3 MAN N . 7.11 -8.33 9.70
O4 MAN N . 7.83 -11.04 9.67
O5 MAN N . 11.15 -9.45 9.86
O6 MAN N . 10.42 -11.40 7.85
C1 MAN N . 6.09 -8.01 10.59
C2 MAN N . 4.81 -7.80 9.81
C3 MAN N . 5.01 -6.58 8.89
C4 MAN N . 5.37 -5.35 9.71
C5 MAN N . 6.60 -5.65 10.58
C6 MAN N . 6.87 -4.54 11.56
O2 MAN N . 3.72 -7.52 10.73
O3 MAN N . 3.84 -6.32 8.15
O4 MAN N . 5.64 -4.27 8.83
O5 MAN N . 6.40 -6.85 11.36
O6 MAN N . 8.07 -4.80 12.28
C1 NAG N . 3.03 -8.58 11.27
C2 NAG N . 2.34 -8.08 12.54
C3 NAG N . 1.34 -9.09 13.11
C4 NAG N . 0.42 -9.59 12.02
C5 NAG N . 1.23 -10.08 10.83
C6 NAG N . 0.36 -10.53 9.69
C7 NAG N . 3.36 -6.59 14.12
C8 NAG N . 4.40 -6.35 15.19
N2 NAG N . 3.35 -7.78 13.53
O3 NAG N . 0.56 -8.47 14.13
O4 NAG N . -0.38 -10.66 12.53
O5 NAG N . 2.05 -9.02 10.33
O6 NAG N . 1.15 -11.12 8.68
O7 NAG N . 2.54 -5.70 13.82
C1 MAN N . 11.14 -12.25 7.02
C2 MAN N . 11.05 -11.74 5.59
C3 MAN N . 9.59 -11.81 5.14
C4 MAN N . 9.12 -13.25 5.22
C5 MAN N . 9.30 -13.79 6.66
C6 MAN N . 9.02 -15.27 6.76
O2 MAN N . 11.83 -12.58 4.71
O3 MAN N . 9.48 -11.32 3.82
O4 MAN N . 7.75 -13.34 4.84
O5 MAN N . 10.67 -13.59 7.09
O6 MAN N . 7.64 -15.54 6.87
C1 NAG N . 13.21 -12.47 4.81
C2 NAG N . 13.85 -13.62 4.01
C3 NAG N . 15.37 -13.44 3.93
C4 NAG N . 15.71 -12.04 3.42
C5 NAG N . 15.02 -11.01 4.31
C6 NAG N . 15.29 -9.58 3.89
C7 NAG N . 12.45 -15.57 4.22
C8 NAG N . 12.31 -17.00 4.65
N2 NAG N . 13.52 -14.89 4.62
O3 NAG N . 15.92 -14.42 3.05
O4 NAG N . 17.11 -11.85 3.44
O5 NAG N . 13.59 -11.21 4.27
O6 NAG N . 15.12 -9.41 2.49
O7 NAG N . 11.57 -15.06 3.51
C1 MAN O . -16.44 2.37 23.32
C2 MAN O . -15.56 2.60 22.08
C3 MAN O . -14.36 3.48 22.45
C4 MAN O . -14.86 4.76 23.10
C5 MAN O . -15.76 4.45 24.31
C6 MAN O . -16.36 5.72 24.87
O1 MAN O . -15.72 1.69 24.29
O2 MAN O . -16.31 3.25 21.07
O3 MAN O . -13.63 3.82 21.25
O4 MAN O . -13.76 5.56 23.50
O5 MAN O . -16.87 3.61 23.88
O6 MAN O . -16.91 6.47 23.79
C1 MAN O . -12.42 3.16 21.07
C2 MAN O . -11.68 3.77 19.87
C3 MAN O . -12.50 3.51 18.61
C4 MAN O . -12.71 2.02 18.41
C5 MAN O . -13.35 1.41 19.67
C6 MAN O . -13.39 -0.10 19.60
O2 MAN O . -10.38 3.15 19.75
O3 MAN O . -11.82 4.03 17.48
O4 MAN O . -13.55 1.80 17.29
O5 MAN O . -12.59 1.76 20.85
O6 MAN O . -14.07 -0.64 20.73
C1 NAG O . -9.29 3.75 20.37
C2 NAG O . -8.14 2.75 20.42
C3 NAG O . -6.87 3.43 20.95
C4 NAG O . -6.58 4.73 20.22
C5 NAG O . -7.82 5.62 20.15
C6 NAG O . -7.61 6.81 19.24
C7 NAG O . -8.77 0.46 20.82
C8 NAG O . -9.37 -0.56 21.77
N2 NAG O . -8.51 1.66 21.30
O3 NAG O . -5.77 2.57 20.81
O4 NAG O . -5.53 5.40 20.89
O5 NAG O . -8.93 4.89 19.59
O6 NAG O . -8.30 7.96 19.71
O7 NAG O . -8.55 0.14 19.65
C1 MAN O . -17.71 7.54 24.20
C2 MAN O . -18.46 8.10 22.97
C3 MAN O . -17.49 8.83 22.03
C4 MAN O . -16.71 9.89 22.80
C5 MAN O . -15.99 9.26 24.00
C6 MAN O . -15.34 10.32 24.87
O2 MAN O . -19.48 9.02 23.40
O3 MAN O . -18.20 9.43 20.97
O4 MAN O . -15.77 10.50 21.93
O5 MAN O . -16.94 8.57 24.84
O6 MAN O . -14.62 9.73 25.94
C1 NAG O . -20.60 8.46 23.99
C2 NAG O . -21.32 9.51 24.82
C3 NAG O . -22.58 8.91 25.45
C4 NAG O . -23.43 8.20 24.41
C5 NAG O . -22.61 7.26 23.50
C6 NAG O . -23.43 6.76 22.32
C7 NAG O . -19.75 11.14 25.67
C8 NAG O . -18.62 11.42 26.65
N2 NAG O . -20.42 10.00 25.85
O3 NAG O . -23.34 9.93 26.07
O4 NAG O . -24.43 7.44 25.08
O5 NAG O . -21.46 7.96 22.95
O6 NAG O . -23.89 7.83 21.50
O7 NAG O . -20.00 11.94 24.76
CA CA P . 37.53 -37.42 6.74
CA CA Q . 34.19 -29.85 5.96
CA CA R . 39.35 -39.46 9.48
CA CA S . -9.63 -12.12 15.54
CA CA T . -1.44 -10.03 14.49
CA CA U . -12.77 -12.84 13.30
CA CA V . 2.90 35.64 -10.01
CA CA W . 0.60 28.32 -13.50
CA CA X . 3.25 39.61 -11.20
CA CA Y . -27.95 -9.08 -23.24
CA CA Z . -25.90 -1.44 -20.41
CA CA AA . -29.53 -10.54 -26.59
CA CA BA . 0.49 3.54 5.94
CA CA CA . 3.71 -3.94 7.24
CA CA DA . -0.15 6.71 8.05
CA CA EA . -41.88 5.43 -15.88
CA CA FA . -34.23 5.78 -19.34
CA CA GA . -43.59 3.77 -12.89
CA CA HA . 4.23 5.93 19.65
CA CA IA . -3.63 3.50 21.20
CA CA JA . 6.23 8.45 17.29
CA CA KA . -11.79 -0.43 7.72
CA CA LA . -12.78 3.14 15.22
CA CA MA . -10.99 -4.06 6.15
CA CA NA . 15.15 23.84 -22.98
CA CA OA . 7.01 24.89 -22.05
CA CA PA . 18.42 23.22 -21.06
CA CA QA . 49.08 -20.17 2.92
CA CA RA . 41.61 -21.62 6.60
CA CA SA . 50.80 -21.38 -0.83
#